data_1BHU
# 
_entry.id   1BHU 
# 
_audit_conform.dict_name       mmcif_pdbx.dic 
_audit_conform.dict_version    5.397 
_audit_conform.dict_location   http://mmcif.pdb.org/dictionaries/ascii/mmcif_pdbx.dic 
# 
loop_
_database_2.database_id 
_database_2.database_code 
_database_2.pdbx_database_accession 
_database_2.pdbx_DOI 
PDB   1BHU         pdb_00001bhu 10.2210/pdb1bhu/pdb 
WWPDB D_1000171775 ?            ?                   
# 
loop_
_pdbx_audit_revision_history.ordinal 
_pdbx_audit_revision_history.data_content_type 
_pdbx_audit_revision_history.major_revision 
_pdbx_audit_revision_history.minor_revision 
_pdbx_audit_revision_history.revision_date 
1 'Structure model' 1 0 1999-01-06 
2 'Structure model' 1 1 2008-03-24 
3 'Structure model' 1 2 2011-07-13 
4 'Structure model' 1 3 2022-02-16 
5 'Structure model' 1 4 2024-10-23 
# 
_pdbx_audit_revision_details.ordinal             1 
_pdbx_audit_revision_details.revision_ordinal    1 
_pdbx_audit_revision_details.data_content_type   'Structure model' 
_pdbx_audit_revision_details.provider            repository 
_pdbx_audit_revision_details.type                'Initial release' 
_pdbx_audit_revision_details.description         ? 
_pdbx_audit_revision_details.details             ? 
# 
loop_
_pdbx_audit_revision_group.ordinal 
_pdbx_audit_revision_group.revision_ordinal 
_pdbx_audit_revision_group.data_content_type 
_pdbx_audit_revision_group.group 
1 2 'Structure model' 'Version format compliance' 
2 3 'Structure model' 'Version format compliance' 
3 4 'Structure model' 'Database references'       
4 4 'Structure model' 'Derived calculations'      
5 4 'Structure model' Other                       
6 5 'Structure model' 'Data collection'           
7 5 'Structure model' 'Structure summary'         
# 
loop_
_pdbx_audit_revision_category.ordinal 
_pdbx_audit_revision_category.revision_ordinal 
_pdbx_audit_revision_category.data_content_type 
_pdbx_audit_revision_category.category 
1 4 'Structure model' database_2                
2 4 'Structure model' pdbx_database_status      
3 4 'Structure model' pdbx_struct_assembly      
4 4 'Structure model' pdbx_struct_oper_list     
5 5 'Structure model' chem_comp_atom            
6 5 'Structure model' chem_comp_bond            
7 5 'Structure model' pdbx_entry_details        
8 5 'Structure model' pdbx_modification_feature 
# 
loop_
_pdbx_audit_revision_item.ordinal 
_pdbx_audit_revision_item.revision_ordinal 
_pdbx_audit_revision_item.data_content_type 
_pdbx_audit_revision_item.item 
1 4 'Structure model' '_database_2.pdbx_DOI'                
2 4 'Structure model' '_database_2.pdbx_database_accession' 
3 4 'Structure model' '_pdbx_database_status.process_site'  
# 
_pdbx_database_status.status_code                     REL 
_pdbx_database_status.entry_id                        1BHU 
_pdbx_database_status.recvd_initial_deposition_date   1998-06-10 
_pdbx_database_status.deposit_site                    ? 
_pdbx_database_status.process_site                    BNL 
_pdbx_database_status.status_code_sf                  ? 
_pdbx_database_status.status_code_mr                  REL 
_pdbx_database_status.SG_entry                        ? 
_pdbx_database_status.pdb_format_compatible           Y 
_pdbx_database_status.status_code_cs                  ? 
_pdbx_database_status.status_code_nmr_data            ? 
_pdbx_database_status.methods_development_category    ? 
# 
loop_
_audit_author.name 
_audit_author.pdbx_ordinal 
'Tate, S.'     1 
'Ohno, A.'     2 
'Seeram, S.S.' 3 
'Hiraga, K.'   4 
'Oda, K.'      5 
'Kainosho, M.' 6 
# 
loop_
_citation.id 
_citation.title 
_citation.journal_abbrev 
_citation.journal_volume 
_citation.page_first 
_citation.page_last 
_citation.year 
_citation.journal_id_ASTM 
_citation.country 
_citation.journal_id_ISSN 
_citation.journal_id_CSD 
_citation.book_publisher 
_citation.pdbx_database_id_PubMed 
_citation.pdbx_database_id_DOI 
primary 
;NMR structure of the Streptomyces metalloproteinase inhibitor, SMPI, isolated from Streptomyces nigrescens TK-23: another example of an ancestral beta gamma-crystallin precursor structure.
;
J.Mol.Biol. 282 421 433 1998 JMOBAK UK 0022-2836 0070 ? 9735297 10.1006/jmbi.1998.2022 
1       
;Elucidation of the Mode of Interaction of Thermolysin with a Proteinaceous Metalloproteinase Inhibitor, Smpi, Based on a Model Complex Structure and a Structural Dynamics Analysis
;
J.Mol.Biol. 282 435 ?   1998 JMOBAK UK 0022-2836 0070 ? ?       ?                      
# 
loop_
_citation_author.citation_id 
_citation_author.name 
_citation_author.ordinal 
_citation_author.identifier_ORCID 
primary 'Ohno, A.'        1  ? 
primary 'Tate, S.'        2  ? 
primary 'Seeram, S.S.'    3  ? 
primary 'Hiraga, K.'      4  ? 
primary 'Swindells, M.B.' 5  ? 
primary 'Oda, K.'         6  ? 
primary 'Kainosho, M.'    7  ? 
1       'Tate, S.'        8  ? 
1       'Ohno, A.'        9  ? 
1       'Seeram, S.S.'    10 ? 
1       'Hiraga, K.'      11 ? 
1       'Oda, K.'         12 ? 
1       'Kainosho, M.'    13 ? 
# 
_entity.id                         1 
_entity.type                       polymer 
_entity.src_method                 man 
_entity.pdbx_description           'METALLOPROTEINASE INHIBITOR' 
_entity.formula_weight             10374.746 
_entity.pdbx_number_of_molecules   1 
_entity.pdbx_ec                    ? 
_entity.pdbx_mutation              ? 
_entity.pdbx_fragment              ? 
_entity.details                    ? 
# 
_entity_name_com.entity_id   1 
_entity_name_com.name        SMPI 
# 
_entity_poly.entity_id                      1 
_entity_poly.type                           'polypeptide(L)' 
_entity_poly.nstd_linkage                   no 
_entity_poly.nstd_monomer                   no 
_entity_poly.pdbx_seq_one_letter_code       
;APSCPAGSLCTYSGTGLSGARTVIPASDMEKAGTDGVKLPASARSFANGTHFTLRYGPARKVTCVRFPCYQYATVGKVAP
GAQLRSLPSPGATVTVGQDLGD
;
_entity_poly.pdbx_seq_one_letter_code_can   
;APSCPAGSLCTYSGTGLSGARTVIPASDMEKAGTDGVKLPASARSFANGTHFTLRYGPARKVTCVRFPCYQYATVGKVAP
GAQLRSLPSPGATVTVGQDLGD
;
_entity_poly.pdbx_strand_id                 A 
_entity_poly.pdbx_target_identifier         ? 
# 
loop_
_entity_poly_seq.entity_id 
_entity_poly_seq.num 
_entity_poly_seq.mon_id 
_entity_poly_seq.hetero 
1 1   ALA n 
1 2   PRO n 
1 3   SER n 
1 4   CYS n 
1 5   PRO n 
1 6   ALA n 
1 7   GLY n 
1 8   SER n 
1 9   LEU n 
1 10  CYS n 
1 11  THR n 
1 12  TYR n 
1 13  SER n 
1 14  GLY n 
1 15  THR n 
1 16  GLY n 
1 17  LEU n 
1 18  SER n 
1 19  GLY n 
1 20  ALA n 
1 21  ARG n 
1 22  THR n 
1 23  VAL n 
1 24  ILE n 
1 25  PRO n 
1 26  ALA n 
1 27  SER n 
1 28  ASP n 
1 29  MET n 
1 30  GLU n 
1 31  LYS n 
1 32  ALA n 
1 33  GLY n 
1 34  THR n 
1 35  ASP n 
1 36  GLY n 
1 37  VAL n 
1 38  LYS n 
1 39  LEU n 
1 40  PRO n 
1 41  ALA n 
1 42  SER n 
1 43  ALA n 
1 44  ARG n 
1 45  SER n 
1 46  PHE n 
1 47  ALA n 
1 48  ASN n 
1 49  GLY n 
1 50  THR n 
1 51  HIS n 
1 52  PHE n 
1 53  THR n 
1 54  LEU n 
1 55  ARG n 
1 56  TYR n 
1 57  GLY n 
1 58  PRO n 
1 59  ALA n 
1 60  ARG n 
1 61  LYS n 
1 62  VAL n 
1 63  THR n 
1 64  CYS n 
1 65  VAL n 
1 66  ARG n 
1 67  PHE n 
1 68  PRO n 
1 69  CYS n 
1 70  TYR n 
1 71  GLN n 
1 72  TYR n 
1 73  ALA n 
1 74  THR n 
1 75  VAL n 
1 76  GLY n 
1 77  LYS n 
1 78  VAL n 
1 79  ALA n 
1 80  PRO n 
1 81  GLY n 
1 82  ALA n 
1 83  GLN n 
1 84  LEU n 
1 85  ARG n 
1 86  SER n 
1 87  LEU n 
1 88  PRO n 
1 89  SER n 
1 90  PRO n 
1 91  GLY n 
1 92  ALA n 
1 93  THR n 
1 94  VAL n 
1 95  THR n 
1 96  VAL n 
1 97  GLY n 
1 98  GLN n 
1 99  ASP n 
1 100 LEU n 
1 101 GLY n 
1 102 ASP n 
# 
_entity_src_gen.entity_id                          1 
_entity_src_gen.pdbx_src_id                        1 
_entity_src_gen.pdbx_alt_source_flag               sample 
_entity_src_gen.pdbx_seq_type                      ? 
_entity_src_gen.pdbx_beg_seq_num                   ? 
_entity_src_gen.pdbx_end_seq_num                   ? 
_entity_src_gen.gene_src_common_name               ? 
_entity_src_gen.gene_src_genus                     Streptomyces 
_entity_src_gen.pdbx_gene_src_gene                 ? 
_entity_src_gen.gene_src_species                   ? 
_entity_src_gen.gene_src_strain                    TK-23 
_entity_src_gen.gene_src_tissue                    ? 
_entity_src_gen.gene_src_tissue_fraction           ? 
_entity_src_gen.gene_src_details                   ? 
_entity_src_gen.pdbx_gene_src_fragment             ? 
_entity_src_gen.pdbx_gene_src_scientific_name      'Streptomyces nigrescens' 
_entity_src_gen.pdbx_gene_src_ncbi_taxonomy_id     1920 
_entity_src_gen.pdbx_gene_src_variant              ? 
_entity_src_gen.pdbx_gene_src_cell_line            ? 
_entity_src_gen.pdbx_gene_src_atcc                 ? 
_entity_src_gen.pdbx_gene_src_organ                ? 
_entity_src_gen.pdbx_gene_src_organelle            ? 
_entity_src_gen.pdbx_gene_src_cell                 ? 
_entity_src_gen.pdbx_gene_src_cellular_location    ? 
_entity_src_gen.host_org_common_name               ? 
_entity_src_gen.pdbx_host_org_scientific_name      'Escherichia coli' 
_entity_src_gen.pdbx_host_org_ncbi_taxonomy_id     562 
_entity_src_gen.host_org_genus                     Escherichia 
_entity_src_gen.pdbx_host_org_gene                 ? 
_entity_src_gen.pdbx_host_org_organ                ? 
_entity_src_gen.host_org_species                   ? 
_entity_src_gen.pdbx_host_org_tissue               ? 
_entity_src_gen.pdbx_host_org_tissue_fraction      ? 
_entity_src_gen.pdbx_host_org_strain               ? 
_entity_src_gen.pdbx_host_org_variant              ? 
_entity_src_gen.pdbx_host_org_cell_line            ? 
_entity_src_gen.pdbx_host_org_atcc                 ? 
_entity_src_gen.pdbx_host_org_culture_collection   ? 
_entity_src_gen.pdbx_host_org_cell                 ? 
_entity_src_gen.pdbx_host_org_organelle            ? 
_entity_src_gen.pdbx_host_org_cellular_location    ? 
_entity_src_gen.pdbx_host_org_vector_type          ? 
_entity_src_gen.pdbx_host_org_vector               ? 
_entity_src_gen.host_org_details                   ? 
_entity_src_gen.expression_system_id               ? 
_entity_src_gen.plasmid_name                       ? 
_entity_src_gen.plasmid_details                    ? 
_entity_src_gen.pdbx_description                   ? 
# 
loop_
_chem_comp.id 
_chem_comp.type 
_chem_comp.mon_nstd_flag 
_chem_comp.name 
_chem_comp.pdbx_synonyms 
_chem_comp.formula 
_chem_comp.formula_weight 
ALA 'L-peptide linking' y ALANINE         ? 'C3 H7 N O2'     89.093  
ARG 'L-peptide linking' y ARGININE        ? 'C6 H15 N4 O2 1' 175.209 
ASN 'L-peptide linking' y ASPARAGINE      ? 'C4 H8 N2 O3'    132.118 
ASP 'L-peptide linking' y 'ASPARTIC ACID' ? 'C4 H7 N O4'     133.103 
CYS 'L-peptide linking' y CYSTEINE        ? 'C3 H7 N O2 S'   121.158 
GLN 'L-peptide linking' y GLUTAMINE       ? 'C5 H10 N2 O3'   146.144 
GLU 'L-peptide linking' y 'GLUTAMIC ACID' ? 'C5 H9 N O4'     147.129 
GLY 'peptide linking'   y GLYCINE         ? 'C2 H5 N O2'     75.067  
HIS 'L-peptide linking' y HISTIDINE       ? 'C6 H10 N3 O2 1' 156.162 
ILE 'L-peptide linking' y ISOLEUCINE      ? 'C6 H13 N O2'    131.173 
LEU 'L-peptide linking' y LEUCINE         ? 'C6 H13 N O2'    131.173 
LYS 'L-peptide linking' y LYSINE          ? 'C6 H15 N2 O2 1' 147.195 
MET 'L-peptide linking' y METHIONINE      ? 'C5 H11 N O2 S'  149.211 
PHE 'L-peptide linking' y PHENYLALANINE   ? 'C9 H11 N O2'    165.189 
PRO 'L-peptide linking' y PROLINE         ? 'C5 H9 N O2'     115.130 
SER 'L-peptide linking' y SERINE          ? 'C3 H7 N O3'     105.093 
THR 'L-peptide linking' y THREONINE       ? 'C4 H9 N O3'     119.119 
TYR 'L-peptide linking' y TYROSINE        ? 'C9 H11 N O3'    181.189 
VAL 'L-peptide linking' y VALINE          ? 'C5 H11 N O2'    117.146 
# 
loop_
_pdbx_poly_seq_scheme.asym_id 
_pdbx_poly_seq_scheme.entity_id 
_pdbx_poly_seq_scheme.seq_id 
_pdbx_poly_seq_scheme.mon_id 
_pdbx_poly_seq_scheme.ndb_seq_num 
_pdbx_poly_seq_scheme.pdb_seq_num 
_pdbx_poly_seq_scheme.auth_seq_num 
_pdbx_poly_seq_scheme.pdb_mon_id 
_pdbx_poly_seq_scheme.auth_mon_id 
_pdbx_poly_seq_scheme.pdb_strand_id 
_pdbx_poly_seq_scheme.pdb_ins_code 
_pdbx_poly_seq_scheme.hetero 
A 1 1   ALA 1   1   1   ALA ALA A . n 
A 1 2   PRO 2   2   2   PRO PRO A . n 
A 1 3   SER 3   3   3   SER SER A . n 
A 1 4   CYS 4   4   4   CYS CYS A . n 
A 1 5   PRO 5   5   5   PRO PRO A . n 
A 1 6   ALA 6   6   6   ALA ALA A . n 
A 1 7   GLY 7   7   7   GLY GLY A . n 
A 1 8   SER 8   8   8   SER SER A . n 
A 1 9   LEU 9   9   9   LEU LEU A . n 
A 1 10  CYS 10  10  10  CYS CYS A . n 
A 1 11  THR 11  11  11  THR THR A . n 
A 1 12  TYR 12  12  12  TYR TYR A . n 
A 1 13  SER 13  13  13  SER SER A . n 
A 1 14  GLY 14  14  14  GLY GLY A . n 
A 1 15  THR 15  15  15  THR THR A . n 
A 1 16  GLY 16  16  16  GLY GLY A . n 
A 1 17  LEU 17  17  17  LEU LEU A . n 
A 1 18  SER 18  18  18  SER SER A . n 
A 1 19  GLY 19  19  19  GLY GLY A . n 
A 1 20  ALA 20  20  20  ALA ALA A . n 
A 1 21  ARG 21  21  21  ARG ARG A . n 
A 1 22  THR 22  22  22  THR THR A . n 
A 1 23  VAL 23  23  23  VAL VAL A . n 
A 1 24  ILE 24  24  24  ILE ILE A . n 
A 1 25  PRO 25  25  25  PRO PRO A . n 
A 1 26  ALA 26  26  26  ALA ALA A . n 
A 1 27  SER 27  27  27  SER SER A . n 
A 1 28  ASP 28  28  28  ASP ASP A . n 
A 1 29  MET 29  29  29  MET MET A . n 
A 1 30  GLU 30  30  30  GLU GLU A . n 
A 1 31  LYS 31  31  31  LYS LYS A . n 
A 1 32  ALA 32  32  32  ALA ALA A . n 
A 1 33  GLY 33  33  33  GLY GLY A . n 
A 1 34  THR 34  34  34  THR THR A . n 
A 1 35  ASP 35  35  35  ASP ASP A . n 
A 1 36  GLY 36  36  36  GLY GLY A . n 
A 1 37  VAL 37  37  37  VAL VAL A . n 
A 1 38  LYS 38  38  38  LYS LYS A . n 
A 1 39  LEU 39  39  39  LEU LEU A . n 
A 1 40  PRO 40  40  40  PRO PRO A . n 
A 1 41  ALA 41  41  41  ALA ALA A . n 
A 1 42  SER 42  42  42  SER SER A . n 
A 1 43  ALA 43  43  43  ALA ALA A . n 
A 1 44  ARG 44  44  44  ARG ARG A . n 
A 1 45  SER 45  45  45  SER SER A . n 
A 1 46  PHE 46  46  46  PHE PHE A . n 
A 1 47  ALA 47  47  47  ALA ALA A . n 
A 1 48  ASN 48  48  48  ASN ASN A . n 
A 1 49  GLY 49  49  49  GLY GLY A . n 
A 1 50  THR 50  50  50  THR THR A . n 
A 1 51  HIS 51  51  51  HIS HIS A . n 
A 1 52  PHE 52  52  52  PHE PHE A . n 
A 1 53  THR 53  53  53  THR THR A . n 
A 1 54  LEU 54  54  54  LEU LEU A . n 
A 1 55  ARG 55  55  55  ARG ARG A . n 
A 1 56  TYR 56  56  56  TYR TYR A . n 
A 1 57  GLY 57  57  57  GLY GLY A . n 
A 1 58  PRO 58  58  58  PRO PRO A . n 
A 1 59  ALA 59  59  59  ALA ALA A . n 
A 1 60  ARG 60  60  60  ARG ARG A . n 
A 1 61  LYS 61  61  61  LYS LYS A . n 
A 1 62  VAL 62  62  62  VAL VAL A . n 
A 1 63  THR 63  63  63  THR THR A . n 
A 1 64  CYS 64  64  64  CYS CYS A . n 
A 1 65  VAL 65  65  65  VAL VAL A . n 
A 1 66  ARG 66  66  66  ARG ARG A . n 
A 1 67  PHE 67  67  67  PHE PHE A . n 
A 1 68  PRO 68  68  68  PRO PRO A . n 
A 1 69  CYS 69  69  69  CYS CYS A . n 
A 1 70  TYR 70  70  70  TYR TYR A . n 
A 1 71  GLN 71  71  71  GLN GLN A . n 
A 1 72  TYR 72  72  72  TYR TYR A . n 
A 1 73  ALA 73  73  73  ALA ALA A . n 
A 1 74  THR 74  74  74  THR THR A . n 
A 1 75  VAL 75  75  75  VAL VAL A . n 
A 1 76  GLY 76  76  76  GLY GLY A . n 
A 1 77  LYS 77  77  77  LYS LYS A . n 
A 1 78  VAL 78  78  78  VAL VAL A . n 
A 1 79  ALA 79  79  79  ALA ALA A . n 
A 1 80  PRO 80  80  80  PRO PRO A . n 
A 1 81  GLY 81  81  81  GLY GLY A . n 
A 1 82  ALA 82  82  82  ALA ALA A . n 
A 1 83  GLN 83  83  83  GLN GLN A . n 
A 1 84  LEU 84  84  84  LEU LEU A . n 
A 1 85  ARG 85  85  85  ARG ARG A . n 
A 1 86  SER 86  86  86  SER SER A . n 
A 1 87  LEU 87  87  87  LEU LEU A . n 
A 1 88  PRO 88  88  88  PRO PRO A . n 
A 1 89  SER 89  89  89  SER SER A . n 
A 1 90  PRO 90  90  90  PRO PRO A . n 
A 1 91  GLY 91  91  91  GLY GLY A . n 
A 1 92  ALA 92  92  92  ALA ALA A . n 
A 1 93  THR 93  93  93  THR THR A . n 
A 1 94  VAL 94  94  94  VAL VAL A . n 
A 1 95  THR 95  95  95  THR THR A . n 
A 1 96  VAL 96  96  96  VAL VAL A . n 
A 1 97  GLY 97  97  97  GLY GLY A . n 
A 1 98  GLN 98  98  98  GLN GLN A . n 
A 1 99  ASP 99  99  99  ASP ASP A . n 
A 1 100 LEU 100 100 100 LEU LEU A . n 
A 1 101 GLY 101 101 101 GLY GLY A . n 
A 1 102 ASP 102 102 102 ASP ASP A . n 
# 
loop_
_software.name 
_software.classification 
_software.version 
_software.citation_id 
_software.pdbx_ordinal 
X-PLOR 'model building' 3.8 ? 1 
X-PLOR refinement       3.8 ? 2 
X-PLOR phasing          3.8 ? 3 
# 
_cell.entry_id           1BHU 
_cell.length_a           1.000 
_cell.length_b           1.000 
_cell.length_c           1.000 
_cell.angle_alpha        90.00 
_cell.angle_beta         90.00 
_cell.angle_gamma        90.00 
_cell.Z_PDB              1 
_cell.pdbx_unique_axis   ? 
# 
_symmetry.entry_id                         1BHU 
_symmetry.space_group_name_H-M             'P 1' 
_symmetry.pdbx_full_space_group_name_H-M   ? 
_symmetry.cell_setting                     ? 
_symmetry.Int_Tables_number                1 
# 
_exptl.entry_id          1BHU 
_exptl.method            'SOLUTION NMR' 
_exptl.crystals_number   ? 
# 
_struct.entry_id                  1BHU 
_struct.title                     
;THE 3D STRUCTURE OF THE STREPTOMYCES METALLOPROTEINASE INHIBITOR, SMPI, ISOLATED FROM STREPTOMYCES NIGRESCENS TK-23, NMR, MINIMIZED AVERAGE STRUCTURE
;
_struct.pdbx_model_details        ? 
_struct.pdbx_CASP_flag            ? 
_struct.pdbx_model_type_details   ? 
# 
_struct_keywords.entry_id        1BHU 
_struct_keywords.pdbx_keywords   'METALLOPROTEINASE INHIBITOR' 
_struct_keywords.text            'METALLOPROTEINASE INHIBITOR' 
# 
_struct_asym.id                            A 
_struct_asym.pdbx_blank_PDB_chainid_flag   Y 
_struct_asym.pdbx_modified                 N 
_struct_asym.entity_id                     1 
_struct_asym.details                       ? 
# 
_struct_ref.id                         1 
_struct_ref.db_name                    UNP 
_struct_ref.db_code                    IMEP_STRNI 
_struct_ref.entity_id                  1 
_struct_ref.pdbx_db_accession          P01077 
_struct_ref.pdbx_align_begin           1 
_struct_ref.pdbx_seq_one_letter_code   
;MVRKRALGLAGSALTLVLGAVGFTAPAQAAPSCPAGSLCTYSGTGLSGARTVIPASDMEKAGTDGVKLPASARSFANGTH
FTLRYGPARKVTCVRFPCYQYATVGKVAPGAQLRSLPSPGATVTVGQDLGD
;
_struct_ref.pdbx_db_isoform            ? 
# 
_struct_ref_seq.align_id                      1 
_struct_ref_seq.ref_id                        1 
_struct_ref_seq.pdbx_PDB_id_code              1BHU 
_struct_ref_seq.pdbx_strand_id                A 
_struct_ref_seq.seq_align_beg                 1 
_struct_ref_seq.pdbx_seq_align_beg_ins_code   ? 
_struct_ref_seq.seq_align_end                 102 
_struct_ref_seq.pdbx_seq_align_end_ins_code   ? 
_struct_ref_seq.pdbx_db_accession             P01077 
_struct_ref_seq.db_align_beg                  30 
_struct_ref_seq.pdbx_db_align_beg_ins_code    ? 
_struct_ref_seq.db_align_end                  131 
_struct_ref_seq.pdbx_db_align_end_ins_code    ? 
_struct_ref_seq.pdbx_auth_seq_align_beg       1 
_struct_ref_seq.pdbx_auth_seq_align_end       102 
# 
_pdbx_struct_assembly.id                   1 
_pdbx_struct_assembly.details              author_defined_assembly 
_pdbx_struct_assembly.method_details       ? 
_pdbx_struct_assembly.oligomeric_details   monomeric 
_pdbx_struct_assembly.oligomeric_count     1 
# 
_pdbx_struct_assembly_gen.assembly_id       1 
_pdbx_struct_assembly_gen.oper_expression   1 
_pdbx_struct_assembly_gen.asym_id_list      A 
# 
_pdbx_struct_oper_list.id                   1 
_pdbx_struct_oper_list.type                 'identity operation' 
_pdbx_struct_oper_list.name                 1_555 
_pdbx_struct_oper_list.symmetry_operation   x,y,z 
_pdbx_struct_oper_list.matrix[1][1]         1.0000000000 
_pdbx_struct_oper_list.matrix[1][2]         0.0000000000 
_pdbx_struct_oper_list.matrix[1][3]         0.0000000000 
_pdbx_struct_oper_list.vector[1]            0.0000000000 
_pdbx_struct_oper_list.matrix[2][1]         0.0000000000 
_pdbx_struct_oper_list.matrix[2][2]         1.0000000000 
_pdbx_struct_oper_list.matrix[2][3]         0.0000000000 
_pdbx_struct_oper_list.vector[2]            0.0000000000 
_pdbx_struct_oper_list.matrix[3][1]         0.0000000000 
_pdbx_struct_oper_list.matrix[3][2]         0.0000000000 
_pdbx_struct_oper_list.matrix[3][3]         1.0000000000 
_pdbx_struct_oper_list.vector[3]            0.0000000000 
# 
_struct_biol.id   1 
# 
_struct_conf.conf_type_id            HELX_P 
_struct_conf.id                      HELX_P1 
_struct_conf.pdbx_PDB_helix_id       H1 
_struct_conf.beg_label_comp_id       ALA 
_struct_conf.beg_label_asym_id       A 
_struct_conf.beg_label_seq_id        26 
_struct_conf.pdbx_beg_PDB_ins_code   ? 
_struct_conf.end_label_comp_id       ALA 
_struct_conf.end_label_asym_id       A 
_struct_conf.end_label_seq_id        32 
_struct_conf.pdbx_end_PDB_ins_code   ? 
_struct_conf.beg_auth_comp_id        ALA 
_struct_conf.beg_auth_asym_id        A 
_struct_conf.beg_auth_seq_id         26 
_struct_conf.end_auth_comp_id        ALA 
_struct_conf.end_auth_asym_id        A 
_struct_conf.end_auth_seq_id         32 
_struct_conf.pdbx_PDB_helix_class    1 
_struct_conf.details                 ? 
_struct_conf.pdbx_PDB_helix_length   7 
# 
_struct_conf_type.id          HELX_P 
_struct_conf_type.criteria    ? 
_struct_conf_type.reference   ? 
# 
loop_
_struct_conn.id 
_struct_conn.conn_type_id 
_struct_conn.pdbx_leaving_atom_flag 
_struct_conn.pdbx_PDB_id 
_struct_conn.ptnr1_label_asym_id 
_struct_conn.ptnr1_label_comp_id 
_struct_conn.ptnr1_label_seq_id 
_struct_conn.ptnr1_label_atom_id 
_struct_conn.pdbx_ptnr1_label_alt_id 
_struct_conn.pdbx_ptnr1_PDB_ins_code 
_struct_conn.pdbx_ptnr1_standard_comp_id 
_struct_conn.ptnr1_symmetry 
_struct_conn.ptnr2_label_asym_id 
_struct_conn.ptnr2_label_comp_id 
_struct_conn.ptnr2_label_seq_id 
_struct_conn.ptnr2_label_atom_id 
_struct_conn.pdbx_ptnr2_label_alt_id 
_struct_conn.pdbx_ptnr2_PDB_ins_code 
_struct_conn.ptnr1_auth_asym_id 
_struct_conn.ptnr1_auth_comp_id 
_struct_conn.ptnr1_auth_seq_id 
_struct_conn.ptnr2_auth_asym_id 
_struct_conn.ptnr2_auth_comp_id 
_struct_conn.ptnr2_auth_seq_id 
_struct_conn.ptnr2_symmetry 
_struct_conn.pdbx_ptnr3_label_atom_id 
_struct_conn.pdbx_ptnr3_label_seq_id 
_struct_conn.pdbx_ptnr3_label_comp_id 
_struct_conn.pdbx_ptnr3_label_asym_id 
_struct_conn.pdbx_ptnr3_label_alt_id 
_struct_conn.pdbx_ptnr3_PDB_ins_code 
_struct_conn.details 
_struct_conn.pdbx_dist_value 
_struct_conn.pdbx_value_order 
_struct_conn.pdbx_role 
disulf1 disulf ? ? A CYS 4  SG ? ? ? 1_555 A CYS 10 SG ? ? A CYS 4  A CYS 10 1_555 ? ? ? ? ? ? ? 2.478 ? ? 
disulf2 disulf ? ? A CYS 64 SG ? ? ? 1_555 A CYS 69 SG ? ? A CYS 64 A CYS 69 1_555 ? ? ? ? ? ? ? 2.532 ? ? 
# 
_struct_conn_type.id          disulf 
_struct_conn_type.criteria    ? 
_struct_conn_type.reference   ? 
# 
loop_
_pdbx_modification_feature.ordinal 
_pdbx_modification_feature.label_comp_id 
_pdbx_modification_feature.label_asym_id 
_pdbx_modification_feature.label_seq_id 
_pdbx_modification_feature.label_alt_id 
_pdbx_modification_feature.modified_residue_label_comp_id 
_pdbx_modification_feature.modified_residue_label_asym_id 
_pdbx_modification_feature.modified_residue_label_seq_id 
_pdbx_modification_feature.modified_residue_label_alt_id 
_pdbx_modification_feature.auth_comp_id 
_pdbx_modification_feature.auth_asym_id 
_pdbx_modification_feature.auth_seq_id 
_pdbx_modification_feature.PDB_ins_code 
_pdbx_modification_feature.symmetry 
_pdbx_modification_feature.modified_residue_auth_comp_id 
_pdbx_modification_feature.modified_residue_auth_asym_id 
_pdbx_modification_feature.modified_residue_auth_seq_id 
_pdbx_modification_feature.modified_residue_PDB_ins_code 
_pdbx_modification_feature.modified_residue_symmetry 
_pdbx_modification_feature.comp_id_linking_atom 
_pdbx_modification_feature.modified_residue_id_linking_atom 
_pdbx_modification_feature.modified_residue_id 
_pdbx_modification_feature.ref_pcm_id 
_pdbx_modification_feature.ref_comp_id 
_pdbx_modification_feature.type 
_pdbx_modification_feature.category 
1 CYS A 4  ? CYS A 10 ? CYS A 4  ? 1_555 CYS A 10 ? 1_555 SG SG . . . None 'Disulfide bridge' 
2 CYS A 64 ? CYS A 69 ? CYS A 64 ? 1_555 CYS A 69 ? 1_555 SG SG . . . None 'Disulfide bridge' 
# 
loop_
_struct_sheet.id 
_struct_sheet.type 
_struct_sheet.number_strands 
_struct_sheet.details 
S1 ? 4 ? 
S2 ? 4 ? 
S3 ? 2 ? 
# 
loop_
_struct_sheet_order.sheet_id 
_struct_sheet_order.range_id_1 
_struct_sheet_order.range_id_2 
_struct_sheet_order.offset 
_struct_sheet_order.sense 
S1 1 2 ? anti-parallel 
S1 2 3 ? anti-parallel 
S1 3 4 ? anti-parallel 
S2 1 2 ? anti-parallel 
S2 2 3 ? anti-parallel 
S2 3 4 ? anti-parallel 
S3 1 2 ? anti-parallel 
# 
loop_
_struct_sheet_range.sheet_id 
_struct_sheet_range.id 
_struct_sheet_range.beg_label_comp_id 
_struct_sheet_range.beg_label_asym_id 
_struct_sheet_range.beg_label_seq_id 
_struct_sheet_range.pdbx_beg_PDB_ins_code 
_struct_sheet_range.end_label_comp_id 
_struct_sheet_range.end_label_asym_id 
_struct_sheet_range.end_label_seq_id 
_struct_sheet_range.pdbx_end_PDB_ins_code 
_struct_sheet_range.beg_auth_comp_id 
_struct_sheet_range.beg_auth_asym_id 
_struct_sheet_range.beg_auth_seq_id 
_struct_sheet_range.end_auth_comp_id 
_struct_sheet_range.end_auth_asym_id 
_struct_sheet_range.end_auth_seq_id 
S1 1 ALA A 20 ? ILE A 24 ? ALA A 20 ILE A 24 
S1 2 LEU A 9  ? SER A 13 ? LEU A 9  SER A 13 
S1 3 SER A 45 ? GLY A 49 ? SER A 45 GLY A 49 
S1 4 SER A 86 ? SER A 89 ? SER A 86 SER A 89 
S2 1 THR A 34 ? LEU A 39 ? THR A 34 LEU A 39 
S2 2 VAL A 94 ? ASP A 99 ? VAL A 94 ASP A 99 
S2 3 THR A 53 ? GLY A 57 ? THR A 53 GLY A 57 
S2 4 LYS A 77 ? ALA A 79 ? LYS A 77 ALA A 79 
S3 1 ALA A 59 ? ARG A 60 ? ALA A 59 ARG A 60 
S3 2 GLN A 71 ? TYR A 72 ? GLN A 71 TYR A 72 
# 
loop_
_pdbx_struct_sheet_hbond.sheet_id 
_pdbx_struct_sheet_hbond.range_id_1 
_pdbx_struct_sheet_hbond.range_id_2 
_pdbx_struct_sheet_hbond.range_1_label_atom_id 
_pdbx_struct_sheet_hbond.range_1_label_comp_id 
_pdbx_struct_sheet_hbond.range_1_label_asym_id 
_pdbx_struct_sheet_hbond.range_1_label_seq_id 
_pdbx_struct_sheet_hbond.range_1_PDB_ins_code 
_pdbx_struct_sheet_hbond.range_1_auth_atom_id 
_pdbx_struct_sheet_hbond.range_1_auth_comp_id 
_pdbx_struct_sheet_hbond.range_1_auth_asym_id 
_pdbx_struct_sheet_hbond.range_1_auth_seq_id 
_pdbx_struct_sheet_hbond.range_2_label_atom_id 
_pdbx_struct_sheet_hbond.range_2_label_comp_id 
_pdbx_struct_sheet_hbond.range_2_label_asym_id 
_pdbx_struct_sheet_hbond.range_2_label_seq_id 
_pdbx_struct_sheet_hbond.range_2_PDB_ins_code 
_pdbx_struct_sheet_hbond.range_2_auth_atom_id 
_pdbx_struct_sheet_hbond.range_2_auth_comp_id 
_pdbx_struct_sheet_hbond.range_2_auth_asym_id 
_pdbx_struct_sheet_hbond.range_2_auth_seq_id 
S1 1 2 N THR A 22 ? N THR A 22 O THR A 11 ? O THR A 11 
S1 2 3 N TYR A 12 ? N TYR A 12 O SER A 45 ? O SER A 45 
S1 3 4 O ASN A 48 ? O ASN A 48 N LEU A 87 ? N LEU A 87 
S2 1 2 O VAL A 37 ? O VAL A 37 N VAL A 96 ? N VAL A 96 
S2 2 3 O ASP A 99 ? O ASP A 99 N THR A 53 ? N THR A 53 
S2 3 4 N LEU A 54 ? N LEU A 54 O VAL A 78 ? O VAL A 78 
S3 1 2 N ARG A 60 ? N ARG A 60 O GLN A 71 ? O GLN A 71 
# 
_pdbx_entry_details.entry_id                   1BHU 
_pdbx_entry_details.compound_details           ? 
_pdbx_entry_details.source_details             ? 
_pdbx_entry_details.nonpolymer_details         ? 
_pdbx_entry_details.sequence_details           ? 
_pdbx_entry_details.has_ligand_of_interest     ? 
_pdbx_entry_details.has_protein_modification   Y 
# 
loop_
_pdbx_validate_close_contact.id 
_pdbx_validate_close_contact.PDB_model_num 
_pdbx_validate_close_contact.auth_atom_id_1 
_pdbx_validate_close_contact.auth_asym_id_1 
_pdbx_validate_close_contact.auth_comp_id_1 
_pdbx_validate_close_contact.auth_seq_id_1 
_pdbx_validate_close_contact.PDB_ins_code_1 
_pdbx_validate_close_contact.label_alt_id_1 
_pdbx_validate_close_contact.auth_atom_id_2 
_pdbx_validate_close_contact.auth_asym_id_2 
_pdbx_validate_close_contact.auth_comp_id_2 
_pdbx_validate_close_contact.auth_seq_id_2 
_pdbx_validate_close_contact.PDB_ins_code_2 
_pdbx_validate_close_contact.label_alt_id_2 
_pdbx_validate_close_contact.dist 
1 1 OG1 A THR 11 ? ? HG1 A THR 22 ? ? 1.41 
2 1 O   A ALA 73 ? ? HG1 A THR 74 ? ? 1.45 
3 1 H   A ASN 48 ? ? O   A LEU 87 ? ? 1.48 
4 1 O   A THR 11 ? ? H   A THR 22 ? ? 1.49 
5 1 O   A MET 29 ? ? H   A GLY 33 ? ? 1.49 
6 1 HG  A SER 45 ? ? O   A SER 89 ? ? 1.51 
7 1 O   A PHE 46 ? ? H   A SER 89 ? ? 1.59 
8 1 O   A TYR 56 ? ? H   A VAL 75 ? ? 1.60 
# 
loop_
_pdbx_validate_torsion.id 
_pdbx_validate_torsion.PDB_model_num 
_pdbx_validate_torsion.auth_comp_id 
_pdbx_validate_torsion.auth_asym_id 
_pdbx_validate_torsion.auth_seq_id 
_pdbx_validate_torsion.PDB_ins_code 
_pdbx_validate_torsion.label_alt_id 
_pdbx_validate_torsion.phi 
_pdbx_validate_torsion.psi 
1  1 PRO A 5   ? ? -81.28  -111.08 
2  1 ALA A 6   ? ? -176.64 139.10  
3  1 SER A 13  ? ? -112.52 66.97   
4  1 THR A 15  ? ? 39.70   104.98  
5  1 SER A 18  ? ? -98.65  -155.01 
6  1 ALA A 26  ? ? 35.10   68.92   
7  1 SER A 27  ? ? -164.00 -52.93  
8  1 ASP A 35  ? ? 32.77   48.40   
9  1 VAL A 37  ? ? -162.55 -158.28 
10 1 PRO A 40  ? ? -71.97  -166.37 
11 1 ALA A 41  ? ? -148.59 -42.10  
12 1 SER A 42  ? ? -54.56  102.81  
13 1 ARG A 44  ? ? -177.99 59.22   
14 1 SER A 45  ? ? -116.08 -145.57 
15 1 PHE A 46  ? ? 171.47  173.84  
16 1 THR A 50  ? ? 174.14  -168.40 
17 1 HIS A 51  ? ? -99.35  30.07   
18 1 PHE A 52  ? ? -16.94  62.58   
19 1 THR A 53  ? ? -18.65  82.73   
20 1 ARG A 60  ? ? -147.73 39.33   
21 1 ARG A 66  ? ? -165.75 32.45   
22 1 PHE A 67  ? ? 113.28  -44.90  
23 1 PRO A 68  ? ? -67.46  58.03   
24 1 GLN A 71  ? ? 34.30   25.30   
25 1 TYR A 72  ? ? -169.24 -161.33 
26 1 ALA A 73  ? ? -141.29 21.85   
27 1 THR A 74  ? ? 61.92   114.55  
28 1 ALA A 79  ? ? -50.82  -77.91  
29 1 GLN A 83  ? ? 169.62  -66.49  
30 1 ARG A 85  ? ? -77.71  41.48   
31 1 SER A 86  ? ? -164.57 81.41   
32 1 PRO A 90  ? ? -100.33 -157.75 
33 1 ALA A 92  ? ? 77.92   100.28  
34 1 THR A 93  ? ? 51.08   19.89   
35 1 LEU A 100 ? ? -119.88 50.08   
# 
loop_
_pdbx_validate_planes.id 
_pdbx_validate_planes.PDB_model_num 
_pdbx_validate_planes.auth_comp_id 
_pdbx_validate_planes.auth_asym_id 
_pdbx_validate_planes.auth_seq_id 
_pdbx_validate_planes.PDB_ins_code 
_pdbx_validate_planes.label_alt_id 
_pdbx_validate_planes.rmsd 
_pdbx_validate_planes.type 
1 1 ARG A 21 ? ? 0.304 'SIDE CHAIN' 
2 1 ARG A 44 ? ? 0.302 'SIDE CHAIN' 
3 1 ARG A 55 ? ? 0.308 'SIDE CHAIN' 
4 1 ARG A 60 ? ? 0.315 'SIDE CHAIN' 
5 1 ARG A 66 ? ? 0.316 'SIDE CHAIN' 
6 1 ARG A 85 ? ? 0.301 'SIDE CHAIN' 
# 
_pdbx_nmr_ensemble.entry_id                             1BHU 
_pdbx_nmr_ensemble.conformers_calculated_total_number   60 
_pdbx_nmr_ensemble.conformers_submitted_total_number    1 
_pdbx_nmr_ensemble.conformer_selection_criteria         'LEAST VIOLATION' 
# 
_pdbx_nmr_representative.entry_id             1BHU 
_pdbx_nmr_representative.conformer_id         1 
_pdbx_nmr_representative.selection_criteria   ? 
# 
_pdbx_nmr_sample_details.solution_id   1 
_pdbx_nmr_sample_details.contents      WATER 
# 
_pdbx_nmr_exptl_sample_conditions.conditions_id       1 
_pdbx_nmr_exptl_sample_conditions.temperature         310 
_pdbx_nmr_exptl_sample_conditions.pressure            1 
_pdbx_nmr_exptl_sample_conditions.pH                  3.3 
_pdbx_nmr_exptl_sample_conditions.ionic_strength      'NO SALT' 
_pdbx_nmr_exptl_sample_conditions.pressure_units      atm 
_pdbx_nmr_exptl_sample_conditions.temperature_units   K 
# 
_pdbx_nmr_exptl.experiment_id   1 
_pdbx_nmr_exptl.conditions_id   1 
_pdbx_nmr_exptl.type            'HETERONUCLEAR MULTI-DIMENSIONAL EXPERIMENT' 
_pdbx_nmr_exptl.solution_id     1 
# 
_pdbx_nmr_details.entry_id   1BHU 
_pdbx_nmr_details.text       
'THE STRUCTURE WAS DETEMINED ON THE BASIS OF THE HETERO-NUCLEAR MUTLIDIMENSIONAL NMR TECHNIQUES USING 13C, 15N ENRICHED PROTEINS.' 
# 
_pdbx_nmr_refine.entry_id           1BHU 
_pdbx_nmr_refine.method             'simulated annealing' 
_pdbx_nmr_refine.details            'REFINEMENT DETAILS CAN BE FOUND IN THE JRNL CITATION ABOVE.' 
_pdbx_nmr_refine.software_ordinal   1 
# 
loop_
_pdbx_nmr_software.classification 
_pdbx_nmr_software.name 
_pdbx_nmr_software.version 
_pdbx_nmr_software.authors 
_pdbx_nmr_software.ordinal 
refinement           X-PLOR 3.8 BRUNGER 1 
'structure solution' X-PLOR 3.8 ?       2 
# 
loop_
_chem_comp_atom.comp_id 
_chem_comp_atom.atom_id 
_chem_comp_atom.type_symbol 
_chem_comp_atom.pdbx_aromatic_flag 
_chem_comp_atom.pdbx_stereo_config 
_chem_comp_atom.pdbx_ordinal 
ALA N    N N N 1   
ALA CA   C N S 2   
ALA C    C N N 3   
ALA O    O N N 4   
ALA CB   C N N 5   
ALA OXT  O N N 6   
ALA H    H N N 7   
ALA H2   H N N 8   
ALA HA   H N N 9   
ALA HB1  H N N 10  
ALA HB2  H N N 11  
ALA HB3  H N N 12  
ALA HXT  H N N 13  
ARG N    N N N 14  
ARG CA   C N S 15  
ARG C    C N N 16  
ARG O    O N N 17  
ARG CB   C N N 18  
ARG CG   C N N 19  
ARG CD   C N N 20  
ARG NE   N N N 21  
ARG CZ   C N N 22  
ARG NH1  N N N 23  
ARG NH2  N N N 24  
ARG OXT  O N N 25  
ARG H    H N N 26  
ARG H2   H N N 27  
ARG HA   H N N 28  
ARG HB2  H N N 29  
ARG HB3  H N N 30  
ARG HG2  H N N 31  
ARG HG3  H N N 32  
ARG HD2  H N N 33  
ARG HD3  H N N 34  
ARG HE   H N N 35  
ARG HH11 H N N 36  
ARG HH12 H N N 37  
ARG HH21 H N N 38  
ARG HH22 H N N 39  
ARG HXT  H N N 40  
ASN N    N N N 41  
ASN CA   C N S 42  
ASN C    C N N 43  
ASN O    O N N 44  
ASN CB   C N N 45  
ASN CG   C N N 46  
ASN OD1  O N N 47  
ASN ND2  N N N 48  
ASN OXT  O N N 49  
ASN H    H N N 50  
ASN H2   H N N 51  
ASN HA   H N N 52  
ASN HB2  H N N 53  
ASN HB3  H N N 54  
ASN HD21 H N N 55  
ASN HD22 H N N 56  
ASN HXT  H N N 57  
ASP N    N N N 58  
ASP CA   C N S 59  
ASP C    C N N 60  
ASP O    O N N 61  
ASP CB   C N N 62  
ASP CG   C N N 63  
ASP OD1  O N N 64  
ASP OD2  O N N 65  
ASP OXT  O N N 66  
ASP H    H N N 67  
ASP H2   H N N 68  
ASP HA   H N N 69  
ASP HB2  H N N 70  
ASP HB3  H N N 71  
ASP HD2  H N N 72  
ASP HXT  H N N 73  
CYS N    N N N 74  
CYS CA   C N R 75  
CYS C    C N N 76  
CYS O    O N N 77  
CYS CB   C N N 78  
CYS SG   S N N 79  
CYS OXT  O N N 80  
CYS H    H N N 81  
CYS H2   H N N 82  
CYS HA   H N N 83  
CYS HB2  H N N 84  
CYS HB3  H N N 85  
CYS HG   H N N 86  
CYS HXT  H N N 87  
GLN N    N N N 88  
GLN CA   C N S 89  
GLN C    C N N 90  
GLN O    O N N 91  
GLN CB   C N N 92  
GLN CG   C N N 93  
GLN CD   C N N 94  
GLN OE1  O N N 95  
GLN NE2  N N N 96  
GLN OXT  O N N 97  
GLN H    H N N 98  
GLN H2   H N N 99  
GLN HA   H N N 100 
GLN HB2  H N N 101 
GLN HB3  H N N 102 
GLN HG2  H N N 103 
GLN HG3  H N N 104 
GLN HE21 H N N 105 
GLN HE22 H N N 106 
GLN HXT  H N N 107 
GLU N    N N N 108 
GLU CA   C N S 109 
GLU C    C N N 110 
GLU O    O N N 111 
GLU CB   C N N 112 
GLU CG   C N N 113 
GLU CD   C N N 114 
GLU OE1  O N N 115 
GLU OE2  O N N 116 
GLU OXT  O N N 117 
GLU H    H N N 118 
GLU H2   H N N 119 
GLU HA   H N N 120 
GLU HB2  H N N 121 
GLU HB3  H N N 122 
GLU HG2  H N N 123 
GLU HG3  H N N 124 
GLU HE2  H N N 125 
GLU HXT  H N N 126 
GLY N    N N N 127 
GLY CA   C N N 128 
GLY C    C N N 129 
GLY O    O N N 130 
GLY OXT  O N N 131 
GLY H    H N N 132 
GLY H2   H N N 133 
GLY HA2  H N N 134 
GLY HA3  H N N 135 
GLY HXT  H N N 136 
HIS N    N N N 137 
HIS CA   C N S 138 
HIS C    C N N 139 
HIS O    O N N 140 
HIS CB   C N N 141 
HIS CG   C Y N 142 
HIS ND1  N Y N 143 
HIS CD2  C Y N 144 
HIS CE1  C Y N 145 
HIS NE2  N Y N 146 
HIS OXT  O N N 147 
HIS H    H N N 148 
HIS H2   H N N 149 
HIS HA   H N N 150 
HIS HB2  H N N 151 
HIS HB3  H N N 152 
HIS HD1  H N N 153 
HIS HD2  H N N 154 
HIS HE1  H N N 155 
HIS HE2  H N N 156 
HIS HXT  H N N 157 
ILE N    N N N 158 
ILE CA   C N S 159 
ILE C    C N N 160 
ILE O    O N N 161 
ILE CB   C N S 162 
ILE CG1  C N N 163 
ILE CG2  C N N 164 
ILE CD1  C N N 165 
ILE OXT  O N N 166 
ILE H    H N N 167 
ILE H2   H N N 168 
ILE HA   H N N 169 
ILE HB   H N N 170 
ILE HG12 H N N 171 
ILE HG13 H N N 172 
ILE HG21 H N N 173 
ILE HG22 H N N 174 
ILE HG23 H N N 175 
ILE HD11 H N N 176 
ILE HD12 H N N 177 
ILE HD13 H N N 178 
ILE HXT  H N N 179 
LEU N    N N N 180 
LEU CA   C N S 181 
LEU C    C N N 182 
LEU O    O N N 183 
LEU CB   C N N 184 
LEU CG   C N N 185 
LEU CD1  C N N 186 
LEU CD2  C N N 187 
LEU OXT  O N N 188 
LEU H    H N N 189 
LEU H2   H N N 190 
LEU HA   H N N 191 
LEU HB2  H N N 192 
LEU HB3  H N N 193 
LEU HG   H N N 194 
LEU HD11 H N N 195 
LEU HD12 H N N 196 
LEU HD13 H N N 197 
LEU HD21 H N N 198 
LEU HD22 H N N 199 
LEU HD23 H N N 200 
LEU HXT  H N N 201 
LYS N    N N N 202 
LYS CA   C N S 203 
LYS C    C N N 204 
LYS O    O N N 205 
LYS CB   C N N 206 
LYS CG   C N N 207 
LYS CD   C N N 208 
LYS CE   C N N 209 
LYS NZ   N N N 210 
LYS OXT  O N N 211 
LYS H    H N N 212 
LYS H2   H N N 213 
LYS HA   H N N 214 
LYS HB2  H N N 215 
LYS HB3  H N N 216 
LYS HG2  H N N 217 
LYS HG3  H N N 218 
LYS HD2  H N N 219 
LYS HD3  H N N 220 
LYS HE2  H N N 221 
LYS HE3  H N N 222 
LYS HZ1  H N N 223 
LYS HZ2  H N N 224 
LYS HZ3  H N N 225 
LYS HXT  H N N 226 
MET N    N N N 227 
MET CA   C N S 228 
MET C    C N N 229 
MET O    O N N 230 
MET CB   C N N 231 
MET CG   C N N 232 
MET SD   S N N 233 
MET CE   C N N 234 
MET OXT  O N N 235 
MET H    H N N 236 
MET H2   H N N 237 
MET HA   H N N 238 
MET HB2  H N N 239 
MET HB3  H N N 240 
MET HG2  H N N 241 
MET HG3  H N N 242 
MET HE1  H N N 243 
MET HE2  H N N 244 
MET HE3  H N N 245 
MET HXT  H N N 246 
PHE N    N N N 247 
PHE CA   C N S 248 
PHE C    C N N 249 
PHE O    O N N 250 
PHE CB   C N N 251 
PHE CG   C Y N 252 
PHE CD1  C Y N 253 
PHE CD2  C Y N 254 
PHE CE1  C Y N 255 
PHE CE2  C Y N 256 
PHE CZ   C Y N 257 
PHE OXT  O N N 258 
PHE H    H N N 259 
PHE H2   H N N 260 
PHE HA   H N N 261 
PHE HB2  H N N 262 
PHE HB3  H N N 263 
PHE HD1  H N N 264 
PHE HD2  H N N 265 
PHE HE1  H N N 266 
PHE HE2  H N N 267 
PHE HZ   H N N 268 
PHE HXT  H N N 269 
PRO N    N N N 270 
PRO CA   C N S 271 
PRO C    C N N 272 
PRO O    O N N 273 
PRO CB   C N N 274 
PRO CG   C N N 275 
PRO CD   C N N 276 
PRO OXT  O N N 277 
PRO H    H N N 278 
PRO HA   H N N 279 
PRO HB2  H N N 280 
PRO HB3  H N N 281 
PRO HG2  H N N 282 
PRO HG3  H N N 283 
PRO HD2  H N N 284 
PRO HD3  H N N 285 
PRO HXT  H N N 286 
SER N    N N N 287 
SER CA   C N S 288 
SER C    C N N 289 
SER O    O N N 290 
SER CB   C N N 291 
SER OG   O N N 292 
SER OXT  O N N 293 
SER H    H N N 294 
SER H2   H N N 295 
SER HA   H N N 296 
SER HB2  H N N 297 
SER HB3  H N N 298 
SER HG   H N N 299 
SER HXT  H N N 300 
THR N    N N N 301 
THR CA   C N S 302 
THR C    C N N 303 
THR O    O N N 304 
THR CB   C N R 305 
THR OG1  O N N 306 
THR CG2  C N N 307 
THR OXT  O N N 308 
THR H    H N N 309 
THR H2   H N N 310 
THR HA   H N N 311 
THR HB   H N N 312 
THR HG1  H N N 313 
THR HG21 H N N 314 
THR HG22 H N N 315 
THR HG23 H N N 316 
THR HXT  H N N 317 
TYR N    N N N 318 
TYR CA   C N S 319 
TYR C    C N N 320 
TYR O    O N N 321 
TYR CB   C N N 322 
TYR CG   C Y N 323 
TYR CD1  C Y N 324 
TYR CD2  C Y N 325 
TYR CE1  C Y N 326 
TYR CE2  C Y N 327 
TYR CZ   C Y N 328 
TYR OH   O N N 329 
TYR OXT  O N N 330 
TYR H    H N N 331 
TYR H2   H N N 332 
TYR HA   H N N 333 
TYR HB2  H N N 334 
TYR HB3  H N N 335 
TYR HD1  H N N 336 
TYR HD2  H N N 337 
TYR HE1  H N N 338 
TYR HE2  H N N 339 
TYR HH   H N N 340 
TYR HXT  H N N 341 
VAL N    N N N 342 
VAL CA   C N S 343 
VAL C    C N N 344 
VAL O    O N N 345 
VAL CB   C N N 346 
VAL CG1  C N N 347 
VAL CG2  C N N 348 
VAL OXT  O N N 349 
VAL H    H N N 350 
VAL H2   H N N 351 
VAL HA   H N N 352 
VAL HB   H N N 353 
VAL HG11 H N N 354 
VAL HG12 H N N 355 
VAL HG13 H N N 356 
VAL HG21 H N N 357 
VAL HG22 H N N 358 
VAL HG23 H N N 359 
VAL HXT  H N N 360 
# 
loop_
_chem_comp_bond.comp_id 
_chem_comp_bond.atom_id_1 
_chem_comp_bond.atom_id_2 
_chem_comp_bond.value_order 
_chem_comp_bond.pdbx_aromatic_flag 
_chem_comp_bond.pdbx_stereo_config 
_chem_comp_bond.pdbx_ordinal 
ALA N   CA   sing N N 1   
ALA N   H    sing N N 2   
ALA N   H2   sing N N 3   
ALA CA  C    sing N N 4   
ALA CA  CB   sing N N 5   
ALA CA  HA   sing N N 6   
ALA C   O    doub N N 7   
ALA C   OXT  sing N N 8   
ALA CB  HB1  sing N N 9   
ALA CB  HB2  sing N N 10  
ALA CB  HB3  sing N N 11  
ALA OXT HXT  sing N N 12  
ARG N   CA   sing N N 13  
ARG N   H    sing N N 14  
ARG N   H2   sing N N 15  
ARG CA  C    sing N N 16  
ARG CA  CB   sing N N 17  
ARG CA  HA   sing N N 18  
ARG C   O    doub N N 19  
ARG C   OXT  sing N N 20  
ARG CB  CG   sing N N 21  
ARG CB  HB2  sing N N 22  
ARG CB  HB3  sing N N 23  
ARG CG  CD   sing N N 24  
ARG CG  HG2  sing N N 25  
ARG CG  HG3  sing N N 26  
ARG CD  NE   sing N N 27  
ARG CD  HD2  sing N N 28  
ARG CD  HD3  sing N N 29  
ARG NE  CZ   sing N N 30  
ARG NE  HE   sing N N 31  
ARG CZ  NH1  sing N N 32  
ARG CZ  NH2  doub N N 33  
ARG NH1 HH11 sing N N 34  
ARG NH1 HH12 sing N N 35  
ARG NH2 HH21 sing N N 36  
ARG NH2 HH22 sing N N 37  
ARG OXT HXT  sing N N 38  
ASN N   CA   sing N N 39  
ASN N   H    sing N N 40  
ASN N   H2   sing N N 41  
ASN CA  C    sing N N 42  
ASN CA  CB   sing N N 43  
ASN CA  HA   sing N N 44  
ASN C   O    doub N N 45  
ASN C   OXT  sing N N 46  
ASN CB  CG   sing N N 47  
ASN CB  HB2  sing N N 48  
ASN CB  HB3  sing N N 49  
ASN CG  OD1  doub N N 50  
ASN CG  ND2  sing N N 51  
ASN ND2 HD21 sing N N 52  
ASN ND2 HD22 sing N N 53  
ASN OXT HXT  sing N N 54  
ASP N   CA   sing N N 55  
ASP N   H    sing N N 56  
ASP N   H2   sing N N 57  
ASP CA  C    sing N N 58  
ASP CA  CB   sing N N 59  
ASP CA  HA   sing N N 60  
ASP C   O    doub N N 61  
ASP C   OXT  sing N N 62  
ASP CB  CG   sing N N 63  
ASP CB  HB2  sing N N 64  
ASP CB  HB3  sing N N 65  
ASP CG  OD1  doub N N 66  
ASP CG  OD2  sing N N 67  
ASP OD2 HD2  sing N N 68  
ASP OXT HXT  sing N N 69  
CYS N   CA   sing N N 70  
CYS N   H    sing N N 71  
CYS N   H2   sing N N 72  
CYS CA  C    sing N N 73  
CYS CA  CB   sing N N 74  
CYS CA  HA   sing N N 75  
CYS C   O    doub N N 76  
CYS C   OXT  sing N N 77  
CYS CB  SG   sing N N 78  
CYS CB  HB2  sing N N 79  
CYS CB  HB3  sing N N 80  
CYS SG  HG   sing N N 81  
CYS OXT HXT  sing N N 82  
GLN N   CA   sing N N 83  
GLN N   H    sing N N 84  
GLN N   H2   sing N N 85  
GLN CA  C    sing N N 86  
GLN CA  CB   sing N N 87  
GLN CA  HA   sing N N 88  
GLN C   O    doub N N 89  
GLN C   OXT  sing N N 90  
GLN CB  CG   sing N N 91  
GLN CB  HB2  sing N N 92  
GLN CB  HB3  sing N N 93  
GLN CG  CD   sing N N 94  
GLN CG  HG2  sing N N 95  
GLN CG  HG3  sing N N 96  
GLN CD  OE1  doub N N 97  
GLN CD  NE2  sing N N 98  
GLN NE2 HE21 sing N N 99  
GLN NE2 HE22 sing N N 100 
GLN OXT HXT  sing N N 101 
GLU N   CA   sing N N 102 
GLU N   H    sing N N 103 
GLU N   H2   sing N N 104 
GLU CA  C    sing N N 105 
GLU CA  CB   sing N N 106 
GLU CA  HA   sing N N 107 
GLU C   O    doub N N 108 
GLU C   OXT  sing N N 109 
GLU CB  CG   sing N N 110 
GLU CB  HB2  sing N N 111 
GLU CB  HB3  sing N N 112 
GLU CG  CD   sing N N 113 
GLU CG  HG2  sing N N 114 
GLU CG  HG3  sing N N 115 
GLU CD  OE1  doub N N 116 
GLU CD  OE2  sing N N 117 
GLU OE2 HE2  sing N N 118 
GLU OXT HXT  sing N N 119 
GLY N   CA   sing N N 120 
GLY N   H    sing N N 121 
GLY N   H2   sing N N 122 
GLY CA  C    sing N N 123 
GLY CA  HA2  sing N N 124 
GLY CA  HA3  sing N N 125 
GLY C   O    doub N N 126 
GLY C   OXT  sing N N 127 
GLY OXT HXT  sing N N 128 
HIS N   CA   sing N N 129 
HIS N   H    sing N N 130 
HIS N   H2   sing N N 131 
HIS CA  C    sing N N 132 
HIS CA  CB   sing N N 133 
HIS CA  HA   sing N N 134 
HIS C   O    doub N N 135 
HIS C   OXT  sing N N 136 
HIS CB  CG   sing N N 137 
HIS CB  HB2  sing N N 138 
HIS CB  HB3  sing N N 139 
HIS CG  ND1  sing Y N 140 
HIS CG  CD2  doub Y N 141 
HIS ND1 CE1  doub Y N 142 
HIS ND1 HD1  sing N N 143 
HIS CD2 NE2  sing Y N 144 
HIS CD2 HD2  sing N N 145 
HIS CE1 NE2  sing Y N 146 
HIS CE1 HE1  sing N N 147 
HIS NE2 HE2  sing N N 148 
HIS OXT HXT  sing N N 149 
ILE N   CA   sing N N 150 
ILE N   H    sing N N 151 
ILE N   H2   sing N N 152 
ILE CA  C    sing N N 153 
ILE CA  CB   sing N N 154 
ILE CA  HA   sing N N 155 
ILE C   O    doub N N 156 
ILE C   OXT  sing N N 157 
ILE CB  CG1  sing N N 158 
ILE CB  CG2  sing N N 159 
ILE CB  HB   sing N N 160 
ILE CG1 CD1  sing N N 161 
ILE CG1 HG12 sing N N 162 
ILE CG1 HG13 sing N N 163 
ILE CG2 HG21 sing N N 164 
ILE CG2 HG22 sing N N 165 
ILE CG2 HG23 sing N N 166 
ILE CD1 HD11 sing N N 167 
ILE CD1 HD12 sing N N 168 
ILE CD1 HD13 sing N N 169 
ILE OXT HXT  sing N N 170 
LEU N   CA   sing N N 171 
LEU N   H    sing N N 172 
LEU N   H2   sing N N 173 
LEU CA  C    sing N N 174 
LEU CA  CB   sing N N 175 
LEU CA  HA   sing N N 176 
LEU C   O    doub N N 177 
LEU C   OXT  sing N N 178 
LEU CB  CG   sing N N 179 
LEU CB  HB2  sing N N 180 
LEU CB  HB3  sing N N 181 
LEU CG  CD1  sing N N 182 
LEU CG  CD2  sing N N 183 
LEU CG  HG   sing N N 184 
LEU CD1 HD11 sing N N 185 
LEU CD1 HD12 sing N N 186 
LEU CD1 HD13 sing N N 187 
LEU CD2 HD21 sing N N 188 
LEU CD2 HD22 sing N N 189 
LEU CD2 HD23 sing N N 190 
LEU OXT HXT  sing N N 191 
LYS N   CA   sing N N 192 
LYS N   H    sing N N 193 
LYS N   H2   sing N N 194 
LYS CA  C    sing N N 195 
LYS CA  CB   sing N N 196 
LYS CA  HA   sing N N 197 
LYS C   O    doub N N 198 
LYS C   OXT  sing N N 199 
LYS CB  CG   sing N N 200 
LYS CB  HB2  sing N N 201 
LYS CB  HB3  sing N N 202 
LYS CG  CD   sing N N 203 
LYS CG  HG2  sing N N 204 
LYS CG  HG3  sing N N 205 
LYS CD  CE   sing N N 206 
LYS CD  HD2  sing N N 207 
LYS CD  HD3  sing N N 208 
LYS CE  NZ   sing N N 209 
LYS CE  HE2  sing N N 210 
LYS CE  HE3  sing N N 211 
LYS NZ  HZ1  sing N N 212 
LYS NZ  HZ2  sing N N 213 
LYS NZ  HZ3  sing N N 214 
LYS OXT HXT  sing N N 215 
MET N   CA   sing N N 216 
MET N   H    sing N N 217 
MET N   H2   sing N N 218 
MET CA  C    sing N N 219 
MET CA  CB   sing N N 220 
MET CA  HA   sing N N 221 
MET C   O    doub N N 222 
MET C   OXT  sing N N 223 
MET CB  CG   sing N N 224 
MET CB  HB2  sing N N 225 
MET CB  HB3  sing N N 226 
MET CG  SD   sing N N 227 
MET CG  HG2  sing N N 228 
MET CG  HG3  sing N N 229 
MET SD  CE   sing N N 230 
MET CE  HE1  sing N N 231 
MET CE  HE2  sing N N 232 
MET CE  HE3  sing N N 233 
MET OXT HXT  sing N N 234 
PHE N   CA   sing N N 235 
PHE N   H    sing N N 236 
PHE N   H2   sing N N 237 
PHE CA  C    sing N N 238 
PHE CA  CB   sing N N 239 
PHE CA  HA   sing N N 240 
PHE C   O    doub N N 241 
PHE C   OXT  sing N N 242 
PHE CB  CG   sing N N 243 
PHE CB  HB2  sing N N 244 
PHE CB  HB3  sing N N 245 
PHE CG  CD1  doub Y N 246 
PHE CG  CD2  sing Y N 247 
PHE CD1 CE1  sing Y N 248 
PHE CD1 HD1  sing N N 249 
PHE CD2 CE2  doub Y N 250 
PHE CD2 HD2  sing N N 251 
PHE CE1 CZ   doub Y N 252 
PHE CE1 HE1  sing N N 253 
PHE CE2 CZ   sing Y N 254 
PHE CE2 HE2  sing N N 255 
PHE CZ  HZ   sing N N 256 
PHE OXT HXT  sing N N 257 
PRO N   CA   sing N N 258 
PRO N   CD   sing N N 259 
PRO N   H    sing N N 260 
PRO CA  C    sing N N 261 
PRO CA  CB   sing N N 262 
PRO CA  HA   sing N N 263 
PRO C   O    doub N N 264 
PRO C   OXT  sing N N 265 
PRO CB  CG   sing N N 266 
PRO CB  HB2  sing N N 267 
PRO CB  HB3  sing N N 268 
PRO CG  CD   sing N N 269 
PRO CG  HG2  sing N N 270 
PRO CG  HG3  sing N N 271 
PRO CD  HD2  sing N N 272 
PRO CD  HD3  sing N N 273 
PRO OXT HXT  sing N N 274 
SER N   CA   sing N N 275 
SER N   H    sing N N 276 
SER N   H2   sing N N 277 
SER CA  C    sing N N 278 
SER CA  CB   sing N N 279 
SER CA  HA   sing N N 280 
SER C   O    doub N N 281 
SER C   OXT  sing N N 282 
SER CB  OG   sing N N 283 
SER CB  HB2  sing N N 284 
SER CB  HB3  sing N N 285 
SER OG  HG   sing N N 286 
SER OXT HXT  sing N N 287 
THR N   CA   sing N N 288 
THR N   H    sing N N 289 
THR N   H2   sing N N 290 
THR CA  C    sing N N 291 
THR CA  CB   sing N N 292 
THR CA  HA   sing N N 293 
THR C   O    doub N N 294 
THR C   OXT  sing N N 295 
THR CB  OG1  sing N N 296 
THR CB  CG2  sing N N 297 
THR CB  HB   sing N N 298 
THR OG1 HG1  sing N N 299 
THR CG2 HG21 sing N N 300 
THR CG2 HG22 sing N N 301 
THR CG2 HG23 sing N N 302 
THR OXT HXT  sing N N 303 
TYR N   CA   sing N N 304 
TYR N   H    sing N N 305 
TYR N   H2   sing N N 306 
TYR CA  C    sing N N 307 
TYR CA  CB   sing N N 308 
TYR CA  HA   sing N N 309 
TYR C   O    doub N N 310 
TYR C   OXT  sing N N 311 
TYR CB  CG   sing N N 312 
TYR CB  HB2  sing N N 313 
TYR CB  HB3  sing N N 314 
TYR CG  CD1  doub Y N 315 
TYR CG  CD2  sing Y N 316 
TYR CD1 CE1  sing Y N 317 
TYR CD1 HD1  sing N N 318 
TYR CD2 CE2  doub Y N 319 
TYR CD2 HD2  sing N N 320 
TYR CE1 CZ   doub Y N 321 
TYR CE1 HE1  sing N N 322 
TYR CE2 CZ   sing Y N 323 
TYR CE2 HE2  sing N N 324 
TYR CZ  OH   sing N N 325 
TYR OH  HH   sing N N 326 
TYR OXT HXT  sing N N 327 
VAL N   CA   sing N N 328 
VAL N   H    sing N N 329 
VAL N   H2   sing N N 330 
VAL CA  C    sing N N 331 
VAL CA  CB   sing N N 332 
VAL CA  HA   sing N N 333 
VAL C   O    doub N N 334 
VAL C   OXT  sing N N 335 
VAL CB  CG1  sing N N 336 
VAL CB  CG2  sing N N 337 
VAL CB  HB   sing N N 338 
VAL CG1 HG11 sing N N 339 
VAL CG1 HG12 sing N N 340 
VAL CG1 HG13 sing N N 341 
VAL CG2 HG21 sing N N 342 
VAL CG2 HG22 sing N N 343 
VAL CG2 HG23 sing N N 344 
VAL OXT HXT  sing N N 345 
# 
_pdbx_nmr_spectrometer.spectrometer_id   1 
_pdbx_nmr_spectrometer.model             DMX500 
_pdbx_nmr_spectrometer.manufacturer      Bruker 
_pdbx_nmr_spectrometer.field_strength    500 
# 
_atom_sites.entry_id                    1BHU 
_atom_sites.fract_transf_matrix[1][1]   1.000000 
_atom_sites.fract_transf_matrix[1][2]   0.000000 
_atom_sites.fract_transf_matrix[1][3]   0.000000 
_atom_sites.fract_transf_matrix[2][1]   0.000000 
_atom_sites.fract_transf_matrix[2][2]   1.000000 
_atom_sites.fract_transf_matrix[2][3]   0.000000 
_atom_sites.fract_transf_matrix[3][1]   0.000000 
_atom_sites.fract_transf_matrix[3][2]   0.000000 
_atom_sites.fract_transf_matrix[3][3]   1.000000 
_atom_sites.fract_transf_vector[1]      0.00000 
_atom_sites.fract_transf_vector[2]      0.00000 
_atom_sites.fract_transf_vector[3]      0.00000 
# 
loop_
_atom_type.symbol 
C 
H 
N 
O 
S 
# 
loop_
_atom_site.group_PDB 
_atom_site.id 
_atom_site.type_symbol 
_atom_site.label_atom_id 
_atom_site.label_alt_id 
_atom_site.label_comp_id 
_atom_site.label_asym_id 
_atom_site.label_entity_id 
_atom_site.label_seq_id 
_atom_site.pdbx_PDB_ins_code 
_atom_site.Cartn_x 
_atom_site.Cartn_y 
_atom_site.Cartn_z 
_atom_site.occupancy 
_atom_site.B_iso_or_equiv 
_atom_site.pdbx_formal_charge 
_atom_site.auth_seq_id 
_atom_site.auth_comp_id 
_atom_site.auth_asym_id 
_atom_site.auth_atom_id 
_atom_site.pdbx_PDB_model_num 
ATOM 1    N N    . ALA A 1 1   ? -2.669  -8.625  5.404   1.00 4.13 ? 1   ALA A N    1 
ATOM 2    C CA   . ALA A 1 1   ? -3.962  -8.900  6.104   1.00 3.07 ? 1   ALA A CA   1 
ATOM 3    C C    . ALA A 1 1   ? -4.779  -7.604  6.273   1.00 2.44 ? 1   ALA A C    1 
ATOM 4    O O    . ALA A 1 1   ? -4.308  -6.652  6.868   1.00 2.52 ? 1   ALA A O    1 
ATOM 5    C CB   . ALA A 1 1   ? -3.555  -9.464  7.473   1.00 3.21 ? 1   ALA A CB   1 
ATOM 6    H H1   . ALA A 1 1   ? -2.271  -7.726  5.744   1.00 4.48 ? 1   ALA A H1   1 
ATOM 7    H H2   . ALA A 1 1   ? -1.999  -9.398  5.600   1.00 4.52 ? 1   ALA A H2   1 
ATOM 8    H H3   . ALA A 1 1   ? -2.835  -8.561  4.379   1.00 4.50 ? 1   ALA A H3   1 
ATOM 9    H HA   . ALA A 1 1   ? -4.532  -9.636  5.562   1.00 3.02 ? 1   ALA A HA   1 
ATOM 10   H HB1  . ALA A 1 1   ? -2.954  -10.351 7.334   1.00 3.33 ? 1   ALA A HB1  1 
ATOM 11   H HB2  . ALA A 1 1   ? -2.983  -8.724  8.015   1.00 3.55 ? 1   ALA A HB2  1 
ATOM 12   H HB3  . ALA A 1 1   ? -4.441  -9.716  8.039   1.00 3.47 ? 1   ALA A HB3  1 
ATOM 13   N N    . PRO A 1 2   ? -5.988  -7.619  5.750   1.00 2.06 ? 2   PRO A N    1 
ATOM 14   C CA   . PRO A 1 2   ? -6.892  -6.434  5.853   1.00 2.08 ? 2   PRO A CA   1 
ATOM 15   C C    . PRO A 1 2   ? -7.386  -6.251  7.299   1.00 1.33 ? 2   PRO A C    1 
ATOM 16   O O    . PRO A 1 2   ? -8.552  -6.424  7.595   1.00 1.55 ? 2   PRO A O    1 
ATOM 17   C CB   . PRO A 1 2   ? -8.052  -6.791  4.923   1.00 2.48 ? 2   PRO A CB   1 
ATOM 18   C CG   . PRO A 1 2   ? -8.052  -8.282  4.851   1.00 1.94 ? 2   PRO A CG   1 
ATOM 19   C CD   . PRO A 1 2   ? -6.624  -8.727  5.018   1.00 1.99 ? 2   PRO A CD   1 
ATOM 20   H HA   . PRO A 1 2   ? -6.399  -5.542  5.501   1.00 2.68 ? 2   PRO A HA   1 
ATOM 21   H HB2  . PRO A 1 2   ? -8.987  -6.434  5.337   1.00 2.59 ? 2   PRO A HB2  1 
ATOM 22   H HB3  . PRO A 1 2   ? -7.892  -6.373  3.941   1.00 3.22 ? 2   PRO A HB3  1 
ATOM 23   H HG2  . PRO A 1 2   ? -8.667  -8.690  5.644   1.00 1.46 ? 2   PRO A HG2  1 
ATOM 24   H HG3  . PRO A 1 2   ? -8.425  -8.604  3.892   1.00 2.40 ? 2   PRO A HG3  1 
ATOM 25   H HD2  . PRO A 1 2   ? -6.581  -9.643  5.593   1.00 1.65 ? 2   PRO A HD2  1 
ATOM 26   H HD3  . PRO A 1 2   ? -6.155  -8.858  4.056   1.00 2.68 ? 2   PRO A HD3  1 
ATOM 27   N N    . SER A 1 3   ? -6.506  -5.914  8.203   1.00 0.95 ? 3   SER A N    1 
ATOM 28   C CA   . SER A 1 3   ? -6.931  -5.740  9.628   1.00 0.80 ? 3   SER A CA   1 
ATOM 29   C C    . SER A 1 3   ? -7.063  -4.257  10.012  1.00 0.57 ? 3   SER A C    1 
ATOM 30   O O    . SER A 1 3   ? -7.591  -3.942  11.061  1.00 0.55 ? 3   SER A O    1 
ATOM 31   C CB   . SER A 1 3   ? -5.833  -6.421  10.444  1.00 1.21 ? 3   SER A CB   1 
ATOM 32   O OG   . SER A 1 3   ? -5.926  -7.831  10.265  1.00 1.91 ? 3   SER A OG   1 
ATOM 33   H H    . SER A 1 3   ? -5.564  -5.791  7.949   1.00 1.33 ? 3   SER A H    1 
ATOM 34   H HA   . SER A 1 3   ? -7.868  -6.245  9.798   1.00 1.49 ? 3   SER A HA   1 
ATOM 35   H HB2  . SER A 1 3   ? -4.867  -6.082  10.106  1.00 1.70 ? 3   SER A HB2  1 
ATOM 36   H HB3  . SER A 1 3   ? -5.956  -6.171  11.490  1.00 1.61 ? 3   SER A HB3  1 
ATOM 37   H HG   . SER A 1 3   ? -6.741  -8.133  10.679  1.00 2.26 ? 3   SER A HG   1 
ATOM 38   N N    . CYS A 1 4   ? -6.600  -3.343  9.185   1.00 0.49 ? 4   CYS A N    1 
ATOM 39   C CA   . CYS A 1 4   ? -6.728  -1.889  9.537   1.00 0.35 ? 4   CYS A CA   1 
ATOM 40   C C    . CYS A 1 4   ? -8.222  -1.481  9.581   1.00 0.61 ? 4   CYS A C    1 
ATOM 41   O O    . CYS A 1 4   ? -9.067  -2.211  9.108   1.00 1.21 ? 4   CYS A O    1 
ATOM 42   C CB   . CYS A 1 4   ? -6.015  -1.128  8.419   1.00 0.47 ? 4   CYS A CB   1 
ATOM 43   S SG   . CYS A 1 4   ? -4.906  0.092   9.156   1.00 0.31 ? 4   CYS A SG   1 
ATOM 44   H H    . CYS A 1 4   ? -6.179  -3.610  8.343   1.00 0.61 ? 4   CYS A H    1 
ATOM 45   H HA   . CYS A 1 4   ? -6.233  -1.693  10.476  1.00 0.33 ? 4   CYS A HA   1 
ATOM 46   H HB2  . CYS A 1 4   ? -5.446  -1.818  7.816   1.00 0.66 ? 4   CYS A HB2  1 
ATOM 47   H HB3  . CYS A 1 4   ? -6.746  -0.626  7.801   1.00 0.73 ? 4   CYS A HB3  1 
ATOM 48   N N    . PRO A 1 5   ? -8.506  -0.324  10.133  1.00 0.33 ? 5   PRO A N    1 
ATOM 49   C CA   . PRO A 1 5   ? -9.909  0.155   10.198  1.00 0.56 ? 5   PRO A CA   1 
ATOM 50   C C    . PRO A 1 5   ? -10.325 0.796   8.840   1.00 1.04 ? 5   PRO A C    1 
ATOM 51   O O    . PRO A 1 5   ? -10.460 0.100   7.849   1.00 1.90 ? 5   PRO A O    1 
ATOM 52   C CB   . PRO A 1 5   ? -9.873  1.161   11.353  1.00 0.46 ? 5   PRO A CB   1 
ATOM 53   C CG   . PRO A 1 5   ? -8.455  1.645   11.423  1.00 0.81 ? 5   PRO A CG   1 
ATOM 54   C CD   . PRO A 1 5   ? -7.574  0.620   10.749  1.00 0.71 ? 5   PRO A CD   1 
ATOM 55   H HA   . PRO A 1 5   ? -10.573 -0.659  10.444  1.00 1.02 ? 5   PRO A HA   1 
ATOM 56   H HB2  . PRO A 1 5   ? -10.548 1.980   11.171  1.00 0.41 ? 5   PRO A HB2  1 
ATOM 57   H HB3  . PRO A 1 5   ? -10.132 0.669   12.278  1.00 0.88 ? 5   PRO A HB3  1 
ATOM 58   H HG2  . PRO A 1 5   ? -8.368  2.595   10.916  1.00 1.02 ? 5   PRO A HG2  1 
ATOM 59   H HG3  . PRO A 1 5   ? -8.157  1.751   12.454  1.00 1.21 ? 5   PRO A HG3  1 
ATOM 60   H HD2  . PRO A 1 5   ? -6.960  1.091   9.998   1.00 1.05 ? 5   PRO A HD2  1 
ATOM 61   H HD3  . PRO A 1 5   ? -6.963  0.115   11.478  1.00 1.04 ? 5   PRO A HD3  1 
ATOM 62   N N    . ALA A 1 6   ? -10.531 2.101   8.780   1.00 0.73 ? 6   ALA A N    1 
ATOM 63   C CA   . ALA A 1 6   ? -10.936 2.766   7.491   1.00 1.40 ? 6   ALA A CA   1 
ATOM 64   C C    . ALA A 1 6   ? -11.025 4.292   7.684   1.00 0.92 ? 6   ALA A C    1 
ATOM 65   O O    . ALA A 1 6   ? -11.515 4.764   8.693   1.00 1.14 ? 6   ALA A O    1 
ATOM 66   C CB   . ALA A 1 6   ? -12.319 2.194   7.157   1.00 2.30 ? 6   ALA A CB   1 
ATOM 67   H H    . ALA A 1 6   ? -10.421 2.648   9.578   1.00 0.45 ? 6   ALA A H    1 
ATOM 68   H HA   . ALA A 1 6   ? -10.237 2.525   6.704   1.00 1.94 ? 6   ALA A HA   1 
ATOM 69   H HB1  . ALA A 1 6   ? -12.375 1.167   7.484   1.00 2.88 ? 6   ALA A HB1  1 
ATOM 70   H HB2  . ALA A 1 6   ? -13.079 2.772   7.661   1.00 2.65 ? 6   ALA A HB2  1 
ATOM 71   H HB3  . ALA A 1 6   ? -12.480 2.240   6.089   1.00 2.68 ? 6   ALA A HB3  1 
ATOM 72   N N    . GLY A 1 7   ? -10.562 5.066   6.726   1.00 0.44 ? 7   GLY A N    1 
ATOM 73   C CA   . GLY A 1 7   ? -10.636 6.568   6.862   1.00 0.25 ? 7   GLY A CA   1 
ATOM 74   C C    . GLY A 1 7   ? -9.428  7.254   6.192   1.00 0.23 ? 7   GLY A C    1 
ATOM 75   O O    . GLY A 1 7   ? -9.555  8.287   5.565   1.00 0.30 ? 7   GLY A O    1 
ATOM 76   H H    . GLY A 1 7   ? -10.176 4.660   5.921   1.00 0.55 ? 7   GLY A H    1 
ATOM 77   H HA2  . GLY A 1 7   ? -11.543 6.920   6.396   1.00 0.44 ? 7   GLY A HA2  1 
ATOM 78   H HA3  . GLY A 1 7   ? -10.652 6.825   7.907   1.00 0.49 ? 7   GLY A HA3  1 
ATOM 79   N N    . SER A 1 8   ? -8.268  6.674   6.331   1.00 0.22 ? 8   SER A N    1 
ATOM 80   C CA   . SER A 1 8   ? -6.999  7.222   5.722   1.00 0.23 ? 8   SER A CA   1 
ATOM 81   C C    . SER A 1 8   ? -6.085  6.035   5.487   1.00 0.24 ? 8   SER A C    1 
ATOM 82   O O    . SER A 1 8   ? -6.380  4.943   5.931   1.00 0.29 ? 8   SER A O    1 
ATOM 83   C CB   . SER A 1 8   ? -6.395  8.136   6.778   1.00 0.27 ? 8   SER A CB   1 
ATOM 84   O OG   . SER A 1 8   ? -7.110  9.369   6.829   1.00 0.33 ? 8   SER A OG   1 
ATOM 85   H H    . SER A 1 8   ? -8.216  5.844   6.845   1.00 0.27 ? 8   SER A H    1 
ATOM 86   H HA   . SER A 1 8   ? -7.172  7.764   4.800   1.00 0.22 ? 8   SER A HA   1 
ATOM 87   H HB2  . SER A 1 8   ? -6.453  7.649   7.723   1.00 0.28 ? 8   SER A HB2  1 
ATOM 88   H HB3  . SER A 1 8   ? -5.356  8.321   6.537   1.00 0.30 ? 8   SER A HB3  1 
ATOM 89   H HG   . SER A 1 8   ? -8.054  9.181   6.785   1.00 0.93 ? 8   SER A HG   1 
ATOM 90   N N    . LEU A 1 9   ? -4.981  6.211   4.830   1.00 0.22 ? 9   LEU A N    1 
ATOM 91   C CA   . LEU A 1 9   ? -4.081  5.044   4.614   1.00 0.24 ? 9   LEU A CA   1 
ATOM 92   C C    . LEU A 1 9   ? -3.326  4.753   5.921   1.00 0.25 ? 9   LEU A C    1 
ATOM 93   O O    . LEU A 1 9   ? -2.157  5.066   6.060   1.00 0.33 ? 9   LEU A O    1 
ATOM 94   C CB   . LEU A 1 9   ? -3.136  5.455   3.492   1.00 0.27 ? 9   LEU A CB   1 
ATOM 95   C CG   . LEU A 1 9   ? -2.372  4.225   2.992   1.00 0.42 ? 9   LEU A CG   1 
ATOM 96   C CD1  . LEU A 1 9   ? -2.695  3.985   1.520   1.00 0.68 ? 9   LEU A CD1  1 
ATOM 97   C CD2  . LEU A 1 9   ? -0.872  4.459   3.143   1.00 0.58 ? 9   LEU A CD2  1 
ATOM 98   H H    . LEU A 1 9   ? -4.734  7.105   4.499   1.00 0.22 ? 9   LEU A H    1 
ATOM 99   H HA   . LEU A 1 9   ? -4.653  4.191   4.303   1.00 0.24 ? 9   LEU A HA   1 
ATOM 100  H HB2  . LEU A 1 9   ? -3.706  5.882   2.680   1.00 0.39 ? 9   LEU A HB2  1 
ATOM 101  H HB3  . LEU A 1 9   ? -2.448  6.180   3.866   1.00 0.29 ? 9   LEU A HB3  1 
ATOM 102  H HG   . LEU A 1 9   ? -2.662  3.361   3.570   1.00 0.47 ? 9   LEU A HG   1 
ATOM 103  H HD11 . LEU A 1 9   ? -3.765  3.955   1.386   1.00 1.23 ? 9   LEU A HD11 1 
ATOM 104  H HD12 . LEU A 1 9   ? -2.277  4.784   0.927   1.00 1.32 ? 9   LEU A HD12 1 
ATOM 105  H HD13 . LEU A 1 9   ? -2.265  3.045   1.209   1.00 1.20 ? 9   LEU A HD13 1 
ATOM 106  H HD21 . LEU A 1 9   ? -0.697  5.242   3.863   1.00 1.11 ? 9   LEU A HD21 1 
ATOM 107  H HD22 . LEU A 1 9   ? -0.397  3.548   3.478   1.00 1.24 ? 9   LEU A HD22 1 
ATOM 108  H HD23 . LEU A 1 9   ? -0.457  4.747   2.189   1.00 1.19 ? 9   LEU A HD23 1 
ATOM 109  N N    . CYS A 1 10  ? -3.992  4.186   6.902   1.00 0.20 ? 10  CYS A N    1 
ATOM 110  C CA   . CYS A 1 10  ? -3.289  3.920   8.207   1.00 0.23 ? 10  CYS A CA   1 
ATOM 111  C C    . CYS A 1 10  ? -2.419  2.680   8.116   1.00 0.23 ? 10  CYS A C    1 
ATOM 112  O O    . CYS A 1 10  ? -2.864  1.586   8.344   1.00 0.25 ? 10  CYS A O    1 
ATOM 113  C CB   . CYS A 1 10  ? -4.360  3.770   9.306   1.00 0.26 ? 10  CYS A CB   1 
ATOM 114  S SG   . CYS A 1 10  ? -5.538  2.474   8.900   1.00 0.28 ? 10  CYS A SG   1 
ATOM 115  H H    . CYS A 1 10  ? -4.947  3.957   6.778   1.00 0.20 ? 10  CYS A H    1 
ATOM 116  H HA   . CYS A 1 10  ? -2.662  4.749   8.447   1.00 0.27 ? 10  CYS A HA   1 
ATOM 117  H HB2  . CYS A 1 10  ? -3.875  3.520   10.240  1.00 0.30 ? 10  CYS A HB2  1 
ATOM 118  H HB3  . CYS A 1 10  ? -4.887  4.705   9.425   1.00 0.34 ? 10  CYS A HB3  1 
ATOM 119  N N    . THR A 1 11  ? -1.166  2.858   7.799   1.00 0.27 ? 11  THR A N    1 
ATOM 120  C CA   . THR A 1 11  ? -0.236  1.683   7.710   1.00 0.31 ? 11  THR A CA   1 
ATOM 121  C C    . THR A 1 11  ? 0.170   1.232   9.117   1.00 0.37 ? 11  THR A C    1 
ATOM 122  O O    . THR A 1 11  ? 0.202   2.024   10.039  1.00 0.41 ? 11  THR A O    1 
ATOM 123  C CB   . THR A 1 11  ? 0.983   2.163   6.907   1.00 0.38 ? 11  THR A CB   1 
ATOM 124  O OG1  . THR A 1 11  ? 1.774   3.038   7.701   1.00 0.51 ? 11  THR A OG1  1 
ATOM 125  C CG2  . THR A 1 11  ? 0.530   2.906   5.647   1.00 0.41 ? 11  THR A CG2  1 
ATOM 126  H H    . THR A 1 11  ? -0.832  3.765   7.632   1.00 0.30 ? 11  THR A H    1 
ATOM 127  H HA   . THR A 1 11  ? -0.712  0.873   7.198   1.00 0.28 ? 11  THR A HA   1 
ATOM 128  H HB   . THR A 1 11  ? 1.570   1.309   6.617   1.00 0.42 ? 11  THR A HB   1 
ATOM 129  H HG1  . THR A 1 11  ? 2.491   3.370   7.146   1.00 1.13 ? 11  THR A HG1  1 
ATOM 130  H HG21 . THR A 1 11  ? -0.515  2.706   5.467   1.00 1.15 ? 11  THR A HG21 1 
ATOM 131  H HG22 . THR A 1 11  ? 0.674   3.968   5.784   1.00 0.99 ? 11  THR A HG22 1 
ATOM 132  H HG23 . THR A 1 11  ? 1.112   2.569   4.802   1.00 1.15 ? 11  THR A HG23 1 
ATOM 133  N N    . TYR A 1 12  ? 0.452   -0.035  9.309   1.00 0.39 ? 12  TYR A N    1 
ATOM 134  C CA   . TYR A 1 12  ? 0.822   -0.497  10.684  1.00 0.47 ? 12  TYR A CA   1 
ATOM 135  C C    . TYR A 1 12  ? 1.571   -1.827  10.667  1.00 0.49 ? 12  TYR A C    1 
ATOM 136  O O    . TYR A 1 12  ? 1.401   -2.643  9.775   1.00 0.49 ? 12  TYR A O    1 
ATOM 137  C CB   . TYR A 1 12  ? -0.511  -0.680  11.401  1.00 0.47 ? 12  TYR A CB   1 
ATOM 138  C CG   . TYR A 1 12  ? -1.359  -1.680  10.650  1.00 0.42 ? 12  TYR A CG   1 
ATOM 139  C CD1  . TYR A 1 12  ? -2.222  -1.242  9.645   1.00 1.28 ? 12  TYR A CD1  1 
ATOM 140  C CD2  . TYR A 1 12  ? -1.286  -3.035  10.968  1.00 1.27 ? 12  TYR A CD2  1 
ATOM 141  C CE1  . TYR A 1 12  ? -3.018  -2.162  8.957   1.00 1.29 ? 12  TYR A CE1  1 
ATOM 142  C CE2  . TYR A 1 12  ? -2.082  -3.954  10.283  1.00 1.26 ? 12  TYR A CE2  1 
ATOM 143  C CZ   . TYR A 1 12  ? -2.950  -3.522  9.278   1.00 0.41 ? 12  TYR A CZ   1 
ATOM 144  O OH   . TYR A 1 12  ? -3.748  -4.435  8.614   1.00 0.44 ? 12  TYR A OH   1 
ATOM 145  H H    . TYR A 1 12  ? 0.401   -0.679  8.566   1.00 0.36 ? 12  TYR A H    1 
ATOM 146  H HA   . TYR A 1 12  ? 1.401   0.254   11.187  1.00 0.52 ? 12  TYR A HA   1 
ATOM 147  H HB2  . TYR A 1 12  ? -0.330  -1.041  12.404  1.00 0.54 ? 12  TYR A HB2  1 
ATOM 148  H HB3  . TYR A 1 12  ? -1.025  0.262   11.448  1.00 0.45 ? 12  TYR A HB3  1 
ATOM 149  H HD1  . TYR A 1 12  ? -2.272  -0.191  9.400   1.00 2.17 ? 12  TYR A HD1  1 
ATOM 150  H HD2  . TYR A 1 12  ? -0.620  -3.371  11.748  1.00 2.17 ? 12  TYR A HD2  1 
ATOM 151  H HE1  . TYR A 1 12  ? -3.687  -1.819  8.182   1.00 2.19 ? 12  TYR A HE1  1 
ATOM 152  H HE2  . TYR A 1 12  ? -2.023  -4.996  10.526  1.00 2.15 ? 12  TYR A HE2  1 
ATOM 153  H HH   . TYR A 1 12  ? -3.242  -5.245  8.483   1.00 0.86 ? 12  TYR A HH   1 
ATOM 154  N N    . SER A 1 13  ? 2.373   -2.063  11.674  1.00 0.52 ? 13  SER A N    1 
ATOM 155  C CA   . SER A 1 13  ? 3.114   -3.342  11.759  1.00 0.54 ? 13  SER A CA   1 
ATOM 156  C C    . SER A 1 13  ? 2.596   -4.175  12.945  1.00 0.55 ? 13  SER A C    1 
ATOM 157  O O    . SER A 1 13  ? 3.296   -4.393  13.918  1.00 0.57 ? 13  SER A O    1 
ATOM 158  C CB   . SER A 1 13  ? 4.583   -2.934  11.933  1.00 0.58 ? 13  SER A CB   1 
ATOM 159  O OG   . SER A 1 13  ? 4.906   -2.790  13.314  1.00 0.82 ? 13  SER A OG   1 
ATOM 160  H H    . SER A 1 13  ? 2.472   -1.399  12.386  1.00 0.53 ? 13  SER A H    1 
ATOM 161  H HA   . SER A 1 13  ? 2.994   -3.893  10.846  1.00 0.55 ? 13  SER A HA   1 
ATOM 162  H HB2  . SER A 1 13  ? 5.210   -3.685  11.501  1.00 0.56 ? 13  SER A HB2  1 
ATOM 163  H HB3  . SER A 1 13  ? 4.752   -1.997  11.416  1.00 0.73 ? 13  SER A HB3  1 
ATOM 164  H HG   . SER A 1 13  ? 4.726   -3.637  13.756  1.00 1.29 ? 13  SER A HG   1 
ATOM 165  N N    . GLY A 1 14  ? 1.367   -4.639  12.874  1.00 0.55 ? 14  GLY A N    1 
ATOM 166  C CA   . GLY A 1 14  ? 0.820   -5.458  14.008  1.00 0.58 ? 14  GLY A CA   1 
ATOM 167  C C    . GLY A 1 14  ? -0.646  -5.872  13.783  1.00 0.62 ? 14  GLY A C    1 
ATOM 168  O O    . GLY A 1 14  ? -1.382  -6.007  14.734  1.00 0.89 ? 14  GLY A O    1 
ATOM 169  H H    . GLY A 1 14  ? 0.818   -4.443  12.088  1.00 0.54 ? 14  GLY A H    1 
ATOM 170  H HA2  . GLY A 1 14  ? 1.421   -6.348  14.121  1.00 0.64 ? 14  GLY A HA2  1 
ATOM 171  H HA3  . GLY A 1 14  ? 0.882   -4.879  14.915  1.00 0.56 ? 14  GLY A HA3  1 
ATOM 172  N N    . THR A 1 15  ? -1.058  -6.094  12.546  1.00 0.55 ? 15  THR A N    1 
ATOM 173  C CA   . THR A 1 15  ? -2.488  -6.528  12.228  1.00 0.59 ? 15  THR A CA   1 
ATOM 174  C C    . THR A 1 15  ? -3.550  -5.820  13.084  1.00 0.60 ? 15  THR A C    1 
ATOM 175  O O    . THR A 1 15  ? -3.753  -6.124  14.243  1.00 0.65 ? 15  THR A O    1 
ATOM 176  C CB   . THR A 1 15  ? -2.550  -8.048  12.460  1.00 0.71 ? 15  THR A CB   1 
ATOM 177  O OG1  . THR A 1 15  ? -1.845  -8.402  13.644  1.00 0.79 ? 15  THR A OG1  1 
ATOM 178  C CG2  . THR A 1 15  ? -1.930  -8.771  11.265  1.00 1.15 ? 15  THR A CG2  1 
ATOM 179  H H    . THR A 1 15  ? -0.418  -5.989  11.808  1.00 0.64 ? 15  THR A H    1 
ATOM 180  H HA   . THR A 1 15  ? -2.698  -6.322  11.193  1.00 0.59 ? 15  THR A HA   1 
ATOM 181  H HB   . THR A 1 15  ? -3.582  -8.352  12.556  1.00 0.98 ? 15  THR A HB   1 
ATOM 182  H HG1  . THR A 1 15  ? -2.155  -7.834  14.361  1.00 1.14 ? 15  THR A HG1  1 
ATOM 183  H HG21 . THR A 1 15  ? -2.340  -8.372  10.350  1.00 1.57 ? 15  THR A HG21 1 
ATOM 184  H HG22 . THR A 1 15  ? -0.861  -8.629  11.275  1.00 1.50 ? 15  THR A HG22 1 
ATOM 185  H HG23 . THR A 1 15  ? -2.153  -9.825  11.330  1.00 1.58 ? 15  THR A HG23 1 
ATOM 186  N N    . GLY A 1 16  ? -4.247  -4.886  12.493  1.00 0.61 ? 16  GLY A N    1 
ATOM 187  C CA   . GLY A 1 16  ? -5.309  -4.138  13.228  1.00 0.66 ? 16  GLY A CA   1 
ATOM 188  C C    . GLY A 1 16  ? -4.862  -2.686  13.362  1.00 0.60 ? 16  GLY A C    1 
ATOM 189  O O    . GLY A 1 16  ? -5.207  -2.010  14.308  1.00 0.66 ? 16  GLY A O    1 
ATOM 190  H H    . GLY A 1 16  ? -4.077  -4.676  11.553  1.00 0.61 ? 16  GLY A H    1 
ATOM 191  H HA2  . GLY A 1 16  ? -6.239  -4.186  12.682  1.00 0.71 ? 16  GLY A HA2  1 
ATOM 192  H HA3  . GLY A 1 16  ? -5.441  -4.562  14.212  1.00 0.72 ? 16  GLY A HA3  1 
ATOM 193  N N    . LEU A 1 17  ? -4.058  -2.214  12.426  1.00 0.54 ? 17  LEU A N    1 
ATOM 194  C CA   . LEU A 1 17  ? -3.542  -0.808  12.500  1.00 0.51 ? 17  LEU A CA   1 
ATOM 195  C C    . LEU A 1 17  ? -2.760  -0.618  13.822  1.00 0.55 ? 17  LEU A C    1 
ATOM 196  O O    . LEU A 1 17  ? -2.533  0.478   14.294  1.00 0.57 ? 17  LEU A O    1 
ATOM 197  C CB   . LEU A 1 17  ? -4.802  0.067   12.345  1.00 0.55 ? 17  LEU A CB   1 
ATOM 198  C CG   . LEU A 1 17  ? -4.758  1.329   13.218  1.00 0.64 ? 17  LEU A CG   1 
ATOM 199  C CD1  . LEU A 1 17  ? -5.587  2.429   12.563  1.00 1.10 ? 17  LEU A CD1  1 
ATOM 200  C CD2  . LEU A 1 17  ? -5.331  1.021   14.603  1.00 1.30 ? 17  LEU A CD2  1 
ATOM 201  H H    . LEU A 1 17  ? -3.777  -2.796  11.690  1.00 0.55 ? 17  LEU A H    1 
ATOM 202  H HA   . LEU A 1 17  ? -2.885  -0.623  11.672  1.00 0.49 ? 17  LEU A HA   1 
ATOM 203  H HB2  . LEU A 1 17  ? -4.875  0.365   11.315  1.00 0.75 ? 17  LEU A HB2  1 
ATOM 204  H HB3  . LEU A 1 17  ? -5.669  -0.519  12.591  1.00 0.63 ? 17  LEU A HB3  1 
ATOM 205  H HG   . LEU A 1 17  ? -3.740  1.671   13.310  1.00 1.01 ? 17  LEU A HG   1 
ATOM 206  H HD11 . LEU A 1 17  ? -5.756  2.183   11.525  1.00 1.63 ? 17  LEU A HD11 1 
ATOM 207  H HD12 . LEU A 1 17  ? -6.535  2.517   13.072  1.00 1.57 ? 17  LEU A HD12 1 
ATOM 208  H HD13 . LEU A 1 17  ? -5.054  3.366   12.628  1.00 1.70 ? 17  LEU A HD13 1 
ATOM 209  H HD21 . LEU A 1 17  ? -6.132  0.304   14.510  1.00 1.81 ? 17  LEU A HD21 1 
ATOM 210  H HD22 . LEU A 1 17  ? -4.553  0.612   15.230  1.00 1.56 ? 17  LEU A HD22 1 
ATOM 211  H HD23 . LEU A 1 17  ? -5.709  1.930   15.045  1.00 1.99 ? 17  LEU A HD23 1 
ATOM 212  N N    . SER A 1 18  ? -2.312  -1.709  14.400  1.00 0.59 ? 18  SER A N    1 
ATOM 213  C CA   . SER A 1 18  ? -1.523  -1.635  15.674  1.00 0.67 ? 18  SER A CA   1 
ATOM 214  C C    . SER A 1 18  ? -0.008  -1.728  15.399  1.00 0.68 ? 18  SER A C    1 
ATOM 215  O O    . SER A 1 18  ? 0.458   -1.389  14.327  1.00 1.03 ? 18  SER A O    1 
ATOM 216  C CB   . SER A 1 18  ? -1.991  -2.827  16.503  1.00 0.75 ? 18  SER A CB   1 
ATOM 217  O OG   . SER A 1 18  ? -1.336  -2.800  17.767  1.00 1.43 ? 18  SER A OG   1 
ATOM 218  H H    . SER A 1 18  ? -2.487  -2.579  13.983  1.00 0.60 ? 18  SER A H    1 
ATOM 219  H HA   . SER A 1 18  ? -1.747  -0.725  16.198  1.00 0.68 ? 18  SER A HA   1 
ATOM 220  H HB2  . SER A 1 18  ? -3.058  -2.772  16.649  1.00 1.34 ? 18  SER A HB2  1 
ATOM 221  H HB3  . SER A 1 18  ? -1.749  -3.739  15.980  1.00 1.32 ? 18  SER A HB3  1 
ATOM 222  H HG   . SER A 1 18  ? -1.969  -3.071  18.438  1.00 1.79 ? 18  SER A HG   1 
ATOM 223  N N    . GLY A 1 19  ? 0.763   -2.176  16.371  1.00 0.60 ? 19  GLY A N    1 
ATOM 224  C CA   . GLY A 1 19  ? 2.252   -2.283  16.188  1.00 0.58 ? 19  GLY A CA   1 
ATOM 225  C C    . GLY A 1 19  ? 2.789   -0.945  15.669  1.00 0.51 ? 19  GLY A C    1 
ATOM 226  O O    . GLY A 1 19  ? 2.438   0.106   16.176  1.00 0.51 ? 19  GLY A O    1 
ATOM 227  H H    . GLY A 1 19  ? 0.355   -2.435  17.229  1.00 0.80 ? 19  GLY A H    1 
ATOM 228  H HA2  . GLY A 1 19  ? 2.716   -2.516  17.137  1.00 0.66 ? 19  GLY A HA2  1 
ATOM 229  H HA3  . GLY A 1 19  ? 2.477   -3.060  15.475  1.00 0.58 ? 19  GLY A HA3  1 
ATOM 230  N N    . ALA A 1 20  ? 3.608   -0.959  14.646  1.00 0.50 ? 20  ALA A N    1 
ATOM 231  C CA   . ALA A 1 20  ? 4.117   0.341   14.092  1.00 0.50 ? 20  ALA A CA   1 
ATOM 232  C C    . ALA A 1 20  ? 2.978   1.017   13.313  1.00 0.46 ? 20  ALA A C    1 
ATOM 233  O O    . ALA A 1 20  ? 2.971   1.052   12.099  1.00 0.47 ? 20  ALA A O    1 
ATOM 234  C CB   . ALA A 1 20  ? 5.278   -0.029  13.163  1.00 0.58 ? 20  ALA A CB   1 
ATOM 235  H H    . ALA A 1 20  ? 3.870   -1.820  14.228  1.00 0.53 ? 20  ALA A H    1 
ATOM 236  H HA   . ALA A 1 20  ? 4.462   0.982   14.888  1.00 0.53 ? 20  ALA A HA   1 
ATOM 237  H HB1  . ALA A 1 20  ? 5.882   -0.793  13.627  1.00 1.16 ? 20  ALA A HB1  1 
ATOM 238  H HB2  . ALA A 1 20  ? 4.887   -0.397  12.227  1.00 1.18 ? 20  ALA A HB2  1 
ATOM 239  H HB3  . ALA A 1 20  ? 5.884   0.847   12.980  1.00 1.18 ? 20  ALA A HB3  1 
ATOM 240  N N    . ARG A 1 21  ? 1.992   1.507   14.021  1.00 0.47 ? 21  ARG A N    1 
ATOM 241  C CA   . ARG A 1 21  ? 0.807   2.136   13.357  1.00 0.48 ? 21  ARG A CA   1 
ATOM 242  C C    . ARG A 1 21  ? 1.077   3.577   12.879  1.00 0.44 ? 21  ARG A C    1 
ATOM 243  O O    . ARG A 1 21  ? 1.449   4.451   13.639  1.00 0.48 ? 21  ARG A O    1 
ATOM 244  C CB   . ARG A 1 21  ? -0.303  2.101   14.418  1.00 0.63 ? 21  ARG A CB   1 
ATOM 245  C CG   . ARG A 1 21  ? 0.073   2.962   15.629  1.00 0.70 ? 21  ARG A CG   1 
ATOM 246  C CD   . ARG A 1 21  ? -0.932  4.109   15.758  1.00 1.10 ? 21  ARG A CD   1 
ATOM 247  N NE   . ARG A 1 21  ? -0.261  5.122   16.628  1.00 1.46 ? 21  ARG A NE   1 
ATOM 248  C CZ   . ARG A 1 21  ? -0.971  5.919   17.368  1.00 2.09 ? 21  ARG A CZ   1 
ATOM 249  N NH1  . ARG A 1 21  ? -1.612  6.904   16.821  1.00 2.77 ? 21  ARG A NH1  1 
ATOM 250  N NH2  . ARG A 1 21  ? -1.035  5.725   18.649  1.00 2.75 ? 21  ARG A NH2  1 
ATOM 251  H H    . ARG A 1 21  ? 2.015   1.423   15.000  1.00 0.50 ? 21  ARG A H    1 
ATOM 252  H HA   . ARG A 1 21  ? 0.505   1.534   12.515  1.00 0.51 ? 21  ARG A HA   1 
ATOM 253  H HB2  . ARG A 1 21  ? -1.221  2.473   13.985  1.00 0.71 ? 21  ARG A HB2  1 
ATOM 254  H HB3  . ARG A 1 21  ? -0.453  1.081   14.741  1.00 0.68 ? 21  ARG A HB3  1 
ATOM 255  H HG2  . ARG A 1 21  ? 0.046   2.355   16.524  1.00 0.98 ? 21  ARG A HG2  1 
ATOM 256  H HG3  . ARG A 1 21  ? 1.065   3.365   15.496  1.00 0.79 ? 21  ARG A HG3  1 
ATOM 257  H HD2  . ARG A 1 21  ? -1.146  4.526   14.782  1.00 1.44 ? 21  ARG A HD2  1 
ATOM 258  H HD3  . ARG A 1 21  ? -1.841  3.762   16.226  1.00 1.72 ? 21  ARG A HD3  1 
ATOM 259  H HE   . ARG A 1 21  ? 0.718   5.192   16.636  1.00 1.89 ? 21  ARG A HE   1 
ATOM 260  H HH11 . ARG A 1 21  ? -1.555  7.043   15.834  1.00 2.95 ? 21  ARG A HH11 1 
ATOM 261  H HH12 . ARG A 1 21  ? -2.158  7.521   17.382  1.00 3.45 ? 21  ARG A HH12 1 
ATOM 262  H HH21 . ARG A 1 21  ? -0.538  4.964   19.061  1.00 2.93 ? 21  ARG A HH21 1 
ATOM 263  H HH22 . ARG A 1 21  ? -1.577  6.334   19.224  1.00 3.41 ? 21  ARG A HH22 1 
ATOM 264  N N    . THR A 1 22  ? 0.861   3.813   11.610  1.00 0.42 ? 22  THR A N    1 
ATOM 265  C CA   . THR A 1 22  ? 1.059   5.172   11.008  1.00 0.45 ? 22  THR A CA   1 
ATOM 266  C C    . THR A 1 22  ? -0.211  5.563   10.226  1.00 0.45 ? 22  THR A C    1 
ATOM 267  O O    . THR A 1 22  ? -1.066  4.733   9.970   1.00 0.45 ? 22  THR A O    1 
ATOM 268  C CB   . THR A 1 22  ? 2.267   5.037   10.062  1.00 0.49 ? 22  THR A CB   1 
ATOM 269  O OG1  . THR A 1 22  ? 2.570   3.662   9.839   1.00 0.53 ? 22  THR A OG1  1 
ATOM 270  C CG2  . THR A 1 22  ? 3.482   5.716   10.689  1.00 0.66 ? 22  THR A CG2  1 
ATOM 271  H H    . THR A 1 22  ? 0.549   3.076   11.031  1.00 0.42 ? 22  THR A H    1 
ATOM 272  H HA   . THR A 1 22  ? 1.267   5.899   11.777  1.00 0.49 ? 22  THR A HA   1 
ATOM 273  H HB   . THR A 1 22  ? 2.043   5.514   9.120   1.00 0.51 ? 22  THR A HB   1 
ATOM 274  H HG1  . THR A 1 22  ? 2.108   3.376   9.024   1.00 1.00 ? 22  THR A HG1  1 
ATOM 275  H HG21 . THR A 1 22  ? 3.189   6.671   11.100  1.00 1.21 ? 22  THR A HG21 1 
ATOM 276  H HG22 . THR A 1 22  ? 3.874   5.090   11.478  1.00 1.32 ? 22  THR A HG22 1 
ATOM 277  H HG23 . THR A 1 22  ? 4.241   5.863   9.936   1.00 1.17 ? 22  THR A HG23 1 
ATOM 278  N N    . VAL A 1 23  ? -0.370  6.815   9.859   1.00 0.47 ? 23  VAL A N    1 
ATOM 279  C CA   . VAL A 1 23  ? -1.616  7.222   9.121   1.00 0.49 ? 23  VAL A CA   1 
ATOM 280  C C    . VAL A 1 23  ? -1.314  8.085   7.913   1.00 0.47 ? 23  VAL A C    1 
ATOM 281  O O    . VAL A 1 23  ? -0.599  9.064   8.014   1.00 0.59 ? 23  VAL A O    1 
ATOM 282  C CB   . VAL A 1 23  ? -2.410  8.117   10.063  1.00 0.54 ? 23  VAL A CB   1 
ATOM 283  C CG1  . VAL A 1 23  ? -3.905  7.837   9.900   1.00 0.60 ? 23  VAL A CG1  1 
ATOM 284  C CG2  . VAL A 1 23  ? -2.007  7.897   11.526  1.00 0.60 ? 23  VAL A CG2  1 
ATOM 285  H H    . VAL A 1 23  ? 0.307   7.487   10.081  1.00 0.49 ? 23  VAL A H    1 
ATOM 286  H HA   . VAL A 1 23  ? -2.206  6.370   8.842   1.00 0.52 ? 23  VAL A HA   1 
ATOM 287  H HB   . VAL A 1 23  ? -2.204  9.146   9.773   1.00 0.54 ? 23  VAL A HB   1 
ATOM 288  H HG11 . VAL A 1 23  ? -4.155  7.816   8.850   1.00 1.06 ? 23  VAL A HG11 1 
ATOM 289  H HG12 . VAL A 1 23  ? -4.144  6.883   10.346  1.00 1.23 ? 23  VAL A HG12 1 
ATOM 290  H HG13 . VAL A 1 23  ? -4.471  8.616   10.388  1.00 1.18 ? 23  VAL A HG13 1 
ATOM 291  H HG21 . VAL A 1 23  ? -2.036  6.841   11.752  1.00 1.22 ? 23  VAL A HG21 1 
ATOM 292  H HG22 . VAL A 1 23  ? -1.007  8.273   11.685  1.00 1.15 ? 23  VAL A HG22 1 
ATOM 293  H HG23 . VAL A 1 23  ? -2.695  8.422   12.171  1.00 1.21 ? 23  VAL A HG23 1 
ATOM 294  N N    . ILE A 1 24  ? -1.913  7.793   6.794   1.00 0.36 ? 24  ILE A N    1 
ATOM 295  C CA   . ILE A 1 24  ? -1.702  8.679   5.627   1.00 0.37 ? 24  ILE A CA   1 
ATOM 296  C C    . ILE A 1 24  ? -3.048  9.010   4.955   1.00 0.31 ? 24  ILE A C    1 
ATOM 297  O O    . ILE A 1 24  ? -3.481  8.316   4.051   1.00 0.32 ? 24  ILE A O    1 
ATOM 298  C CB   . ILE A 1 24  ? -0.773  7.947   4.635   1.00 0.39 ? 24  ILE A CB   1 
ATOM 299  C CG1  . ILE A 1 24  ? 0.322   7.159   5.375   1.00 0.58 ? 24  ILE A CG1  1 
ATOM 300  C CG2  . ILE A 1 24  ? -0.116  8.976   3.726   1.00 0.60 ? 24  ILE A CG2  1 
ATOM 301  C CD1  . ILE A 1 24  ? 1.226   8.117   6.157   1.00 1.18 ? 24  ILE A CD1  1 
ATOM 302  H H    . ILE A 1 24  ? -2.533  7.036   6.744   1.00 0.32 ? 24  ILE A H    1 
ATOM 303  H HA   . ILE A 1 24  ? -1.232  9.587   5.978   1.00 0.43 ? 24  ILE A HA   1 
ATOM 304  H HB   . ILE A 1 24  ? -1.357  7.275   4.020   1.00 0.33 ? 24  ILE A HB   1 
ATOM 305  H HG12 . ILE A 1 24  ? -0.134  6.458   6.056   1.00 1.17 ? 24  ILE A HG12 1 
ATOM 306  H HG13 . ILE A 1 24  ? 0.920   6.620   4.655   1.00 1.10 ? 24  ILE A HG13 1 
ATOM 307  H HG21 . ILE A 1 24  ? -0.439  9.964   4.011   1.00 1.21 ? 24  ILE A HG21 1 
ATOM 308  H HG22 . ILE A 1 24  ? 0.958   8.906   3.819   1.00 1.19 ? 24  ILE A HG22 1 
ATOM 309  H HG23 . ILE A 1 24  ? -0.402  8.783   2.704   1.00 1.19 ? 24  ILE A HG23 1 
ATOM 310  H HD11 . ILE A 1 24  ? 0.714   9.058   6.299   1.00 1.70 ? 24  ILE A HD11 1 
ATOM 311  H HD12 . ILE A 1 24  ? 1.458   7.687   7.118   1.00 1.55 ? 24  ILE A HD12 1 
ATOM 312  H HD13 . ILE A 1 24  ? 2.138   8.285   5.605   1.00 1.94 ? 24  ILE A HD13 1 
ATOM 313  N N    . PRO A 1 25  ? -3.666  10.078  5.406   1.00 0.30 ? 25  PRO A N    1 
ATOM 314  C CA   . PRO A 1 25  ? -4.960  10.514  4.813   1.00 0.27 ? 25  PRO A CA   1 
ATOM 315  C C    . PRO A 1 25  ? -4.672  11.102  3.426   1.00 0.23 ? 25  PRO A C    1 
ATOM 316  O O    . PRO A 1 25  ? -4.682  12.304  3.248   1.00 0.36 ? 25  PRO A O    1 
ATOM 317  C CB   . PRO A 1 25  ? -5.449  11.595  5.778   1.00 0.33 ? 25  PRO A CB   1 
ATOM 318  C CG   . PRO A 1 25  ? -4.207  12.116  6.427   1.00 0.36 ? 25  PRO A CG   1 
ATOM 319  C CD   . PRO A 1 25  ? -3.230  10.971  6.491   1.00 0.35 ? 25  PRO A CD   1 
ATOM 320  H HA   . PRO A 1 25  ? -5.665  9.697   4.761   1.00 0.27 ? 25  PRO A HA   1 
ATOM 321  H HB2  . PRO A 1 25  ? -5.953  12.383  5.234   1.00 0.33 ? 25  PRO A HB2  1 
ATOM 322  H HB3  . PRO A 1 25  ? -6.104  11.170  6.522   1.00 0.37 ? 25  PRO A HB3  1 
ATOM 323  H HG2  . PRO A 1 25  ? -3.795  12.924  5.836   1.00 0.36 ? 25  PRO A HG2  1 
ATOM 324  H HG3  . PRO A 1 25  ? -4.427  12.464  7.424   1.00 0.42 ? 25  PRO A HG3  1 
ATOM 325  H HD2  . PRO A 1 25  ? -2.222  11.325  6.319   1.00 0.36 ? 25  PRO A HD2  1 
ATOM 326  H HD3  . PRO A 1 25  ? -3.300  10.465  7.442   1.00 0.37 ? 25  PRO A HD3  1 
ATOM 327  N N    . ALA A 1 26  ? -4.377  10.250  2.462   1.00 0.19 ? 26  ALA A N    1 
ATOM 328  C CA   . ALA A 1 26  ? -4.029  10.735  1.068   1.00 0.25 ? 26  ALA A CA   1 
ATOM 329  C C    . ALA A 1 26  ? -3.245  12.070  1.163   1.00 0.30 ? 26  ALA A C    1 
ATOM 330  O O    . ALA A 1 26  ? -3.749  13.123  0.817   1.00 0.37 ? 26  ALA A O    1 
ATOM 331  C CB   . ALA A 1 26  ? -5.381  10.946  0.380   1.00 0.29 ? 26  ALA A CB   1 
ATOM 332  H H    . ALA A 1 26  ? -4.365  9.285   2.668   1.00 0.27 ? 26  ALA A H    1 
ATOM 333  H HA   . ALA A 1 26  ? -3.445  9.980   0.524   1.00 0.26 ? 26  ALA A HA   1 
ATOM 334  H HB1  . ALA A 1 26  ? -6.136  11.153  1.124   1.00 1.12 ? 26  ALA A HB1  1 
ATOM 335  H HB2  . ALA A 1 26  ? -5.311  11.780  -0.305  1.00 0.99 ? 26  ALA A HB2  1 
ATOM 336  H HB3  . ALA A 1 26  ? -5.648  10.055  -0.166  1.00 1.08 ? 26  ALA A HB3  1 
ATOM 337  N N    . SER A 1 27  ? -2.026  12.035  1.659   1.00 0.32 ? 27  SER A N    1 
ATOM 338  C CA   . SER A 1 27  ? -1.235  13.313  1.812   1.00 0.39 ? 27  SER A CA   1 
ATOM 339  C C    . SER A 1 27  ? 0.254   13.024  2.024   1.00 0.36 ? 27  SER A C    1 
ATOM 340  O O    . SER A 1 27  ? 1.091   13.495  1.281   1.00 0.33 ? 27  SER A O    1 
ATOM 341  C CB   . SER A 1 27  ? -1.842  14.006  3.039   1.00 0.52 ? 27  SER A CB   1 
ATOM 342  O OG   . SER A 1 27  ? -1.015  15.096  3.436   1.00 1.37 ? 27  SER A OG   1 
ATOM 343  H H    . SER A 1 27  ? -1.640  11.180  1.942   1.00 0.31 ? 27  SER A H    1 
ATOM 344  H HA   . SER A 1 27  ? -1.359  13.929  0.944   1.00 0.40 ? 27  SER A HA   1 
ATOM 345  H HB2  . SER A 1 27  ? -2.823  14.376  2.792   1.00 1.05 ? 27  SER A HB2  1 
ATOM 346  H HB3  . SER A 1 27  ? -1.926  13.291  3.848   1.00 1.00 ? 27  SER A HB3  1 
ATOM 347  H HG   . SER A 1 27  ? -1.452  15.915  3.176   1.00 1.82 ? 27  SER A HG   1 
ATOM 348  N N    . ASP A 1 28  ? 0.592   12.199  2.981   1.00 0.41 ? 28  ASP A N    1 
ATOM 349  C CA   . ASP A 1 28  ? 2.013   11.832  3.168   1.00 0.43 ? 28  ASP A CA   1 
ATOM 350  C C    . ASP A 1 28  ? 2.390   10.951  1.969   1.00 0.39 ? 28  ASP A C    1 
ATOM 351  O O    . ASP A 1 28  ? 3.517   10.908  1.514   1.00 0.43 ? 28  ASP A O    1 
ATOM 352  C CB   . ASP A 1 28  ? 2.020   11.066  4.486   1.00 0.53 ? 28  ASP A CB   1 
ATOM 353  C CG   . ASP A 1 28  ? 2.290   12.014  5.657   1.00 0.61 ? 28  ASP A CG   1 
ATOM 354  O OD1  . ASP A 1 28  ? 3.258   12.758  5.590   1.00 1.34 ? 28  ASP A OD1  1 
ATOM 355  O OD2  . ASP A 1 28  ? 1.521   11.975  6.606   1.00 1.13 ? 28  ASP A OD2  1 
ATOM 356  H H    . ASP A 1 28  ? -0.085  11.769  3.528   1.00 0.45 ? 28  ASP A H    1 
ATOM 357  H HA   . ASP A 1 28  ? 2.639   12.707  3.222   1.00 0.44 ? 28  ASP A HA   1 
ATOM 358  H HB2  . ASP A 1 28  ? 1.061   10.606  4.629   1.00 0.54 ? 28  ASP A HB2  1 
ATOM 359  H HB3  . ASP A 1 28  ? 2.766   10.315  4.451   1.00 0.55 ? 28  ASP A HB3  1 
ATOM 360  N N    . MET A 1 29  ? 1.386   10.310  1.424   1.00 0.35 ? 29  MET A N    1 
ATOM 361  C CA   . MET A 1 29  ? 1.528   9.474   0.218   1.00 0.33 ? 29  MET A CA   1 
ATOM 362  C C    . MET A 1 29  ? 1.809   10.374  -0.988  1.00 0.29 ? 29  MET A C    1 
ATOM 363  O O    . MET A 1 29  ? 2.437   9.972   -1.930  1.00 0.32 ? 29  MET A O    1 
ATOM 364  C CB   . MET A 1 29  ? 0.162   8.822   0.119   1.00 0.33 ? 29  MET A CB   1 
ATOM 365  C CG   . MET A 1 29  ? 0.339   7.296   0.154   1.00 0.47 ? 29  MET A CG   1 
ATOM 366  S SD   . MET A 1 29  ? 0.657   6.773   1.857   1.00 1.18 ? 29  MET A SD   1 
ATOM 367  C CE   . MET A 1 29  ? 2.427   6.440   1.692   1.00 1.46 ? 29  MET A CE   1 
ATOM 368  H H    . MET A 1 29  ? 0.495   10.425  1.799   1.00 0.37 ? 29  MET A H    1 
ATOM 369  H HA   . MET A 1 29  ? 2.295   8.728   0.322   1.00 0.37 ? 29  MET A HA   1 
ATOM 370  H HB2  . MET A 1 29  ? -0.461  9.146   0.956   1.00 0.33 ? 29  MET A HB2  1 
ATOM 371  H HB3  . MET A 1 29  ? -0.301  9.131   -0.792  1.00 0.29 ? 29  MET A HB3  1 
ATOM 372  H HG2  . MET A 1 29  ? -0.556  6.814   -0.202  1.00 0.98 ? 29  MET A HG2  1 
ATOM 373  H HG3  . MET A 1 29  ? 1.174   7.014   -0.472  1.00 0.91 ? 29  MET A HG3  1 
ATOM 374  H HE1  . MET A 1 29  ? 2.851   7.091   0.940   1.00 1.89 ? 29  MET A HE1  1 
ATOM 375  H HE2  . MET A 1 29  ? 2.915   6.619   2.635   1.00 1.98 ? 29  MET A HE2  1 
ATOM 376  H HE3  . MET A 1 29  ? 2.573   5.408   1.403   1.00 1.90 ? 29  MET A HE3  1 
ATOM 377  N N    . GLU A 1 30  ? 1.392   11.612  -0.916  1.00 0.27 ? 30  GLU A N    1 
ATOM 378  C CA   . GLU A 1 30  ? 1.680   12.593  -2.015  1.00 0.29 ? 30  GLU A CA   1 
ATOM 379  C C    . GLU A 1 30  ? 3.163   12.984  -1.946  1.00 0.31 ? 30  GLU A C    1 
ATOM 380  O O    . GLU A 1 30  ? 3.741   13.528  -2.870  1.00 0.35 ? 30  GLU A O    1 
ATOM 381  C CB   . GLU A 1 30  ? 0.735   13.790  -1.752  1.00 0.31 ? 30  GLU A CB   1 
ATOM 382  C CG   . GLU A 1 30  ? 1.493   15.126  -1.827  1.00 1.24 ? 30  GLU A CG   1 
ATOM 383  C CD   . GLU A 1 30  ? 0.618   16.260  -1.280  1.00 1.57 ? 30  GLU A CD   1 
ATOM 384  O OE1  . GLU A 1 30  ? -0.298  16.671  -1.975  1.00 2.26 ? 30  GLU A OE1  1 
ATOM 385  O OE2  . GLU A 1 30  ? 0.887   16.706  -0.177  1.00 1.93 ? 30  GLU A OE2  1 
ATOM 386  H H    . GLU A 1 30  ? 0.936   11.905  -0.120  1.00 0.28 ? 30  GLU A H    1 
ATOM 387  H HA   . GLU A 1 30  ? 1.473   12.150  -2.958  1.00 0.31 ? 30  GLU A HA   1 
ATOM 388  H HB2  . GLU A 1 30  ? -0.050  13.790  -2.495  1.00 0.82 ? 30  GLU A HB2  1 
ATOM 389  H HB3  . GLU A 1 30  ? 0.294   13.687  -0.772  1.00 0.79 ? 30  GLU A HB3  1 
ATOM 390  H HG2  . GLU A 1 30  ? 2.397   15.062  -1.239  1.00 1.78 ? 30  GLU A HG2  1 
ATOM 391  H HG3  . GLU A 1 30  ? 1.747   15.336  -2.856  1.00 1.93 ? 30  GLU A HG3  1 
ATOM 392  N N    . LYS A 1 31  ? 3.780   12.631  -0.860  1.00 0.31 ? 31  LYS A N    1 
ATOM 393  C CA   . LYS A 1 31  ? 5.236   12.874  -0.673  1.00 0.36 ? 31  LYS A CA   1 
ATOM 394  C C    . LYS A 1 31  ? 5.961   11.655  -1.237  1.00 0.39 ? 31  LYS A C    1 
ATOM 395  O O    . LYS A 1 31  ? 7.021   11.755  -1.829  1.00 0.43 ? 31  LYS A O    1 
ATOM 396  C CB   . LYS A 1 31  ? 5.443   12.989  0.841   1.00 0.37 ? 31  LYS A CB   1 
ATOM 397  C CG   . LYS A 1 31  ? 6.165   14.298  1.177   1.00 0.78 ? 31  LYS A CG   1 
ATOM 398  C CD   . LYS A 1 31  ? 6.458   14.333  2.682   1.00 1.45 ? 31  LYS A CD   1 
ATOM 399  C CE   . LYS A 1 31  ? 7.474   15.439  2.997   1.00 2.13 ? 31  LYS A CE   1 
ATOM 400  N NZ   . LYS A 1 31  ? 6.656   16.642  3.338   1.00 3.03 ? 31  LYS A NZ   1 
ATOM 401  H H    . LYS A 1 31  ? 3.283   12.146  -0.186  1.00 0.30 ? 31  LYS A H    1 
ATOM 402  H HA   . LYS A 1 31  ? 5.543   13.774  -1.176  1.00 0.38 ? 31  LYS A HA   1 
ATOM 403  H HB2  . LYS A 1 31  ? 4.483   12.971  1.336   1.00 0.53 ? 31  LYS A HB2  1 
ATOM 404  H HB3  . LYS A 1 31  ? 6.038   12.156  1.183   1.00 0.70 ? 31  LYS A HB3  1 
ATOM 405  H HG2  . LYS A 1 31  ? 7.091   14.351  0.621   1.00 1.46 ? 31  LYS A HG2  1 
ATOM 406  H HG3  . LYS A 1 31  ? 5.536   15.135  0.912   1.00 1.31 ? 31  LYS A HG3  1 
ATOM 407  H HD2  . LYS A 1 31  ? 5.542   14.519  3.223   1.00 1.95 ? 31  LYS A HD2  1 
ATOM 408  H HD3  . LYS A 1 31  ? 6.866   13.381  2.988   1.00 2.01 ? 31  LYS A HD3  1 
ATOM 409  H HE2  . LYS A 1 31  ? 8.089   15.148  3.840   1.00 2.56 ? 31  LYS A HE2  1 
ATOM 410  H HE3  . LYS A 1 31  ? 8.092   15.640  2.134   1.00 2.36 ? 31  LYS A HE3  1 
ATOM 411  H HZ1  . LYS A 1 31  ? 6.010   16.416  4.121   1.00 3.37 ? 31  LYS A HZ1  1 
ATOM 412  H HZ2  . LYS A 1 31  ? 7.288   17.421  3.624   1.00 3.34 ? 31  LYS A HZ2  1 
ATOM 413  H HZ3  . LYS A 1 31  ? 6.101   16.932  2.508   1.00 3.56 ? 31  LYS A HZ3  1 
ATOM 414  N N    . ALA A 1 32  ? 5.343   10.500  -1.103  1.00 0.38 ? 32  ALA A N    1 
ATOM 415  C CA   . ALA A 1 32  ? 5.934   9.259   -1.687  1.00 0.42 ? 32  ALA A CA   1 
ATOM 416  C C    . ALA A 1 32  ? 5.470   9.211   -3.141  1.00 0.39 ? 32  ALA A C    1 
ATOM 417  O O    . ALA A 1 32  ? 6.260   9.235   -4.066  1.00 0.42 ? 32  ALA A O    1 
ATOM 418  C CB   . ALA A 1 32  ? 5.361   8.097   -0.868  1.00 0.43 ? 32  ALA A CB   1 
ATOM 419  H H    . ALA A 1 32  ? 4.455   10.468  -0.660  1.00 0.36 ? 32  ALA A H    1 
ATOM 420  H HA   . ALA A 1 32  ? 7.009   9.282   -1.628  1.00 0.47 ? 32  ALA A HA   1 
ATOM 421  H HB1  . ALA A 1 32  ? 4.300   8.244   -0.723  1.00 1.08 ? 32  ALA A HB1  1 
ATOM 422  H HB2  . ALA A 1 32  ? 5.525   7.168   -1.396  1.00 1.16 ? 32  ALA A HB2  1 
ATOM 423  H HB3  . ALA A 1 32  ? 5.852   8.056   0.093   1.00 1.02 ? 32  ALA A HB3  1 
ATOM 424  N N    . GLY A 1 33  ? 4.177   9.207   -3.330  1.00 0.35 ? 33  GLY A N    1 
ATOM 425  C CA   . GLY A 1 33  ? 3.598   9.238   -4.709  1.00 0.33 ? 33  GLY A CA   1 
ATOM 426  C C    . GLY A 1 33  ? 2.732   8.013   -4.958  1.00 0.28 ? 33  GLY A C    1 
ATOM 427  O O    . GLY A 1 33  ? 1.535   7.995   -4.681  1.00 0.25 ? 33  GLY A O    1 
ATOM 428  H H    . GLY A 1 33  ? 3.570   9.223   -2.538  1.00 0.34 ? 33  GLY A H    1 
ATOM 429  H HA2  . GLY A 1 33  ? 2.997   10.127  -4.821  1.00 0.32 ? 33  GLY A HA2  1 
ATOM 430  H HA3  . GLY A 1 33  ? 4.398   9.258   -5.433  1.00 0.38 ? 33  GLY A HA3  1 
ATOM 431  N N    . THR A 1 34  ? 3.346   6.982   -5.457  1.00 0.28 ? 34  THR A N    1 
ATOM 432  C CA   . THR A 1 34  ? 2.620   5.723   -5.727  1.00 0.26 ? 34  THR A CA   1 
ATOM 433  C C    . THR A 1 34  ? 3.297   4.642   -4.890  1.00 0.28 ? 34  THR A C    1 
ATOM 434  O O    . THR A 1 34  ? 3.245   3.490   -5.226  1.00 0.31 ? 34  THR A O    1 
ATOM 435  C CB   . THR A 1 34  ? 2.825   5.476   -7.256  1.00 0.28 ? 34  THR A CB   1 
ATOM 436  O OG1  . THR A 1 34  ? 1.591   5.624   -7.937  1.00 0.69 ? 34  THR A OG1  1 
ATOM 437  C CG2  . THR A 1 34  ? 3.381   4.060   -7.548  1.00 0.59 ? 34  THR A CG2  1 
ATOM 438  H H    . THR A 1 34  ? 4.316   7.023   -5.629  1.00 0.31 ? 34  THR A H    1 
ATOM 439  H HA   . THR A 1 34  ? 1.566   5.827   -5.483  1.00 0.23 ? 34  THR A HA   1 
ATOM 440  H HB   . THR A 1 34  ? 3.522   6.208   -7.634  1.00 0.47 ? 34  THR A HB   1 
ATOM 441  H HG1  . THR A 1 34  ? 1.425   6.568   -8.050  1.00 1.05 ? 34  THR A HG1  1 
ATOM 442  H HG21 . THR A 1 34  ? 4.259   3.877   -6.941  1.00 1.23 ? 34  THR A HG21 1 
ATOM 443  H HG22 . THR A 1 34  ? 2.627   3.320   -7.307  1.00 1.20 ? 34  THR A HG22 1 
ATOM 444  H HG23 . THR A 1 34  ? 3.643   3.971   -8.587  1.00 1.27 ? 34  THR A HG23 1 
ATOM 445  N N    . ASP A 1 35  ? 3.960   5.015   -3.803  1.00 0.28 ? 35  ASP A N    1 
ATOM 446  C CA   . ASP A 1 35  ? 4.689   4.005   -2.999  1.00 0.31 ? 35  ASP A CA   1 
ATOM 447  C C    . ASP A 1 35  ? 5.188   2.949   -3.989  1.00 0.38 ? 35  ASP A C    1 
ATOM 448  O O    . ASP A 1 35  ? 4.926   1.766   -3.864  1.00 0.43 ? 35  ASP A O    1 
ATOM 449  C CB   . ASP A 1 35  ? 3.648   3.466   -2.038  1.00 0.32 ? 35  ASP A CB   1 
ATOM 450  C CG   . ASP A 1 35  ? 3.683   4.222   -0.709  1.00 0.60 ? 35  ASP A CG   1 
ATOM 451  O OD1  . ASP A 1 35  ? 3.810   5.432   -0.737  1.00 1.36 ? 35  ASP A OD1  1 
ATOM 452  O OD2  . ASP A 1 35  ? 3.571   3.576   0.320   1.00 1.35 ? 35  ASP A OD2  1 
ATOM 453  H H    . ASP A 1 35  ? 3.988   5.939   -3.541  1.00 0.27 ? 35  ASP A H    1 
ATOM 454  H HA   . ASP A 1 35  ? 5.505   4.465   -2.464  1.00 0.34 ? 35  ASP A HA   1 
ATOM 455  H HB2  . ASP A 1 35  ? 2.683   3.596   -2.484  1.00 0.66 ? 35  ASP A HB2  1 
ATOM 456  H HB3  . ASP A 1 35  ? 3.830   2.434   -1.871  1.00 0.66 ? 35  ASP A HB3  1 
ATOM 457  N N    . GLY A 1 36  ? 5.797   3.437   -5.056  1.00 0.42 ? 36  GLY A N    1 
ATOM 458  C CA   . GLY A 1 36  ? 6.238   2.569   -6.182  1.00 0.51 ? 36  GLY A CA   1 
ATOM 459  C C    . GLY A 1 36  ? 7.274   1.567   -5.728  1.00 0.48 ? 36  GLY A C    1 
ATOM 460  O O    . GLY A 1 36  ? 8.442   1.702   -6.028  1.00 0.52 ? 36  GLY A O    1 
ATOM 461  H H    . GLY A 1 36  ? 5.892   4.408   -5.142  1.00 0.40 ? 36  GLY A H    1 
ATOM 462  H HA2  . GLY A 1 36  ? 5.382   2.048   -6.578  1.00 0.55 ? 36  GLY A HA2  1 
ATOM 463  H HA3  . GLY A 1 36  ? 6.663   3.191   -6.953  1.00 0.59 ? 36  GLY A HA3  1 
ATOM 464  N N    . VAL A 1 37  ? 6.867   0.569   -5.001  1.00 0.44 ? 37  VAL A N    1 
ATOM 465  C CA   . VAL A 1 37  ? 7.847   -0.436  -4.520  1.00 0.44 ? 37  VAL A CA   1 
ATOM 466  C C    . VAL A 1 37  ? 7.119   -1.715  -4.075  1.00 0.43 ? 37  VAL A C    1 
ATOM 467  O O    . VAL A 1 37  ? 5.999   -1.983  -4.478  1.00 0.55 ? 37  VAL A O    1 
ATOM 468  C CB   . VAL A 1 37  ? 8.573   0.233   -3.336  1.00 0.45 ? 37  VAL A CB   1 
ATOM 469  C CG1  . VAL A 1 37  ? 9.977   0.681   -3.750  1.00 0.59 ? 37  VAL A CG1  1 
ATOM 470  C CG2  . VAL A 1 37  ? 7.785   1.461   -2.820  1.00 0.42 ? 37  VAL A CG2  1 
ATOM 471  H H    . VAL A 1 37  ? 5.913   0.481   -4.760  1.00 0.44 ? 37  VAL A H    1 
ATOM 472  H HA   . VAL A 1 37  ? 8.555   -0.667  -5.298  1.00 0.48 ? 37  VAL A HA   1 
ATOM 473  H HB   . VAL A 1 37  ? 8.665   -0.493  -2.563  1.00 0.45 ? 37  VAL A HB   1 
ATOM 474  H HG11 . VAL A 1 37  ? 9.910   1.367   -4.580  1.00 1.16 ? 37  VAL A HG11 1 
ATOM 475  H HG12 . VAL A 1 37  ? 10.458  1.173   -2.917  1.00 1.20 ? 37  VAL A HG12 1 
ATOM 476  H HG13 . VAL A 1 37  ? 10.561  -0.180  -4.043  1.00 1.17 ? 37  VAL A HG13 1 
ATOM 477  H HG21 . VAL A 1 37  ? 6.726   1.245   -2.824  1.00 1.13 ? 37  VAL A HG21 1 
ATOM 478  H HG22 . VAL A 1 37  ? 8.095   1.703   -1.817  1.00 1.11 ? 37  VAL A HG22 1 
ATOM 479  H HG23 . VAL A 1 37  ? 7.974   2.311   -3.465  1.00 1.05 ? 37  VAL A HG23 1 
ATOM 480  N N    . LYS A 1 38  ? 7.747   -2.508  -3.243  1.00 0.56 ? 38  LYS A N    1 
ATOM 481  C CA   . LYS A 1 38  ? 7.102   -3.768  -2.773  1.00 0.58 ? 38  LYS A CA   1 
ATOM 482  C C    . LYS A 1 38  ? 6.252   -3.506  -1.517  1.00 0.58 ? 38  LYS A C    1 
ATOM 483  O O    . LYS A 1 38  ? 6.786   -3.303  -0.443  1.00 0.71 ? 38  LYS A O    1 
ATOM 484  C CB   . LYS A 1 38  ? 8.274   -4.709  -2.450  1.00 0.60 ? 38  LYS A CB   1 
ATOM 485  C CG   . LYS A 1 38  ? 7.757   -5.986  -1.773  1.00 1.14 ? 38  LYS A CG   1 
ATOM 486  C CD   . LYS A 1 38  ? 8.935   -6.935  -1.504  1.00 1.38 ? 38  LYS A CD   1 
ATOM 487  C CE   . LYS A 1 38  ? 9.050   -7.220  0.000   1.00 1.85 ? 38  LYS A CE   1 
ATOM 488  N NZ   . LYS A 1 38  ? 10.439  -7.746  0.187   1.00 2.38 ? 38  LYS A NZ   1 
ATOM 489  H H    . LYS A 1 38  ? 8.646   -2.276  -2.932  1.00 0.76 ? 38  LYS A H    1 
ATOM 490  H HA   . LYS A 1 38  ? 6.505   -4.188  -3.557  1.00 0.61 ? 38  LYS A HA   1 
ATOM 491  H HB2  . LYS A 1 38  ? 8.785   -4.970  -3.365  1.00 0.92 ? 38  LYS A HB2  1 
ATOM 492  H HB3  . LYS A 1 38  ? 8.963   -4.207  -1.786  1.00 0.88 ? 38  LYS A HB3  1 
ATOM 493  H HG2  . LYS A 1 38  ? 7.276   -5.727  -0.840  1.00 1.55 ? 38  LYS A HG2  1 
ATOM 494  H HG3  . LYS A 1 38  ? 7.045   -6.473  -2.422  1.00 1.56 ? 38  LYS A HG3  1 
ATOM 495  H HD2  . LYS A 1 38  ? 8.772   -7.863  -2.033  1.00 1.56 ? 38  LYS A HD2  1 
ATOM 496  H HD3  . LYS A 1 38  ? 9.849   -6.479  -1.852  1.00 1.81 ? 38  LYS A HD3  1 
ATOM 497  H HE2  . LYS A 1 38  ? 8.908   -6.308  0.567   1.00 2.21 ? 38  LYS A HE2  1 
ATOM 498  H HE3  . LYS A 1 38  ? 8.327   -7.965  0.300   1.00 2.23 ? 38  LYS A HE3  1 
ATOM 499  H HZ1  . LYS A 1 38  ? 10.661  -8.420  -0.575  1.00 2.70 ? 38  LYS A HZ1  1 
ATOM 500  H HZ2  . LYS A 1 38  ? 11.117  -6.959  0.156   1.00 2.73 ? 38  LYS A HZ2  1 
ATOM 501  H HZ3  . LYS A 1 38  ? 10.510  -8.230  1.110   1.00 2.76 ? 38  LYS A HZ3  1 
ATOM 502  N N    . LEU A 1 39  ? 4.937   -3.502  -1.633  1.00 0.48 ? 39  LEU A N    1 
ATOM 503  C CA   . LEU A 1 39  ? 4.089   -3.255  -0.414  1.00 0.51 ? 39  LEU A CA   1 
ATOM 504  C C    . LEU A 1 39  ? 3.628   -4.584  0.233   1.00 0.59 ? 39  LEU A C    1 
ATOM 505  O O    . LEU A 1 39  ? 2.723   -5.231  -0.257  1.00 0.72 ? 39  LEU A O    1 
ATOM 506  C CB   . LEU A 1 39  ? 2.884   -2.463  -0.912  1.00 0.54 ? 39  LEU A CB   1 
ATOM 507  C CG   . LEU A 1 39  ? 2.210   -1.785  0.277   1.00 0.76 ? 39  LEU A CG   1 
ATOM 508  C CD1  . LEU A 1 39  ? 2.419   -0.276  0.189   1.00 1.34 ? 39  LEU A CD1  1 
ATOM 509  C CD2  . LEU A 1 39  ? 0.715   -2.096  0.263   1.00 1.21 ? 39  LEU A CD2  1 
ATOM 510  H H    . LEU A 1 39  ? 4.509   -3.652  -2.514  1.00 0.44 ? 39  LEU A H    1 
ATOM 511  H HA   . LEU A 1 39  ? 4.636   -2.665  0.304   1.00 0.55 ? 39  LEU A HA   1 
ATOM 512  H HB2  . LEU A 1 39  ? 3.210   -1.716  -1.624  1.00 0.61 ? 39  LEU A HB2  1 
ATOM 513  H HB3  . LEU A 1 39  ? 2.184   -3.133  -1.384  1.00 0.61 ? 39  LEU A HB3  1 
ATOM 514  H HG   . LEU A 1 39  ? 2.645   -2.154  1.195   1.00 1.05 ? 39  LEU A HG   1 
ATOM 515  H HD11 . LEU A 1 39  ? 2.289   0.048   -0.833  1.00 1.93 ? 39  LEU A HD11 1 
ATOM 516  H HD12 . LEU A 1 39  ? 1.700   0.225   0.820   1.00 1.78 ? 39  LEU A HD12 1 
ATOM 517  H HD13 . LEU A 1 39  ? 3.418   -0.031  0.520   1.00 1.76 ? 39  LEU A HD13 1 
ATOM 518  H HD21 . LEU A 1 39  ? 0.484   -2.716  -0.591  1.00 1.73 ? 39  LEU A HD21 1 
ATOM 519  H HD22 . LEU A 1 39  ? 0.451   -2.620  1.170   1.00 1.69 ? 39  LEU A HD22 1 
ATOM 520  H HD23 . LEU A 1 39  ? 0.156   -1.175  0.203   1.00 1.73 ? 39  LEU A HD23 1 
ATOM 521  N N    . PRO A 1 40  ? 4.271   -4.941  1.326   1.00 0.62 ? 40  PRO A N    1 
ATOM 522  C CA   . PRO A 1 40  ? 3.931   -6.206  2.058   1.00 0.78 ? 40  PRO A CA   1 
ATOM 523  C C    . PRO A 1 40  ? 2.587   -6.120  2.799   1.00 0.72 ? 40  PRO A C    1 
ATOM 524  O O    . PRO A 1 40  ? 1.806   -5.215  2.597   1.00 0.69 ? 40  PRO A O    1 
ATOM 525  C CB   . PRO A 1 40  ? 5.053   -6.335  3.080   1.00 0.86 ? 40  PRO A CB   1 
ATOM 526  C CG   . PRO A 1 40  ? 5.555   -4.942  3.285   1.00 0.76 ? 40  PRO A CG   1 
ATOM 527  C CD   . PRO A 1 40  ? 5.366   -4.212  1.983   1.00 0.63 ? 40  PRO A CD   1 
ATOM 528  H HA   . PRO A 1 40  ? 3.946   -7.050  1.389   1.00 0.99 ? 40  PRO A HA   1 
ATOM 529  H HB2  . PRO A 1 40  ? 4.661   -6.734  4.009   1.00 0.88 ? 40  PRO A HB2  1 
ATOM 530  H HB3  . PRO A 1 40  ? 5.836   -6.962  2.700   1.00 1.07 ? 40  PRO A HB3  1 
ATOM 531  H HG2  . PRO A 1 40  ? 4.988   -4.457  4.068   1.00 0.71 ? 40  PRO A HG2  1 
ATOM 532  H HG3  . PRO A 1 40  ? 6.603   -4.958  3.542   1.00 0.97 ? 40  PRO A HG3  1 
ATOM 533  H HD2  . PRO A 1 40  ? 5.088   -3.182  2.162   1.00 0.61 ? 40  PRO A HD2  1 
ATOM 534  H HD3  . PRO A 1 40  ? 6.261   -4.268  1.383   1.00 0.69 ? 40  PRO A HD3  1 
ATOM 535  N N    . ALA A 1 41  ? 2.335   -7.063  3.684   1.00 0.81 ? 41  ALA A N    1 
ATOM 536  C CA   . ALA A 1 41  ? 1.065   -7.038  4.475   1.00 0.87 ? 41  ALA A CA   1 
ATOM 537  C C    . ALA A 1 41  ? 1.266   -7.648  5.872   1.00 0.80 ? 41  ALA A C    1 
ATOM 538  O O    . ALA A 1 41  ? 0.769   -7.130  6.854   1.00 0.76 ? 41  ALA A O    1 
ATOM 539  C CB   . ALA A 1 41  ? 0.052   -7.859  3.681   1.00 1.23 ? 41  ALA A CB   1 
ATOM 540  H H    . ALA A 1 41  ? 2.993   -7.769  3.839   1.00 0.89 ? 41  ALA A H    1 
ATOM 541  H HA   . ALA A 1 41  ? 0.727   -6.023  4.564   1.00 0.83 ? 41  ALA A HA   1 
ATOM 542  H HB1  . ALA A 1 41  ? 0.522   -8.766  3.329   1.00 1.66 ? 41  ALA A HB1  1 
ATOM 543  H HB2  . ALA A 1 41  ? -0.780  -8.111  4.315   1.00 1.66 ? 41  ALA A HB2  1 
ATOM 544  H HB3  . ALA A 1 41  ? -0.300  -7.282  2.839   1.00 1.65 ? 41  ALA A HB3  1 
ATOM 545  N N    . SER A 1 42  ? 1.988   -8.744  5.969   1.00 0.90 ? 42  SER A N    1 
ATOM 546  C CA   . SER A 1 42  ? 2.228   -9.378  7.308   1.00 0.91 ? 42  SER A CA   1 
ATOM 547  C C    . SER A 1 42  ? 2.827   -8.330  8.254   1.00 0.76 ? 42  SER A C    1 
ATOM 548  O O    . SER A 1 42  ? 3.989   -7.975  8.144   1.00 1.56 ? 42  SER A O    1 
ATOM 549  C CB   . SER A 1 42  ? 3.224   -10.516 7.048   1.00 1.07 ? 42  SER A CB   1 
ATOM 550  O OG   . SER A 1 42  ? 4.240   -10.067 6.152   1.00 1.66 ? 42  SER A OG   1 
ATOM 551  H H    . SER A 1 42  ? 2.380   -9.145  5.165   1.00 1.02 ? 42  SER A H    1 
ATOM 552  H HA   . SER A 1 42  ? 1.308   -9.772  7.711   1.00 1.03 ? 42  SER A HA   1 
ATOM 553  H HB2  . SER A 1 42  ? 3.679   -10.820 7.977   1.00 1.49 ? 42  SER A HB2  1 
ATOM 554  H HB3  . SER A 1 42  ? 2.698   -11.359 6.617   1.00 1.31 ? 42  SER A HB3  1 
ATOM 555  H HG   . SER A 1 42  ? 4.827   -9.477  6.638   1.00 2.04 ? 42  SER A HG   1 
ATOM 556  N N    . ALA A 1 43  ? 2.021   -7.796  9.143   1.00 0.60 ? 43  ALA A N    1 
ATOM 557  C CA   . ALA A 1 43  ? 2.503   -6.722  10.068  1.00 0.49 ? 43  ALA A CA   1 
ATOM 558  C C    . ALA A 1 43  ? 2.922   -5.498  9.231   1.00 0.44 ? 43  ALA A C    1 
ATOM 559  O O    . ALA A 1 43  ? 3.957   -4.894  9.453   1.00 0.50 ? 43  ALA A O    1 
ATOM 560  C CB   . ALA A 1 43  ? 3.688   -7.320  10.843  1.00 0.61 ? 43  ALA A CB   1 
ATOM 561  H H    . ALA A 1 43  ? 1.081   -8.075  9.173   1.00 1.26 ? 43  ALA A H    1 
ATOM 562  H HA   . ALA A 1 43  ? 1.716   -6.446  10.755  1.00 0.58 ? 43  ALA A HA   1 
ATOM 563  H HB1  . ALA A 1 43  ? 4.174   -8.072  10.242  1.00 1.11 ? 43  ALA A HB1  1 
ATOM 564  H HB2  . ALA A 1 43  ? 4.394   -6.537  11.080  1.00 1.33 ? 43  ALA A HB2  1 
ATOM 565  H HB3  . ALA A 1 43  ? 3.331   -7.769  11.757  1.00 1.09 ? 43  ALA A HB3  1 
ATOM 566  N N    . ARG A 1 44  ? 2.104   -5.139  8.261   1.00 0.39 ? 44  ARG A N    1 
ATOM 567  C CA   . ARG A 1 44  ? 2.402   -3.963  7.380   1.00 0.40 ? 44  ARG A CA   1 
ATOM 568  C C    . ARG A 1 44  ? 1.249   -3.752  6.371   1.00 0.34 ? 44  ARG A C    1 
ATOM 569  O O    . ARG A 1 44  ? 1.448   -3.770  5.170   1.00 0.38 ? 44  ARG A O    1 
ATOM 570  C CB   . ARG A 1 44  ? 3.714   -4.312  6.659   1.00 0.48 ? 44  ARG A CB   1 
ATOM 571  C CG   . ARG A 1 44  ? 4.623   -3.077  6.635   1.00 0.62 ? 44  ARG A CG   1 
ATOM 572  C CD   . ARG A 1 44  ? 5.887   -3.339  7.464   1.00 1.17 ? 44  ARG A CD   1 
ATOM 573  N NE   . ARG A 1 44  ? 6.938   -2.451  6.870   1.00 1.46 ? 44  ARG A NE   1 
ATOM 574  C CZ   . ARG A 1 44  ? 8.202   -2.710  7.052   1.00 2.08 ? 44  ARG A CZ   1 
ATOM 575  N NH1  . ARG A 1 44  ? 8.753   -2.476  8.204   1.00 2.54 ? 44  ARG A NH1  1 
ATOM 576  N NH2  . ARG A 1 44  ? 8.908   -3.187  6.074   1.00 2.87 ? 44  ARG A NH2  1 
ATOM 577  H H    . ARG A 1 44  ? 1.282   -5.651  8.113   1.00 0.39 ? 44  ARG A H    1 
ATOM 578  H HA   . ARG A 1 44  ? 2.538   -3.074  7.978   1.00 0.43 ? 44  ARG A HA   1 
ATOM 579  H HB2  . ARG A 1 44  ? 4.210   -5.117  7.181   1.00 0.60 ? 44  ARG A HB2  1 
ATOM 580  H HB3  . ARG A 1 44  ? 3.498   -4.618  5.647   1.00 0.46 ? 44  ARG A HB3  1 
ATOM 581  H HG2  . ARG A 1 44  ? 4.900   -2.858  5.615   1.00 0.91 ? 44  ARG A HG2  1 
ATOM 582  H HG3  . ARG A 1 44  ? 4.091   -2.234  7.051   1.00 0.97 ? 44  ARG A HG3  1 
ATOM 583  H HD2  . ARG A 1 44  ? 5.712   -3.077  8.501   1.00 1.63 ? 44  ARG A HD2  1 
ATOM 584  H HD3  . ARG A 1 44  ? 6.183   -4.374  7.382   1.00 1.63 ? 44  ARG A HD3  1 
ATOM 585  H HE   . ARG A 1 44  ? 6.676   -1.665  6.343   1.00 1.72 ? 44  ARG A HE   1 
ATOM 586  H HH11 . ARG A 1 44  ? 8.207   -2.098  8.950   1.00 2.66 ? 44  ARG A HH11 1 
ATOM 587  H HH12 . ARG A 1 44  ? 9.720   -2.676  8.346   1.00 3.17 ? 44  ARG A HH12 1 
ATOM 588  H HH21 . ARG A 1 44  ? 8.479   -3.352  5.188   1.00 3.09 ? 44  ARG A HH21 1 
ATOM 589  H HH22 . ARG A 1 44  ? 9.877   -3.391  6.203   1.00 3.54 ? 44  ARG A HH22 1 
ATOM 590  N N    . SER A 1 45  ? 0.049   -3.532  6.863   1.00 0.29 ? 45  SER A N    1 
ATOM 591  C CA   . SER A 1 45  ? -1.125  -3.295  5.945   1.00 0.24 ? 45  SER A CA   1 
ATOM 592  C C    . SER A 1 45  ? -1.650  -1.869  6.171   1.00 0.24 ? 45  SER A C    1 
ATOM 593  O O    . SER A 1 45  ? -0.866  -0.993  6.470   1.00 0.27 ? 45  SER A O    1 
ATOM 594  C CB   . SER A 1 45  ? -2.163  -4.355  6.317   1.00 0.25 ? 45  SER A CB   1 
ATOM 595  O OG   . SER A 1 45  ? -2.471  -5.142  5.168   1.00 1.22 ? 45  SER A OG   1 
ATOM 596  H H    . SER A 1 45  ? -0.078  -3.500  7.840   1.00 0.33 ? 45  SER A H    1 
ATOM 597  H HA   . SER A 1 45  ? -0.822  -3.418  4.916   1.00 0.24 ? 45  SER A HA   1 
ATOM 598  H HB2  . SER A 1 45  ? -1.765  -4.995  7.086   1.00 0.92 ? 45  SER A HB2  1 
ATOM 599  H HB3  . SER A 1 45  ? -3.057  -3.871  6.686   1.00 0.99 ? 45  SER A HB3  1 
ATOM 600  H HG   . SER A 1 45  ? -3.130  -4.656  4.635   1.00 1.63 ? 45  SER A HG   1 
ATOM 601  N N    . PHE A 1 46  ? -2.949  -1.607  6.072   1.00 0.23 ? 46  PHE A N    1 
ATOM 602  C CA   . PHE A 1 46  ? -3.444  -0.210  6.323   1.00 0.24 ? 46  PHE A CA   1 
ATOM 603  C C    . PHE A 1 46  ? -4.919  -0.053  5.963   1.00 0.21 ? 46  PHE A C    1 
ATOM 604  O O    . PHE A 1 46  ? -5.537  -0.932  5.393   1.00 0.24 ? 46  PHE A O    1 
ATOM 605  C CB   . PHE A 1 46  ? -2.608  0.767   5.466   1.00 0.24 ? 46  PHE A CB   1 
ATOM 606  C CG   . PHE A 1 46  ? -2.690  0.457   3.987   1.00 0.21 ? 46  PHE A CG   1 
ATOM 607  C CD1  . PHE A 1 46  ? -1.814  -0.471  3.415   1.00 1.22 ? 46  PHE A CD1  1 
ATOM 608  C CD2  . PHE A 1 46  ? -3.616  1.132   3.185   1.00 1.19 ? 46  PHE A CD2  1 
ATOM 609  C CE1  . PHE A 1 46  ? -1.868  -0.728  2.043   1.00 1.21 ? 46  PHE A CE1  1 
ATOM 610  C CE2  . PHE A 1 46  ? -3.665  0.881   1.811   1.00 1.20 ? 46  PHE A CE2  1 
ATOM 611  C CZ   . PHE A 1 46  ? -2.791  -0.052  1.240   1.00 0.24 ? 46  PHE A CZ   1 
ATOM 612  H H    . PHE A 1 46  ? -3.603  -2.323  5.872   1.00 0.24 ? 46  PHE A H    1 
ATOM 613  H HA   . PHE A 1 46  ? -3.301  0.025   7.359   1.00 0.26 ? 46  PHE A HA   1 
ATOM 614  H HB2  . PHE A 1 46  ? -2.974  1.767   5.624   1.00 0.27 ? 46  PHE A HB2  1 
ATOM 615  H HB3  . PHE A 1 46  ? -1.586  0.723   5.773   1.00 0.27 ? 46  PHE A HB3  1 
ATOM 616  H HD1  . PHE A 1 46  ? -1.099  -0.994  4.033   1.00 2.13 ? 46  PHE A HD1  1 
ATOM 617  H HD2  . PHE A 1 46  ? -4.294  1.849   3.626   1.00 2.10 ? 46  PHE A HD2  1 
ATOM 618  H HE1  . PHE A 1 46  ? -1.194  -1.447  1.602   1.00 2.12 ? 46  PHE A HE1  1 
ATOM 619  H HE2  . PHE A 1 46  ? -4.380  1.402   1.189   1.00 2.11 ? 46  PHE A HE2  1 
ATOM 620  H HZ   . PHE A 1 46  ? -2.826  -0.245  0.179   1.00 0.27 ? 46  PHE A HZ   1 
ATOM 621  N N    . ALA A 1 47  ? -5.465  1.092   6.265   1.00 0.19 ? 47  ALA A N    1 
ATOM 622  C CA   . ALA A 1 47  ? -6.891  1.363   5.911   1.00 0.19 ? 47  ALA A CA   1 
ATOM 623  C C    . ALA A 1 47  ? -6.895  2.206   4.650   1.00 0.17 ? 47  ALA A C    1 
ATOM 624  O O    . ALA A 1 47  ? -6.028  3.014   4.448   1.00 0.40 ? 47  ALA A O    1 
ATOM 625  C CB   . ALA A 1 47  ? -7.496  2.135   7.081   1.00 0.25 ? 47  ALA A CB   1 
ATOM 626  H H    . ALA A 1 47  ? -4.918  1.792   6.691   1.00 0.19 ? 47  ALA A H    1 
ATOM 627  H HA   . ALA A 1 47  ? -7.427  0.441   5.750   1.00 0.21 ? 47  ALA A HA   1 
ATOM 628  H HB1  . ALA A 1 47  ? -7.368  1.569   7.990   1.00 1.02 ? 47  ALA A HB1  1 
ATOM 629  H HB2  . ALA A 1 47  ? -7.003  3.090   7.177   1.00 1.10 ? 47  ALA A HB2  1 
ATOM 630  H HB3  . ALA A 1 47  ? -8.547  2.290   6.902   1.00 0.97 ? 47  ALA A HB3  1 
ATOM 631  N N    . ASN A 1 48  ? -7.823  1.993   3.788   1.00 0.24 ? 48  ASN A N    1 
ATOM 632  C CA   . ASN A 1 48  ? -7.837  2.752   2.519   1.00 0.21 ? 48  ASN A CA   1 
ATOM 633  C C    . ASN A 1 48  ? -8.764  3.954   2.598   1.00 0.23 ? 48  ASN A C    1 
ATOM 634  O O    . ASN A 1 48  ? -9.833  3.940   2.034   1.00 0.32 ? 48  ASN A O    1 
ATOM 635  C CB   . ASN A 1 48  ? -8.373  1.760   1.492   1.00 0.30 ? 48  ASN A CB   1 
ATOM 636  C CG   . ASN A 1 48  ? -7.460  1.720   0.292   1.00 0.34 ? 48  ASN A CG   1 
ATOM 637  O OD1  . ASN A 1 48  ? -7.184  2.732   -0.314  1.00 0.36 ? 48  ASN A OD1  1 
ATOM 638  N ND2  . ASN A 1 48  ? -6.988  0.587   -0.086  1.00 0.42 ? 48  ASN A ND2  1 
ATOM 639  H H    . ASN A 1 48  ? -8.499  1.296   3.956   1.00 0.47 ? 48  ASN A H    1 
ATOM 640  H HA   . ASN A 1 48  ? -6.831  3.063   2.260   1.00 0.17 ? 48  ASN A HA   1 
ATOM 641  H HB2  . ASN A 1 48  ? -8.426  0.776   1.931   1.00 0.33 ? 48  ASN A HB2  1 
ATOM 642  H HB3  . ASN A 1 48  ? -9.357  2.068   1.173   1.00 0.36 ? 48  ASN A HB3  1 
ATOM 643  H HD21 . ASN A 1 48  ? -7.220  -0.235  0.395   1.00 0.45 ? 48  ASN A HD21 1 
ATOM 644  H HD22 . ASN A 1 48  ? -6.394  0.550   -0.839  1.00 0.50 ? 48  ASN A HD22 1 
ATOM 645  N N    . GLY A 1 49  ? -8.359  5.007   3.247   1.00 0.25 ? 49  GLY A N    1 
ATOM 646  C CA   . GLY A 1 49  ? -9.240  6.225   3.300   1.00 0.33 ? 49  GLY A CA   1 
ATOM 647  C C    . GLY A 1 49  ? -9.122  6.984   1.971   1.00 0.28 ? 49  GLY A C    1 
ATOM 648  O O    . GLY A 1 49  ? -8.927  8.183   1.953   1.00 0.33 ? 49  GLY A O    1 
ATOM 649  H H    . GLY A 1 49  ? -7.472  5.010   3.677   1.00 0.28 ? 49  GLY A H    1 
ATOM 650  H HA2  . GLY A 1 49  ? -10.267 5.927   3.458   1.00 0.39 ? 49  GLY A HA2  1 
ATOM 651  H HA3  . GLY A 1 49  ? -8.920  6.867   4.101   1.00 0.39 ? 49  GLY A HA3  1 
ATOM 652  N N    . THR A 1 50  ? -9.233  6.274   0.864   1.00 0.25 ? 50  THR A N    1 
ATOM 653  C CA   . THR A 1 50  ? -9.116  6.894   -0.503  1.00 0.21 ? 50  THR A CA   1 
ATOM 654  C C    . THR A 1 50  ? -9.146  5.784   -1.559  1.00 0.21 ? 50  THR A C    1 
ATOM 655  O O    . THR A 1 50  ? -9.413  4.637   -1.268  1.00 0.24 ? 50  THR A O    1 
ATOM 656  C CB   . THR A 1 50  ? -7.737  7.598   -0.583  1.00 0.25 ? 50  THR A CB   1 
ATOM 657  O OG1  . THR A 1 50  ? -6.862  7.114   0.431   1.00 0.36 ? 50  THR A OG1  1 
ATOM 658  C CG2  . THR A 1 50  ? -7.916  9.108   -0.431  1.00 0.38 ? 50  THR A CG2  1 
ATOM 659  H H    . THR A 1 50  ? -9.401  5.309   0.929   1.00 0.30 ? 50  THR A H    1 
ATOM 660  H HA   . THR A 1 50  ? -9.910  7.603   -0.670  1.00 0.22 ? 50  THR A HA   1 
ATOM 661  H HB   . THR A 1 50  ? -7.293  7.397   -1.554  1.00 0.21 ? 50  THR A HB   1 
ATOM 662  H HG1  . THR A 1 50  ? -6.561  6.237   0.175   1.00 0.85 ? 50  THR A HG1  1 
ATOM 663  H HG21 . THR A 1 50  ? -8.920  9.384   -0.715  1.00 1.07 ? 50  THR A HG21 1 
ATOM 664  H HG22 . THR A 1 50  ? -7.744  9.387   0.599   1.00 1.11 ? 50  THR A HG22 1 
ATOM 665  H HG23 . THR A 1 50  ? -7.208  9.620   -1.065  1.00 1.07 ? 50  THR A HG23 1 
ATOM 666  N N    . HIS A 1 51  ? -8.824  6.115   -2.775  1.00 0.20 ? 51  HIS A N    1 
ATOM 667  C CA   . HIS A 1 51  ? -8.783  5.086   -3.859  1.00 0.23 ? 51  HIS A CA   1 
ATOM 668  C C    . HIS A 1 51  ? -7.330  4.649   -4.085  1.00 0.23 ? 51  HIS A C    1 
ATOM 669  O O    . HIS A 1 51  ? -6.982  4.314   -5.182  1.00 0.23 ? 51  HIS A O    1 
ATOM 670  C CB   . HIS A 1 51  ? -9.318  5.812   -5.110  1.00 0.26 ? 51  HIS A CB   1 
ATOM 671  C CG   . HIS A 1 51  ? -8.300  6.825   -5.599  1.00 0.24 ? 51  HIS A CG   1 
ATOM 672  N ND1  . HIS A 1 51  ? -8.409  8.179   -5.316  1.00 0.25 ? 51  HIS A ND1  1 
ATOM 673  C CD2  . HIS A 1 51  ? -7.140  6.693   -6.337  1.00 0.22 ? 51  HIS A CD2  1 
ATOM 674  C CE1  . HIS A 1 51  ? -7.346  8.798   -5.871  1.00 0.24 ? 51  HIS A CE1  1 
ATOM 675  N NE2  . HIS A 1 51  ? -6.546  7.939   -6.504  1.00 0.23 ? 51  HIS A NE2  1 
ATOM 676  H H    . HIS A 1 51  ? -8.576  7.040   -2.975  1.00 0.22 ? 51  HIS A H    1 
ATOM 677  H HA   . HIS A 1 51  ? -9.407  4.242   -3.616  1.00 0.26 ? 51  HIS A HA   1 
ATOM 678  H HB2  . HIS A 1 51  ? -9.507  5.088   -5.889  1.00 0.29 ? 51  HIS A HB2  1 
ATOM 679  H HB3  . HIS A 1 51  ? -10.238 6.320   -4.863  1.00 0.27 ? 51  HIS A HB3  1 
ATOM 680  H HD1  . HIS A 1 51  ? -9.129  8.609   -4.811  1.00 0.27 ? 51  HIS A HD1  1 
ATOM 681  H HD2  . HIS A 1 51  ? -6.733  5.755   -6.712  1.00 0.22 ? 51  HIS A HD2  1 
ATOM 682  H HE1  . HIS A 1 51  ? -7.157  9.860   -5.802  1.00 0.26 ? 51  HIS A HE1  1 
ATOM 683  N N    . PHE A 1 52  ? -6.508  4.689   -3.043  1.00 0.23 ? 52  PHE A N    1 
ATOM 684  C CA   . PHE A 1 52  ? -5.023  4.351   -3.118  1.00 0.25 ? 52  PHE A CA   1 
ATOM 685  C C    . PHE A 1 52  ? -4.591  3.563   -4.384  1.00 0.27 ? 52  PHE A C    1 
ATOM 686  O O    . PHE A 1 52  ? -4.102  2.464   -4.291  1.00 0.36 ? 52  PHE A O    1 
ATOM 687  C CB   . PHE A 1 52  ? -4.746  3.543   -1.830  1.00 0.25 ? 52  PHE A CB   1 
ATOM 688  C CG   . PHE A 1 52  ? -5.031  2.055   -2.030  1.00 0.23 ? 52  PHE A CG   1 
ATOM 689  C CD1  . PHE A 1 52  ? -6.072  1.622   -2.874  1.00 1.23 ? 52  PHE A CD1  1 
ATOM 690  C CD2  . PHE A 1 52  ? -4.206  1.109   -1.408  1.00 1.25 ? 52  PHE A CD2  1 
ATOM 691  C CE1  . PHE A 1 52  ? -6.275  0.249   -3.088  1.00 1.24 ? 52  PHE A CE1  1 
ATOM 692  C CE2  . PHE A 1 52  ? -4.417  -0.258  -1.621  1.00 1.26 ? 52  PHE A CE2  1 
ATOM 693  C CZ   . PHE A 1 52  ? -5.445  -0.688  -2.458  1.00 0.33 ? 52  PHE A CZ   1 
ATOM 694  H H    . PHE A 1 52  ? -6.868  4.989   -2.182  1.00 0.24 ? 52  PHE A H    1 
ATOM 695  H HA   . PHE A 1 52  ? -4.458  5.264   -3.069  1.00 0.29 ? 52  PHE A HA   1 
ATOM 696  H HB2  . PHE A 1 52  ? -3.705  3.663   -1.568  1.00 0.32 ? 52  PHE A HB2  1 
ATOM 697  H HB3  . PHE A 1 52  ? -5.350  3.928   -1.026  1.00 0.25 ? 52  PHE A HB3  1 
ATOM 698  H HD1  . PHE A 1 52  ? -6.709  2.343   -3.360  1.00 2.15 ? 52  PHE A HD1  1 
ATOM 699  H HD2  . PHE A 1 52  ? -3.405  1.437   -0.756  1.00 2.17 ? 52  PHE A HD2  1 
ATOM 700  H HE1  . PHE A 1 52  ? -7.071  -0.085  -3.736  1.00 2.16 ? 52  PHE A HE1  1 
ATOM 701  H HE2  . PHE A 1 52  ? -3.776  -0.980  -1.142  1.00 2.18 ? 52  PHE A HE2  1 
ATOM 702  H HZ   . PHE A 1 52  ? -5.599  -1.744  -2.619  1.00 0.40 ? 52  PHE A HZ   1 
ATOM 703  N N    . THR A 1 53  ? -4.749  4.146   -5.555  1.00 0.23 ? 53  THR A N    1 
ATOM 704  C CA   . THR A 1 53  ? -4.371  3.472   -6.856  1.00 0.25 ? 53  THR A CA   1 
ATOM 705  C C    . THR A 1 53  ? -3.400  2.302   -6.613  1.00 0.24 ? 53  THR A C    1 
ATOM 706  O O    . THR A 1 53  ? -2.200  2.468   -6.686  1.00 0.27 ? 53  THR A O    1 
ATOM 707  C CB   . THR A 1 53  ? -3.699  4.581   -7.660  1.00 0.30 ? 53  THR A CB   1 
ATOM 708  O OG1  . THR A 1 53  ? -4.658  5.563   -8.007  1.00 0.83 ? 53  THR A OG1  1 
ATOM 709  C CG2  . THR A 1 53  ? -3.060  4.036   -8.936  1.00 0.65 ? 53  THR A CG2  1 
ATOM 710  H H    . THR A 1 53  ? -5.131  5.051   -5.577  1.00 0.24 ? 53  THR A H    1 
ATOM 711  H HA   . THR A 1 53  ? -5.254  3.141   -7.368  1.00 0.23 ? 53  THR A HA   1 
ATOM 712  H HB   . THR A 1 53  ? -2.945  5.030   -7.052  1.00 0.63 ? 53  THR A HB   1 
ATOM 713  H HG1  . THR A 1 53  ? -4.299  6.427   -7.736  1.00 1.12 ? 53  THR A HG1  1 
ATOM 714  H HG21 . THR A 1 53  ? -3.068  2.959   -8.914  1.00 1.25 ? 53  THR A HG21 1 
ATOM 715  H HG22 . THR A 1 53  ? -3.617  4.386   -9.792  1.00 1.35 ? 53  THR A HG22 1 
ATOM 716  H HG23 . THR A 1 53  ? -2.041  4.389   -9.001  1.00 1.22 ? 53  THR A HG23 1 
ATOM 717  N N    . LEU A 1 54  ? -3.894  1.133   -6.258  1.00 0.21 ? 54  LEU A N    1 
ATOM 718  C CA   . LEU A 1 54  ? -2.956  0.030   -5.948  1.00 0.22 ? 54  LEU A CA   1 
ATOM 719  C C    . LEU A 1 54  ? -2.541  -0.704  -7.234  1.00 0.21 ? 54  LEU A C    1 
ATOM 720  O O    . LEU A 1 54  ? -3.238  -1.550  -7.765  1.00 0.21 ? 54  LEU A O    1 
ATOM 721  C CB   . LEU A 1 54  ? -3.708  -0.843  -4.900  1.00 0.20 ? 54  LEU A CB   1 
ATOM 722  C CG   . LEU A 1 54  ? -4.089  -2.235  -5.414  1.00 0.20 ? 54  LEU A CG   1 
ATOM 723  C CD1  . LEU A 1 54  ? -2.844  -3.117  -5.481  1.00 0.22 ? 54  LEU A CD1  1 
ATOM 724  C CD2  . LEU A 1 54  ? -5.078  -2.870  -4.437  1.00 0.24 ? 54  LEU A CD2  1 
ATOM 725  H H    . LEU A 1 54  ? -4.861  1.002   -6.140  1.00 0.20 ? 54  LEU A H    1 
ATOM 726  H HA   . LEU A 1 54  ? -2.074  0.450   -5.484  1.00 0.24 ? 54  LEU A HA   1 
ATOM 727  H HB2  . LEU A 1 54  ? -3.091  -0.959  -4.027  1.00 0.23 ? 54  LEU A HB2  1 
ATOM 728  H HB3  . LEU A 1 54  ? -4.610  -0.324  -4.614  1.00 0.19 ? 54  LEU A HB3  1 
ATOM 729  H HG   . LEU A 1 54  ? -4.543  -2.157  -6.386  1.00 0.19 ? 54  LEU A HG   1 
ATOM 730  H HD11 . LEU A 1 54  ? -2.065  -2.687  -4.870  1.00 0.99 ? 54  LEU A HD11 1 
ATOM 731  H HD12 . LEU A 1 54  ? -3.084  -4.104  -5.115  1.00 1.04 ? 54  LEU A HD12 1 
ATOM 732  H HD13 . LEU A 1 54  ? -2.504  -3.184  -6.502  1.00 1.02 ? 54  LEU A HD13 1 
ATOM 733  H HD21 . LEU A 1 54  ? -4.620  -2.944  -3.459  1.00 1.03 ? 54  LEU A HD21 1 
ATOM 734  H HD22 . LEU A 1 54  ? -5.965  -2.259  -4.372  1.00 0.97 ? 54  LEU A HD22 1 
ATOM 735  H HD23 . LEU A 1 54  ? -5.345  -3.858  -4.780  1.00 0.96 ? 54  LEU A HD23 1 
ATOM 736  N N    . ARG A 1 55  ? -1.378  -0.370  -7.731  1.00 0.25 ? 55  ARG A N    1 
ATOM 737  C CA   . ARG A 1 55  ? -0.861  -1.042  -8.953  1.00 0.26 ? 55  ARG A CA   1 
ATOM 738  C C    . ARG A 1 55  ? 0.074   -2.156  -8.464  1.00 0.28 ? 55  ARG A C    1 
ATOM 739  O O    . ARG A 1 55  ? 1.148   -1.879  -7.966  1.00 0.35 ? 55  ARG A O    1 
ATOM 740  C CB   . ARG A 1 55  ? -0.087  0.036   -9.720  1.00 0.28 ? 55  ARG A CB   1 
ATOM 741  C CG   . ARG A 1 55  ? -1.053  0.905   -10.536 1.00 0.42 ? 55  ARG A CG   1 
ATOM 742  C CD   . ARG A 1 55  ? -0.447  2.300   -10.733 1.00 0.50 ? 55  ARG A CD   1 
ATOM 743  N NE   . ARG A 1 55  ? -0.022  2.346   -12.169 1.00 1.02 ? 55  ARG A NE   1 
ATOM 744  C CZ   . ARG A 1 55  ? 0.027   3.483   -12.801 1.00 1.40 ? 55  ARG A CZ   1 
ATOM 745  N NH1  . ARG A 1 55  ? -1.069  4.034   -13.229 1.00 2.24 ? 55  ARG A NH1  1 
ATOM 746  N NH2  . ARG A 1 55  ? 1.170   4.057   -13.013 1.00 1.82 ? 55  ARG A NH2  1 
ATOM 747  H H    . ARG A 1 55  ? -0.836  0.314   -7.281  1.00 0.28 ? 55  ARG A H    1 
ATOM 748  H HA   . ARG A 1 55  ? -1.676  -1.429  -9.537  1.00 0.26 ? 55  ARG A HA   1 
ATOM 749  H HB2  . ARG A 1 55  ? 0.443   0.653   -9.015  1.00 0.33 ? 55  ARG A HB2  1 
ATOM 750  H HB3  . ARG A 1 55  ? 0.621   -0.435  -10.387 1.00 0.41 ? 55  ARG A HB3  1 
ATOM 751  H HG2  . ARG A 1 55  ? -1.225  0.446   -11.499 1.00 0.82 ? 55  ARG A HG2  1 
ATOM 752  H HG3  . ARG A 1 55  ? -1.992  0.994   -10.009 1.00 0.75 ? 55  ARG A HG3  1 
ATOM 753  H HD2  . ARG A 1 55  ? -1.191  3.062   -10.531 1.00 1.09 ? 55  ARG A HD2  1 
ATOM 754  H HD3  . ARG A 1 55  ? 0.409   2.434   -10.088 1.00 1.26 ? 55  ARG A HD3  1 
ATOM 755  H HE   . ARG A 1 55  ? 0.222   1.518   -12.635 1.00 1.70 ? 55  ARG A HE   1 
ATOM 756  H HH11 . ARG A 1 55  ? -1.945  3.583   -13.073 1.00 2.72 ? 55  ARG A HH11 1 
ATOM 757  H HH12 . ARG A 1 55  ? -1.038  4.912   -13.706 1.00 2.69 ? 55  ARG A HH12 1 
ATOM 758  H HH21 . ARG A 1 55  ? 2.013   3.625   -12.691 1.00 2.15 ? 55  ARG A HH21 1 
ATOM 759  H HH22 . ARG A 1 55  ? 1.213   4.932   -13.494 1.00 2.31 ? 55  ARG A HH22 1 
ATOM 760  N N    . TYR A 1 56  ? -0.341  -3.397  -8.512  1.00 0.32 ? 56  TYR A N    1 
ATOM 761  C CA   . TYR A 1 56  ? 0.534   -4.468  -7.935  1.00 0.34 ? 56  TYR A CA   1 
ATOM 762  C C    . TYR A 1 56  ? 0.855   -5.634  -8.876  1.00 0.33 ? 56  TYR A C    1 
ATOM 763  O O    . TYR A 1 56  ? 0.507   -5.664  -10.046 1.00 0.44 ? 56  TYR A O    1 
ATOM 764  C CB   . TYR A 1 56  ? -0.267  -4.977  -6.723  1.00 0.51 ? 56  TYR A CB   1 
ATOM 765  C CG   . TYR A 1 56  ? -1.321  -5.977  -7.166  1.00 0.64 ? 56  TYR A CG   1 
ATOM 766  C CD1  . TYR A 1 56  ? -2.557  -5.532  -7.648  1.00 1.40 ? 56  TYR A CD1  1 
ATOM 767  C CD2  . TYR A 1 56  ? -1.055  -7.351  -7.098  1.00 1.36 ? 56  TYR A CD2  1 
ATOM 768  C CE1  . TYR A 1 56  ? -3.523  -6.458  -8.061  1.00 1.50 ? 56  TYR A CE1  1 
ATOM 769  C CE2  . TYR A 1 56  ? -2.024  -8.276  -7.512  1.00 1.48 ? 56  TYR A CE2  1 
ATOM 770  C CZ   . TYR A 1 56  ? -3.257  -7.829  -7.994  1.00 1.01 ? 56  TYR A CZ   1 
ATOM 771  O OH   . TYR A 1 56  ? -4.213  -8.737  -8.402  1.00 1.22 ? 56  TYR A OH   1 
ATOM 772  H H    . TYR A 1 56  ? -1.233  -3.612  -8.854  1.00 0.41 ? 56  TYR A H    1 
ATOM 773  H HA   . TYR A 1 56  ? 1.457   -4.035  -7.585  1.00 0.33 ? 56  TYR A HA   1 
ATOM 774  H HB2  . TYR A 1 56  ? 0.405   -5.455  -6.025  1.00 0.59 ? 56  TYR A HB2  1 
ATOM 775  H HB3  . TYR A 1 56  ? -0.749  -4.143  -6.238  1.00 0.53 ? 56  TYR A HB3  1 
ATOM 776  H HD1  . TYR A 1 56  ? -2.767  -4.475  -7.703  1.00 2.21 ? 56  TYR A HD1  1 
ATOM 777  H HD2  . TYR A 1 56  ? -0.104  -7.696  -6.729  1.00 2.17 ? 56  TYR A HD2  1 
ATOM 778  H HE1  . TYR A 1 56  ? -4.475  -6.113  -8.434  1.00 2.32 ? 56  TYR A HE1  1 
ATOM 779  H HE2  . TYR A 1 56  ? -1.818  -9.335  -7.460  1.00 2.30 ? 56  TYR A HE2  1 
ATOM 780  H HH   . TYR A 1 56  ? -4.219  -8.750  -9.363  1.00 1.46 ? 56  TYR A HH   1 
ATOM 781  N N    . GLY A 1 57  ? 1.539   -6.592  -8.302  1.00 0.33 ? 57  GLY A N    1 
ATOM 782  C CA   . GLY A 1 57  ? 1.970   -7.833  -9.009  1.00 0.35 ? 57  GLY A CA   1 
ATOM 783  C C    . GLY A 1 57  ? 2.914   -8.585  -8.056  1.00 0.31 ? 57  GLY A C    1 
ATOM 784  O O    . GLY A 1 57  ? 3.263   -8.058  -7.012  1.00 0.33 ? 57  GLY A O    1 
ATOM 785  H H    . GLY A 1 57  ? 1.782   -6.486  -7.353  1.00 0.40 ? 57  GLY A H    1 
ATOM 786  H HA2  . GLY A 1 57  ? 1.109   -8.442  -9.243  1.00 0.44 ? 57  GLY A HA2  1 
ATOM 787  H HA3  . GLY A 1 57  ? 2.500   -7.581  -9.914  1.00 0.36 ? 57  GLY A HA3  1 
ATOM 788  N N    . PRO A 1 58  ? 3.327   -9.770  -8.424  1.00 0.33 ? 58  PRO A N    1 
ATOM 789  C CA   . PRO A 1 58  ? 4.266   -10.524 -7.551  1.00 0.32 ? 58  PRO A CA   1 
ATOM 790  C C    . PRO A 1 58  ? 5.602   -9.770  -7.504  1.00 0.32 ? 58  PRO A C    1 
ATOM 791  O O    . PRO A 1 58  ? 6.186   -9.471  -8.532  1.00 0.38 ? 58  PRO A O    1 
ATOM 792  C CB   . PRO A 1 58  ? 4.381   -11.884 -8.243  1.00 0.39 ? 58  PRO A CB   1 
ATOM 793  C CG   . PRO A 1 58  ? 4.018   -11.616 -9.670  1.00 0.43 ? 58  PRO A CG   1 
ATOM 794  C CD   . PRO A 1 58  ? 2.993   -10.512 -9.646  1.00 0.43 ? 58  PRO A CD   1 
ATOM 795  H HA   . PRO A 1 58  ? 3.856   -10.638 -6.559  1.00 0.32 ? 58  PRO A HA   1 
ATOM 796  H HB2  . PRO A 1 58  ? 5.395   -12.257 -8.174  1.00 0.41 ? 58  PRO A HB2  1 
ATOM 797  H HB3  . PRO A 1 58  ? 3.688   -12.588 -7.810  1.00 0.40 ? 58  PRO A HB3  1 
ATOM 798  H HG2  . PRO A 1 58  ? 4.892   -11.302 -10.223 1.00 0.44 ? 58  PRO A HG2  1 
ATOM 799  H HG3  . PRO A 1 58  ? 3.590   -12.500 -10.117 1.00 0.46 ? 58  PRO A HG3  1 
ATOM 800  H HD2  . PRO A 1 58  ? 3.093   -9.883  -10.520 1.00 0.48 ? 58  PRO A HD2  1 
ATOM 801  H HD3  . PRO A 1 58  ? 1.994   -10.917 -9.575  1.00 0.52 ? 58  PRO A HD3  1 
ATOM 802  N N    . ALA A 1 59  ? 6.082   -9.419  -6.330  1.00 0.29 ? 59  ALA A N    1 
ATOM 803  C CA   . ALA A 1 59  ? 7.366   -8.640  -6.271  1.00 0.31 ? 59  ALA A CA   1 
ATOM 804  C C    . ALA A 1 59  ? 8.546   -9.479  -6.776  1.00 0.31 ? 59  ALA A C    1 
ATOM 805  O O    . ALA A 1 59  ? 8.821   -10.554 -6.277  1.00 0.44 ? 59  ALA A O    1 
ATOM 806  C CB   . ALA A 1 59  ? 7.555   -8.268  -4.796  1.00 0.41 ? 59  ALA A CB   1 
ATOM 807  H H    . ALA A 1 59  ? 5.593   -9.643  -5.501  1.00 0.28 ? 59  ALA A H    1 
ATOM 808  H HA   . ALA A 1 59  ? 7.281   -7.739  -6.874  1.00 0.33 ? 59  ALA A HA   1 
ATOM 809  H HB1  . ALA A 1 59  ? 6.892   -8.861  -4.184  1.00 1.08 ? 59  ALA A HB1  1 
ATOM 810  H HB2  . ALA A 1 59  ? 8.578   -8.459  -4.506  1.00 1.05 ? 59  ALA A HB2  1 
ATOM 811  H HB3  . ALA A 1 59  ? 7.333   -7.220  -4.656  1.00 1.09 ? 59  ALA A HB3  1 
ATOM 812  N N    . ARG A 1 60  ? 9.243   -8.985  -7.769  1.00 0.30 ? 60  ARG A N    1 
ATOM 813  C CA   . ARG A 1 60  ? 10.410  -9.741  -8.322  1.00 0.39 ? 60  ARG A CA   1 
ATOM 814  C C    . ARG A 1 60  ? 11.494  -8.770  -8.828  1.00 0.41 ? 60  ARG A C    1 
ATOM 815  O O    . ARG A 1 60  ? 12.119  -8.990  -9.851  1.00 0.59 ? 60  ARG A O    1 
ATOM 816  C CB   . ARG A 1 60  ? 9.817   -10.560 -9.471  1.00 0.51 ? 60  ARG A CB   1 
ATOM 817  C CG   . ARG A 1 60  ? 9.807   -12.043 -9.087  1.00 0.92 ? 60  ARG A CG   1 
ATOM 818  C CD   . ARG A 1 60  ? 9.354   -12.885 -10.284 1.00 1.60 ? 60  ARG A CD   1 
ATOM 819  N NE   . ARG A 1 60  ? 10.285  -14.057 -10.308 1.00 2.00 ? 60  ARG A NE   1 
ATOM 820  C CZ   . ARG A 1 60  ? 9.837   -15.250 -10.569 1.00 2.55 ? 60  ARG A CZ   1 
ATOM 821  N NH1  . ARG A 1 60  ? 9.429   -16.015 -9.601  1.00 3.41 ? 60  ARG A NH1  1 
ATOM 822  N NH2  . ARG A 1 60  ? 9.808   -15.677 -11.794 1.00 2.79 ? 60  ARG A NH2  1 
ATOM 823  H H    . ARG A 1 60  ? 8.992   -8.113  -8.154  1.00 0.34 ? 60  ARG A H    1 
ATOM 824  H HA   . ARG A 1 60  ? 10.819  -10.401 -7.572  1.00 0.44 ? 60  ARG A HA   1 
ATOM 825  H HB2  . ARG A 1 60  ? 8.804   -10.230 -9.659  1.00 0.64 ? 60  ARG A HB2  1 
ATOM 826  H HB3  . ARG A 1 60  ? 10.414  -10.421 -10.360 1.00 0.76 ? 60  ARG A HB3  1 
ATOM 827  H HG2  . ARG A 1 60  ? 10.800  -12.345 -8.789  1.00 1.42 ? 60  ARG A HG2  1 
ATOM 828  H HG3  . ARG A 1 60  ? 9.124   -12.195 -8.265  1.00 1.45 ? 60  ARG A HG3  1 
ATOM 829  H HD2  . ARG A 1 60  ? 8.330   -13.213 -10.144 1.00 2.14 ? 60  ARG A HD2  1 
ATOM 830  H HD3  . ARG A 1 60  ? 9.446   -12.317 -11.198 1.00 2.23 ? 60  ARG A HD3  1 
ATOM 831  H HE   . ARG A 1 60  ? 11.239  -13.927 -10.124 1.00 2.40 ? 60  ARG A HE   1 
ATOM 832  H HH11 . ARG A 1 60  ? 9.461   -15.683 -8.660  1.00 3.72 ? 60  ARG A HH11 1 
ATOM 833  H HH12 . ARG A 1 60  ? 9.086   -16.933 -9.795  1.00 3.99 ? 60  ARG A HH12 1 
ATOM 834  H HH21 . ARG A 1 60  ? 10.131  -15.088 -12.534 1.00 2.73 ? 60  ARG A HH21 1 
ATOM 835  H HH22 . ARG A 1 60  ? 9.469   -16.593 -11.998 1.00 3.41 ? 60  ARG A HH22 1 
ATOM 836  N N    . LYS A 1 61  ? 11.717  -7.696  -8.112  1.00 0.36 ? 61  LYS A N    1 
ATOM 837  C CA   . LYS A 1 61  ? 12.749  -6.704  -8.540  1.00 0.41 ? 61  LYS A CA   1 
ATOM 838  C C    . LYS A 1 61  ? 13.554  -6.208  -7.328  1.00 0.40 ? 61  LYS A C    1 
ATOM 839  O O    . LYS A 1 61  ? 13.473  -5.056  -6.942  1.00 0.45 ? 61  LYS A O    1 
ATOM 840  C CB   . LYS A 1 61  ? 11.948  -5.560  -9.174  1.00 0.48 ? 61  LYS A CB   1 
ATOM 841  C CG   . LYS A 1 61  ? 12.035  -5.640  -10.700 1.00 0.80 ? 61  LYS A CG   1 
ATOM 842  C CD   . LYS A 1 61  ? 13.311  -4.940  -11.181 1.00 1.09 ? 61  LYS A CD   1 
ATOM 843  C CE   . LYS A 1 61  ? 13.134  -4.481  -12.630 1.00 1.42 ? 61  LYS A CE   1 
ATOM 844  N NZ   . LYS A 1 61  ? 14.327  -3.628  -12.911 1.00 1.77 ? 61  LYS A NZ   1 
ATOM 845  H H    . LYS A 1 61  ? 11.201  -7.540  -7.292  1.00 0.41 ? 61  LYS A H    1 
ATOM 846  H HA   . LYS A 1 61  ? 13.410  -7.140  -9.273  1.00 0.47 ? 61  LYS A HA   1 
ATOM 847  H HB2  . LYS A 1 61  ? 10.916  -5.640  -8.871  1.00 0.67 ? 61  LYS A HB2  1 
ATOM 848  H HB3  . LYS A 1 61  ? 12.345  -4.613  -8.841  1.00 0.69 ? 61  LYS A HB3  1 
ATOM 849  H HG2  . LYS A 1 61  ? 12.053  -6.677  -11.006 1.00 1.03 ? 61  LYS A HG2  1 
ATOM 850  H HG3  . LYS A 1 61  ? 11.174  -5.153  -11.134 1.00 1.15 ? 61  LYS A HG3  1 
ATOM 851  H HD2  . LYS A 1 61  ? 13.506  -4.083  -10.553 1.00 1.62 ? 61  LYS A HD2  1 
ATOM 852  H HD3  . LYS A 1 61  ? 14.141  -5.627  -11.121 1.00 1.44 ? 61  LYS A HD3  1 
ATOM 853  H HE2  . LYS A 1 61  ? 13.110  -5.337  -13.294 1.00 1.78 ? 61  LYS A HE2  1 
ATOM 854  H HE3  . LYS A 1 61  ? 12.229  -3.900  -12.733 1.00 2.12 ? 61  LYS A HE3  1 
ATOM 855  H HZ1  . LYS A 1 61  ? 14.397  -2.874  -12.196 1.00 2.26 ? 61  LYS A HZ1  1 
ATOM 856  H HZ2  . LYS A 1 61  ? 15.190  -4.213  -12.884 1.00 2.19 ? 61  LYS A HZ2  1 
ATOM 857  H HZ3  . LYS A 1 61  ? 14.233  -3.198  -13.854 1.00 2.02 ? 61  LYS A HZ3  1 
ATOM 858  N N    . VAL A 1 62  ? 14.343  -7.070  -6.735  1.00 0.66 ? 62  VAL A N    1 
ATOM 859  C CA   . VAL A 1 62  ? 15.170  -6.646  -5.557  1.00 0.77 ? 62  VAL A CA   1 
ATOM 860  C C    . VAL A 1 62  ? 16.410  -5.876  -6.040  1.00 0.84 ? 62  VAL A C    1 
ATOM 861  O O    . VAL A 1 62  ? 17.015  -5.123  -5.299  1.00 0.93 ? 62  VAL A O    1 
ATOM 862  C CB   . VAL A 1 62  ? 15.570  -7.943  -4.845  1.00 0.95 ? 62  VAL A CB   1 
ATOM 863  C CG1  . VAL A 1 62  ? 16.431  -7.619  -3.622  1.00 1.10 ? 62  VAL A CG1  1 
ATOM 864  C CG2  . VAL A 1 62  ? 14.317  -8.692  -4.381  1.00 1.02 ? 62  VAL A CG2  1 
ATOM 865  H H    . VAL A 1 62  ? 14.401  -7.991  -7.069  1.00 0.88 ? 62  VAL A H    1 
ATOM 866  H HA   . VAL A 1 62  ? 14.589  -6.033  -4.895  1.00 0.73 ? 62  VAL A HA   1 
ATOM 867  H HB   . VAL A 1 62  ? 16.131  -8.562  -5.524  1.00 1.02 ? 62  VAL A HB   1 
ATOM 868  H HG11 . VAL A 1 62  ? 17.198  -6.912  -3.896  1.00 1.20 ? 62  VAL A HG11 1 
ATOM 869  H HG12 . VAL A 1 62  ? 15.809  -7.194  -2.847  1.00 1.64 ? 62  VAL A HG12 1 
ATOM 870  H HG13 . VAL A 1 62  ? 16.891  -8.525  -3.257  1.00 1.67 ? 62  VAL A HG13 1 
ATOM 871  H HG21 . VAL A 1 62  ? 13.436  -8.139  -4.672  1.00 1.41 ? 62  VAL A HG21 1 
ATOM 872  H HG22 . VAL A 1 62  ? 14.293  -9.670  -4.836  1.00 1.44 ? 62  VAL A HG22 1 
ATOM 873  H HG23 . VAL A 1 62  ? 14.337  -8.794  -3.306  1.00 1.50 ? 62  VAL A HG23 1 
ATOM 874  N N    . THR A 1 63  ? 16.780  -6.047  -7.287  1.00 0.88 ? 63  THR A N    1 
ATOM 875  C CA   . THR A 1 63  ? 17.968  -5.319  -7.835  1.00 1.02 ? 63  THR A CA   1 
ATOM 876  C C    . THR A 1 63  ? 17.581  -3.870  -8.193  1.00 0.89 ? 63  THR A C    1 
ATOM 877  O O    . THR A 1 63  ? 17.485  -3.497  -9.349  1.00 0.98 ? 63  THR A O    1 
ATOM 878  C CB   . THR A 1 63  ? 18.398  -6.115  -9.080  1.00 1.21 ? 63  THR A CB   1 
ATOM 879  O OG1  . THR A 1 63  ? 19.500  -5.468  -9.696  1.00 1.80 ? 63  THR A OG1  1 
ATOM 880  C CG2  . THR A 1 63  ? 17.248  -6.215  -10.087 1.00 1.75 ? 63  THR A CG2  1 
ATOM 881  H H    . THR A 1 63  ? 16.272  -6.650  -7.863  1.00 0.86 ? 63  THR A H    1 
ATOM 882  H HA   . THR A 1 63  ? 18.766  -5.315  -7.112  1.00 1.14 ? 63  THR A HA   1 
ATOM 883  H HB   . THR A 1 63  ? 18.690  -7.112  -8.779  1.00 1.40 ? 63  THR A HB   1 
ATOM 884  H HG1  . THR A 1 63  ? 20.156  -6.135  -9.913  1.00 1.95 ? 63  THR A HG1  1 
ATOM 885  H HG21 . THR A 1 63  ? 16.321  -5.934  -9.611  1.00 2.23 ? 63  THR A HG21 1 
ATOM 886  H HG22 . THR A 1 63  ? 17.441  -5.550  -10.916 1.00 2.11 ? 63  THR A HG22 1 
ATOM 887  H HG23 . THR A 1 63  ? 17.175  -7.229  -10.451 1.00 2.21 ? 63  THR A HG23 1 
ATOM 888  N N    . CYS A 1 64  ? 17.348  -3.052  -7.195  1.00 0.79 ? 64  CYS A N    1 
ATOM 889  C CA   . CYS A 1 64  ? 16.962  -1.630  -7.456  1.00 0.73 ? 64  CYS A CA   1 
ATOM 890  C C    . CYS A 1 64  ? 18.208  -0.762  -7.675  1.00 0.91 ? 64  CYS A C    1 
ATOM 891  O O    . CYS A 1 64  ? 19.325  -1.181  -7.441  1.00 1.03 ? 64  CYS A O    1 
ATOM 892  C CB   . CYS A 1 64  ? 16.206  -1.174  -6.201  1.00 0.62 ? 64  CYS A CB   1 
ATOM 893  S SG   . CYS A 1 64  ? 15.260  -2.552  -5.498  1.00 0.60 ? 64  CYS A SG   1 
ATOM 894  H H    . CYS A 1 64  ? 17.420  -3.375  -6.272  1.00 0.84 ? 64  CYS A H    1 
ATOM 895  H HA   . CYS A 1 64  ? 16.315  -1.570  -8.311  1.00 0.76 ? 64  CYS A HA   1 
ATOM 896  H HB2  . CYS A 1 64  ? 16.910  -0.816  -5.473  1.00 0.71 ? 64  CYS A HB2  1 
ATOM 897  H HB3  . CYS A 1 64  ? 15.530  -0.374  -6.464  1.00 0.58 ? 64  CYS A HB3  1 
ATOM 898  N N    . VAL A 1 65  ? 18.018  0.453   -8.117  1.00 1.00 ? 65  VAL A N    1 
ATOM 899  C CA   . VAL A 1 65  ? 19.188  1.360   -8.347  1.00 1.20 ? 65  VAL A CA   1 
ATOM 900  C C    . VAL A 1 65  ? 19.657  1.943   -7.011  1.00 1.21 ? 65  VAL A C    1 
ATOM 901  O O    . VAL A 1 65  ? 20.834  1.985   -6.718  1.00 1.32 ? 65  VAL A O    1 
ATOM 902  C CB   . VAL A 1 65  ? 18.664  2.462   -9.269  1.00 1.35 ? 65  VAL A CB   1 
ATOM 903  C CG1  . VAL A 1 65  ? 19.691  3.590   -9.383  1.00 1.80 ? 65  VAL A CG1  1 
ATOM 904  C CG2  . VAL A 1 65  ? 18.395  1.887   -10.661 1.00 2.00 ? 65  VAL A CG2  1 
ATOM 905  H H    . VAL A 1 65  ? 17.109  0.771   -8.292  1.00 0.97 ? 65  VAL A H    1 
ATOM 906  H HA   . VAL A 1 65  ? 19.986  0.829   -8.826  1.00 1.29 ? 65  VAL A HA   1 
ATOM 907  H HB   . VAL A 1 65  ? 17.749  2.856   -8.861  1.00 1.68 ? 65  VAL A HB   1 
ATOM 908  H HG11 . VAL A 1 65  ? 20.659  3.229   -9.075  1.00 2.20 ? 65  VAL A HG11 1 
ATOM 909  H HG12 . VAL A 1 65  ? 19.744  3.927   -10.408 1.00 2.29 ? 65  VAL A HG12 1 
ATOM 910  H HG13 . VAL A 1 65  ? 19.395  4.414   -8.750  1.00 2.26 ? 65  VAL A HG13 1 
ATOM 911  H HG21 . VAL A 1 65  ? 17.940  0.912   -10.568 1.00 2.39 ? 65  VAL A HG21 1 
ATOM 912  H HG22 . VAL A 1 65  ? 17.730  2.546   -11.197 1.00 2.55 ? 65  VAL A HG22 1 
ATOM 913  H HG23 . VAL A 1 65  ? 19.326  1.800   -11.201 1.00 2.41 ? 65  VAL A HG23 1 
ATOM 914  N N    . ARG A 1 66  ? 18.729  2.383   -6.200  1.00 1.15 ? 66  ARG A N    1 
ATOM 915  C CA   . ARG A 1 66  ? 19.092  2.958   -4.864  1.00 1.22 ? 66  ARG A CA   1 
ATOM 916  C C    . ARG A 1 66  ? 17.845  3.072   -3.965  1.00 1.02 ? 66  ARG A C    1 
ATOM 917  O O    . ARG A 1 66  ? 17.754  3.976   -3.161  1.00 1.21 ? 66  ARG A O    1 
ATOM 918  C CB   . ARG A 1 66  ? 19.677  4.348   -5.170  1.00 1.48 ? 66  ARG A CB   1 
ATOM 919  C CG   . ARG A 1 66  ? 18.637  5.191   -5.919  1.00 1.50 ? 66  ARG A CG   1 
ATOM 920  C CD   . ARG A 1 66  ? 19.341  6.249   -6.770  1.00 1.89 ? 66  ARG A CD   1 
ATOM 921  N NE   . ARG A 1 66  ? 19.274  7.508   -5.968  1.00 2.58 ? 66  ARG A NE   1 
ATOM 922  C CZ   . ARG A 1 66  ? 20.083  8.486   -6.227  1.00 3.12 ? 66  ARG A CZ   1 
ATOM 923  N NH1  . ARG A 1 66  ? 21.232  8.545   -5.641  1.00 3.76 ? 66  ARG A NH1  1 
ATOM 924  N NH2  . ARG A 1 66  ? 19.731  9.403   -7.070  1.00 3.51 ? 66  ARG A NH2  1 
ATOM 925  H H    . ARG A 1 66  ? 17.791  2.329   -6.469  1.00 1.11 ? 66  ARG A H    1 
ATOM 926  H HA   . ARG A 1 66  ? 19.836  2.345   -4.388  1.00 1.35 ? 66  ARG A HA   1 
ATOM 927  H HB2  . ARG A 1 66  ? 19.939  4.840   -4.242  1.00 1.71 ? 66  ARG A HB2  1 
ATOM 928  H HB3  . ARG A 1 66  ? 20.561  4.241   -5.781  1.00 1.74 ? 66  ARG A HB3  1 
ATOM 929  H HG2  . ARG A 1 66  ? 18.051  4.549   -6.559  1.00 1.59 ? 66  ARG A HG2  1 
ATOM 930  H HG3  . ARG A 1 66  ? 17.986  5.677   -5.208  1.00 1.63 ? 66  ARG A HG3  1 
ATOM 931  H HD2  . ARG A 1 66  ? 20.373  5.963   -6.948  1.00 2.32 ? 66  ARG A HD2  1 
ATOM 932  H HD3  . ARG A 1 66  ? 18.819  6.380   -7.708  1.00 2.09 ? 66  ARG A HD3  1 
ATOM 933  H HE   . ARG A 1 66  ? 18.615  7.601   -5.247  1.00 3.03 ? 66  ARG A HE   1 
ATOM 934  H HH11 . ARG A 1 66  ? 21.496  7.836   -4.989  1.00 3.94 ? 66  ARG A HH11 1 
ATOM 935  H HH12 . ARG A 1 66  ? 21.861  9.293   -5.843  1.00 4.32 ? 66  ARG A HH12 1 
ATOM 936  H HH21 . ARG A 1 66  ? 18.841  9.351   -7.516  1.00 3.57 ? 66  ARG A HH21 1 
ATOM 937  H HH22 . ARG A 1 66  ? 20.348  10.159  -7.274  1.00 4.05 ? 66  ARG A HH22 1 
ATOM 938  N N    . PHE A 1 67  ? 16.900  2.144   -4.125  1.00 0.91 ? 67  PHE A N    1 
ATOM 939  C CA   . PHE A 1 67  ? 15.605  2.095   -3.333  1.00 0.73 ? 67  PHE A CA   1 
ATOM 940  C C    . PHE A 1 67  ? 14.363  2.364   -4.219  1.00 0.58 ? 67  PHE A C    1 
ATOM 941  O O    . PHE A 1 67  ? 13.376  1.669   -4.083  1.00 0.54 ? 67  PHE A O    1 
ATOM 942  C CB   . PHE A 1 67  ? 15.682  3.135   -2.217  1.00 0.86 ? 67  PHE A CB   1 
ATOM 943  C CG   . PHE A 1 67  ? 14.401  3.121   -1.412  1.00 0.87 ? 67  PHE A CG   1 
ATOM 944  C CD1  . PHE A 1 67  ? 14.034  1.974   -0.695  1.00 1.38 ? 67  PHE A CD1  1 
ATOM 945  C CD2  . PHE A 1 67  ? 13.580  4.253   -1.389  1.00 1.46 ? 67  PHE A CD2  1 
ATOM 946  C CE1  . PHE A 1 67  ? 12.844  1.964   0.043   1.00 1.45 ? 67  PHE A CE1  1 
ATOM 947  C CE2  . PHE A 1 67  ? 12.390  4.241   -0.653  1.00 1.46 ? 67  PHE A CE2  1 
ATOM 948  C CZ   . PHE A 1 67  ? 12.022  3.096   0.064   1.00 0.96 ? 67  PHE A CZ   1 
ATOM 949  H H    . PHE A 1 67  ? 17.051  1.453   -4.788  1.00 1.13 ? 67  PHE A H    1 
ATOM 950  H HA   . PHE A 1 67  ? 15.507  1.120   -2.888  1.00 0.76 ? 67  PHE A HA   1 
ATOM 951  H HB2  . PHE A 1 67  ? 16.519  2.911   -1.574  1.00 0.95 ? 67  PHE A HB2  1 
ATOM 952  H HB3  . PHE A 1 67  ? 15.816  4.103   -2.657  1.00 0.91 ? 67  PHE A HB3  1 
ATOM 953  H HD1  . PHE A 1 67  ? 14.667  1.099   -0.711  1.00 2.10 ? 67  PHE A HD1  1 
ATOM 954  H HD2  . PHE A 1 67  ? 13.864  5.136   -1.941  1.00 2.22 ? 67  PHE A HD2  1 
ATOM 955  H HE1  . PHE A 1 67  ? 12.559  1.081   0.596   1.00 2.21 ? 67  PHE A HE1  1 
ATOM 956  H HE2  . PHE A 1 67  ? 11.756  5.116   -0.636  1.00 2.19 ? 67  PHE A HE2  1 
ATOM 957  H HZ   . PHE A 1 67  ? 11.103  3.086   0.631   1.00 1.03 ? 67  PHE A HZ   1 
ATOM 958  N N    . PRO A 1 68  ? 14.418  3.367   -5.082  1.00 0.75 ? 68  PRO A N    1 
ATOM 959  C CA   . PRO A 1 68  ? 13.236  3.694   -5.941  1.00 0.83 ? 68  PRO A CA   1 
ATOM 960  C C    . PRO A 1 68  ? 12.924  2.597   -6.985  1.00 0.71 ? 68  PRO A C    1 
ATOM 961  O O    . PRO A 1 68  ? 12.861  2.857   -8.174  1.00 0.84 ? 68  PRO A O    1 
ATOM 962  C CB   . PRO A 1 68  ? 13.634  5.011   -6.610  1.00 1.18 ? 68  PRO A CB   1 
ATOM 963  C CG   . PRO A 1 68  ? 15.124  5.019   -6.586  1.00 1.26 ? 68  PRO A CG   1 
ATOM 964  C CD   . PRO A 1 68  ? 15.540  4.279   -5.344  1.00 1.04 ? 68  PRO A CD   1 
ATOM 965  H HA   . PRO A 1 68  ? 12.368  3.861   -5.322  1.00 0.86 ? 68  PRO A HA   1 
ATOM 966  H HB2  . PRO A 1 68  ? 13.269  5.040   -7.628  1.00 1.29 ? 68  PRO A HB2  1 
ATOM 967  H HB3  . PRO A 1 68  ? 13.252  5.849   -6.048  1.00 1.31 ? 68  PRO A HB3  1 
ATOM 968  H HG2  . PRO A 1 68  ? 15.511  4.520   -7.465  1.00 1.33 ? 68  PRO A HG2  1 
ATOM 969  H HG3  . PRO A 1 68  ? 15.488  6.033   -6.544  1.00 1.48 ? 68  PRO A HG3  1 
ATOM 970  H HD2  . PRO A 1 68  ? 16.447  3.728   -5.528  1.00 1.11 ? 68  PRO A HD2  1 
ATOM 971  H HD3  . PRO A 1 68  ? 15.666  4.961   -4.517  1.00 1.10 ? 68  PRO A HD3  1 
ATOM 972  N N    . CYS A 1 69  ? 12.682  1.388   -6.547  1.00 0.56 ? 69  CYS A N    1 
ATOM 973  C CA   . CYS A 1 69  ? 12.319  0.293   -7.507  1.00 0.49 ? 69  CYS A CA   1 
ATOM 974  C C    . CYS A 1 69  ? 10.849  -0.045  -7.344  1.00 0.43 ? 69  CYS A C    1 
ATOM 975  O O    . CYS A 1 69  ? 10.360  -0.136  -6.245  1.00 0.44 ? 69  CYS A O    1 
ATOM 976  C CB   . CYS A 1 69  ? 13.134  -0.945  -7.124  1.00 0.50 ? 69  CYS A CB   1 
ATOM 977  S SG   . CYS A 1 69  ? 13.159  -1.149  -5.322  1.00 0.92 ? 69  CYS A SG   1 
ATOM 978  H H    . CYS A 1 69  ? 12.707  1.206   -5.580  1.00 0.59 ? 69  CYS A H    1 
ATOM 979  H HA   . CYS A 1 69  ? 12.535  0.585   -8.523  1.00 0.57 ? 69  CYS A HA   1 
ATOM 980  H HB2  . CYS A 1 69  ? 12.682  -1.819  -7.569  1.00 0.84 ? 69  CYS A HB2  1 
ATOM 981  H HB3  . CYS A 1 69  ? 14.127  -0.847  -7.491  1.00 0.90 ? 69  CYS A HB3  1 
ATOM 982  N N    . TYR A 1 70  ? 10.149  -0.298  -8.408  1.00 0.42 ? 70  TYR A N    1 
ATOM 983  C CA   . TYR A 1 70  ? 8.718   -0.684  -8.256  1.00 0.44 ? 70  TYR A CA   1 
ATOM 984  C C    . TYR A 1 70  ? 8.613   -2.163  -7.883  1.00 0.38 ? 70  TYR A C    1 
ATOM 985  O O    . TYR A 1 70  ? 7.556   -2.748  -7.956  1.00 0.43 ? 70  TYR A O    1 
ATOM 986  C CB   . TYR A 1 70  ? 8.110   -0.459  -9.630  1.00 0.53 ? 70  TYR A CB   1 
ATOM 987  C CG   . TYR A 1 70  ? 8.241   0.988   -10.060 1.00 0.64 ? 70  TYR A CG   1 
ATOM 988  C CD1  . TYR A 1 70  ? 8.413   2.006   -9.112  1.00 1.46 ? 70  TYR A CD1  1 
ATOM 989  C CD2  . TYR A 1 70  ? 8.190   1.309   -11.423 1.00 1.35 ? 70  TYR A CD2  1 
ATOM 990  C CE1  . TYR A 1 70  ? 8.530   3.336   -9.527  1.00 1.53 ? 70  TYR A CE1  1 
ATOM 991  C CE2  . TYR A 1 70  ? 8.311   2.639   -11.834 1.00 1.47 ? 70  TYR A CE2  1 
ATOM 992  C CZ   . TYR A 1 70  ? 8.481   3.650   -10.886 1.00 0.98 ? 70  TYR A CZ   1 
ATOM 993  O OH   . TYR A 1 70  ? 8.590   4.959   -11.292 1.00 1.17 ? 70  TYR A OH   1 
ATOM 994  H H    . TYR A 1 70  ? 10.562  -0.273  -9.299  1.00 0.44 ? 70  TYR A H    1 
ATOM 995  H HA   . TYR A 1 70  ? 8.236   -0.077  -7.524  1.00 0.49 ? 70  TYR A HA   1 
ATOM 996  H HB2  . TYR A 1 70  ? 8.629   -1.086  -10.330 1.00 0.52 ? 70  TYR A HB2  1 
ATOM 997  H HB3  . TYR A 1 70  ? 7.072   -0.737  -9.607  1.00 0.63 ? 70  TYR A HB3  1 
ATOM 998  H HD1  . TYR A 1 70  ? 8.454   1.763   -8.064  1.00 2.31 ? 70  TYR A HD1  1 
ATOM 999  H HD2  . TYR A 1 70  ? 8.059   0.528   -12.155 1.00 2.18 ? 70  TYR A HD2  1 
ATOM 1000 H HE1  . TYR A 1 70  ? 8.666   4.121   -8.795  1.00 2.38 ? 70  TYR A HE1  1 
ATOM 1001 H HE2  . TYR A 1 70  ? 8.279   2.886   -12.884 1.00 2.32 ? 70  TYR A HE2  1 
ATOM 1002 H HH   . TYR A 1 70  ? 7.758   5.401   -11.096 1.00 1.49 ? 70  TYR A HH   1 
ATOM 1003 N N    . GLN A 1 71  ? 9.711   -2.750  -7.471  1.00 0.32 ? 71  GLN A N    1 
ATOM 1004 C CA   . GLN A 1 71  ? 9.762   -4.187  -7.084  1.00 0.32 ? 71  GLN A CA   1 
ATOM 1005 C C    . GLN A 1 71  ? 8.818   -5.090  -7.919  1.00 0.38 ? 71  GLN A C    1 
ATOM 1006 O O    . GLN A 1 71  ? 8.403   -6.135  -7.452  1.00 0.43 ? 71  GLN A O    1 
ATOM 1007 C CB   . GLN A 1 71  ? 9.345   -4.174  -5.630  1.00 0.33 ? 71  GLN A CB   1 
ATOM 1008 C CG   . GLN A 1 71  ? 10.587  -4.029  -4.732  1.00 0.35 ? 71  GLN A CG   1 
ATOM 1009 C CD   . GLN A 1 71  ? 11.340  -5.365  -4.622  1.00 0.43 ? 71  GLN A CD   1 
ATOM 1010 O OE1  . GLN A 1 71  ? 10.882  -6.388  -5.095  1.00 1.13 ? 71  GLN A OE1  1 
ATOM 1011 N NE2  . GLN A 1 71  ? 12.490  -5.400  -4.012  1.00 1.13 ? 71  GLN A NE2  1 
ATOM 1012 H H    . GLN A 1 71  ? 10.519  -2.222  -7.387  1.00 0.32 ? 71  GLN A H    1 
ATOM 1013 H HA   . GLN A 1 71  ? 10.771  -4.551  -7.156  1.00 0.34 ? 71  GLN A HA   1 
ATOM 1014 H HB2  . GLN A 1 71  ? 8.678   -3.343  -5.461  1.00 0.33 ? 71  GLN A HB2  1 
ATOM 1015 H HB3  . GLN A 1 71  ? 8.839   -5.083  -5.412  1.00 0.37 ? 71  GLN A HB3  1 
ATOM 1016 H HG2  . GLN A 1 71  ? 11.248  -3.285  -5.154  1.00 0.41 ? 71  GLN A HG2  1 
ATOM 1017 H HG3  . GLN A 1 71  ? 10.281  -3.713  -3.748  1.00 0.48 ? 71  GLN A HG3  1 
ATOM 1018 H HE21 . GLN A 1 71  ? 12.871  -4.584  -3.630  1.00 1.83 ? 71  GLN A HE21 1 
ATOM 1019 H HE22 . GLN A 1 71  ? 12.969  -6.249  -3.933  1.00 1.22 ? 71  GLN A HE22 1 
ATOM 1020 N N    . TYR A 1 72  ? 8.464   -4.718  -9.135  1.00 0.42 ? 72  TYR A N    1 
ATOM 1021 C CA   . TYR A 1 72  ? 7.536   -5.588  -9.916  1.00 0.51 ? 72  TYR A CA   1 
ATOM 1022 C C    . TYR A 1 72  ? 7.428   -5.165  -11.387 1.00 0.46 ? 72  TYR A C    1 
ATOM 1023 O O    . TYR A 1 72  ? 8.244   -4.425  -11.902 1.00 0.43 ? 72  TYR A O    1 
ATOM 1024 C CB   . TYR A 1 72  ? 6.198   -5.387  -9.207  1.00 0.65 ? 72  TYR A CB   1 
ATOM 1025 C CG   . TYR A 1 72  ? 5.445   -4.130  -9.671  1.00 0.69 ? 72  TYR A CG   1 
ATOM 1026 C CD1  . TYR A 1 72  ? 6.122   -3.027  -10.219 1.00 1.29 ? 72  TYR A CD1  1 
ATOM 1027 C CD2  . TYR A 1 72  ? 4.050   -4.070  -9.517  1.00 1.48 ? 72  TYR A CD2  1 
ATOM 1028 C CE1  . TYR A 1 72  ? 5.408   -1.884  -10.610 1.00 1.32 ? 72  TYR A CE1  1 
ATOM 1029 C CE2  . TYR A 1 72  ? 3.344   -2.924  -9.903  1.00 1.55 ? 72  TYR A CE2  1 
ATOM 1030 C CZ   . TYR A 1 72  ? 4.022   -1.835  -10.448 1.00 0.88 ? 72  TYR A CZ   1 
ATOM 1031 O OH   . TYR A 1 72  ? 3.320   -0.705  -10.817 1.00 1.01 ? 72  TYR A OH   1 
ATOM 1032 H H    . TYR A 1 72  ? 8.785   -3.876  -9.515  1.00 0.42 ? 72  TYR A H    1 
ATOM 1033 H HA   . TYR A 1 72  ? 7.832   -6.626  -9.822  1.00 0.56 ? 72  TYR A HA   1 
ATOM 1034 H HB2  . TYR A 1 72  ? 5.575   -6.252  -9.375  1.00 0.75 ? 72  TYR A HB2  1 
ATOM 1035 H HB3  . TYR A 1 72  ? 6.400   -5.302  -8.148  1.00 0.67 ? 72  TYR A HB3  1 
ATOM 1036 H HD1  . TYR A 1 72  ? 7.194   -3.059  -10.342 1.00 2.12 ? 72  TYR A HD1  1 
ATOM 1037 H HD2  . TYR A 1 72  ? 3.521   -4.910  -9.096  1.00 2.31 ? 72  TYR A HD2  1 
ATOM 1038 H HE1  . TYR A 1 72  ? 5.928   -1.041  -11.037 1.00 2.13 ? 72  TYR A HE1  1 
ATOM 1039 H HE2  . TYR A 1 72  ? 2.272   -2.886  -9.781  1.00 2.41 ? 72  TYR A HE2  1 
ATOM 1040 H HH   . TYR A 1 72  ? 3.188   -0.171  -10.029 1.00 1.33 ? 72  TYR A HH   1 
ATOM 1041 N N    . ALA A 1 73  ? 6.385   -5.609  -12.040 1.00 0.48 ? 73  ALA A N    1 
ATOM 1042 C CA   . ALA A 1 73  ? 6.152   -5.220  -13.467 1.00 0.46 ? 73  ALA A CA   1 
ATOM 1043 C C    . ALA A 1 73  ? 4.650   -4.980  -13.728 1.00 0.43 ? 73  ALA A C    1 
ATOM 1044 O O    . ALA A 1 73  ? 4.192   -5.026  -14.853 1.00 0.46 ? 73  ALA A O    1 
ATOM 1045 C CB   . ALA A 1 73  ? 6.671   -6.396  -14.300 1.00 0.49 ? 73  ALA A CB   1 
ATOM 1046 H H    . ALA A 1 73  ? 5.736   -6.179  -11.574 1.00 0.52 ? 73  ALA A H    1 
ATOM 1047 H HA   . ALA A 1 73  ? 6.709   -4.326  -13.694 1.00 0.48 ? 73  ALA A HA   1 
ATOM 1048 H HB1  . ALA A 1 73  ? 7.307   -7.019  -13.691 1.00 1.11 ? 73  ALA A HB1  1 
ATOM 1049 H HB2  . ALA A 1 73  ? 5.834   -6.979  -14.661 1.00 1.25 ? 73  ALA A HB2  1 
ATOM 1050 H HB3  . ALA A 1 73  ? 7.234   -6.020  -15.142 1.00 0.99 ? 73  ALA A HB3  1 
ATOM 1051 N N    . THR A 1 74  ? 3.897   -4.706  -12.684 1.00 0.39 ? 74  THR A N    1 
ATOM 1052 C CA   . THR A 1 74  ? 2.410   -4.432  -12.796 1.00 0.36 ? 74  THR A CA   1 
ATOM 1053 C C    . THR A 1 74  ? 1.628   -5.636  -13.350 1.00 0.36 ? 74  THR A C    1 
ATOM 1054 O O    . THR A 1 74  ? 1.774   -6.024  -14.491 1.00 0.46 ? 74  THR A O    1 
ATOM 1055 C CB   . THR A 1 74  ? 2.230   -3.197  -13.717 1.00 0.40 ? 74  THR A CB   1 
ATOM 1056 O OG1  . THR A 1 74  ? 2.325   -3.567  -15.086 1.00 0.43 ? 74  THR A OG1  1 
ATOM 1057 C CG2  . THR A 1 74  ? 3.292   -2.141  -13.415 1.00 0.47 ? 74  THR A CG2  1 
ATOM 1058 H H    . THR A 1 74  ? 4.317   -4.663  -11.803 1.00 0.38 ? 74  THR A H    1 
ATOM 1059 H HA   . THR A 1 74  ? 2.025   -4.192  -11.816 1.00 0.34 ? 74  THR A HA   1 
ATOM 1060 H HB   . THR A 1 74  ? 1.249   -2.767  -13.539 1.00 0.40 ? 74  THR A HB   1 
ATOM 1061 H HG1  . THR A 1 74  ? 2.984   -4.281  -15.166 1.00 1.00 ? 74  THR A HG1  1 
ATOM 1062 H HG21 . THR A 1 74  ? 4.075   -2.573  -12.813 1.00 1.10 ? 74  THR A HG21 1 
ATOM 1063 H HG22 . THR A 1 74  ? 3.712   -1.780  -14.343 1.00 1.01 ? 74  THR A HG22 1 
ATOM 1064 H HG23 . THR A 1 74  ? 2.841   -1.319  -12.882 1.00 1.07 ? 74  THR A HG23 1 
ATOM 1065 N N    . VAL A 1 75  ? 0.771   -6.213  -12.542 1.00 0.36 ? 75  VAL A N    1 
ATOM 1066 C CA   . VAL A 1 75  ? -0.057  -7.374  -13.013 1.00 0.37 ? 75  VAL A CA   1 
ATOM 1067 C C    . VAL A 1 75  ? -1.552  -6.974  -13.075 1.00 0.35 ? 75  VAL A C    1 
ATOM 1068 O O    . VAL A 1 75  ? -2.398  -7.758  -13.463 1.00 0.39 ? 75  VAL A O    1 
ATOM 1069 C CB   . VAL A 1 75  ? 0.190   -8.487  -11.982 1.00 0.38 ? 75  VAL A CB   1 
ATOM 1070 C CG1  . VAL A 1 75  ? -0.873  -9.582  -12.105 1.00 0.57 ? 75  VAL A CG1  1 
ATOM 1071 C CG2  . VAL A 1 75  ? 1.564   -9.116  -12.223 1.00 0.57 ? 75  VAL A CG2  1 
ATOM 1072 H H    . VAL A 1 75  ? 0.656   -5.873  -11.621 1.00 0.43 ? 75  VAL A H    1 
ATOM 1073 H HA   . VAL A 1 75  ? 0.279   -7.699  -13.981 1.00 0.42 ? 75  VAL A HA   1 
ATOM 1074 H HB   . VAL A 1 75  ? 0.156   -8.064  -10.993 1.00 0.48 ? 75  VAL A HB   1 
ATOM 1075 H HG11 . VAL A 1 75  ? -1.080  -9.766  -13.149 1.00 1.22 ? 75  VAL A HG11 1 
ATOM 1076 H HG12 . VAL A 1 75  ? -0.510  -10.489 -11.646 1.00 1.19 ? 75  VAL A HG12 1 
ATOM 1077 H HG13 . VAL A 1 75  ? -1.778  -9.265  -11.609 1.00 1.18 ? 75  VAL A HG13 1 
ATOM 1078 H HG21 . VAL A 1 75  ? 1.760   -9.158  -13.284 1.00 1.27 ? 75  VAL A HG21 1 
ATOM 1079 H HG22 . VAL A 1 75  ? 2.324   -8.522  -11.738 1.00 1.11 ? 75  VAL A HG22 1 
ATOM 1080 H HG23 . VAL A 1 75  ? 1.575   -10.118 -11.818 1.00 1.23 ? 75  VAL A HG23 1 
ATOM 1081 N N    . GLY A 1 76  ? -1.881  -5.756  -12.701 1.00 0.36 ? 76  GLY A N    1 
ATOM 1082 C CA   . GLY A 1 76  ? -3.312  -5.304  -12.743 1.00 0.37 ? 76  GLY A CA   1 
ATOM 1083 C C    . GLY A 1 76  ? -3.629  -4.487  -11.489 1.00 0.32 ? 76  GLY A C    1 
ATOM 1084 O O    . GLY A 1 76  ? -3.664  -5.012  -10.397 1.00 0.32 ? 76  GLY A O    1 
ATOM 1085 H H    . GLY A 1 76  ? -1.189  -5.136  -12.398 1.00 0.41 ? 76  GLY A H    1 
ATOM 1086 H HA2  . GLY A 1 76  ? -3.475  -4.697  -13.621 1.00 0.42 ? 76  GLY A HA2  1 
ATOM 1087 H HA3  . GLY A 1 76  ? -3.961  -6.168  -12.777 1.00 0.38 ? 76  GLY A HA3  1 
ATOM 1088 N N    . LYS A 1 77  ? -3.850  -3.200  -11.626 1.00 0.30 ? 77  LYS A N    1 
ATOM 1089 C CA   . LYS A 1 77  ? -4.146  -2.371  -10.404 1.00 0.27 ? 77  LYS A CA   1 
ATOM 1090 C C    . LYS A 1 77  ? -5.561  -2.547  -9.906  1.00 0.25 ? 77  LYS A C    1 
ATOM 1091 O O    . LYS A 1 77  ? -6.483  -2.858  -10.636 1.00 0.28 ? 77  LYS A O    1 
ATOM 1092 C CB   . LYS A 1 77  ? -4.040  -0.880  -10.758 1.00 0.28 ? 77  LYS A CB   1 
ATOM 1093 C CG   . LYS A 1 77  ? -4.518  -0.617  -12.198 1.00 0.33 ? 77  LYS A CG   1 
ATOM 1094 C CD   . LYS A 1 77  ? -5.205  0.751   -12.269 1.00 0.98 ? 77  LYS A CD   1 
ATOM 1095 C CE   . LYS A 1 77  ? -6.306  0.732   -13.334 1.00 1.58 ? 77  LYS A CE   1 
ATOM 1096 N NZ   . LYS A 1 77  ? -6.953  2.077   -13.237 1.00 2.03 ? 77  LYS A NZ   1 
ATOM 1097 H H    . LYS A 1 77  ? -3.798  -2.787  -12.512 1.00 0.33 ? 77  LYS A H    1 
ATOM 1098 H HA   . LYS A 1 77  ? -3.446  -2.603  -9.618  1.00 0.27 ? 77  LYS A HA   1 
ATOM 1099 H HB2  . LYS A 1 77  ? -4.695  -0.323  -10.058 1.00 0.26 ? 77  LYS A HB2  1 
ATOM 1100 H HB3  . LYS A 1 77  ? -3.020  -0.548  -10.642 1.00 0.31 ? 77  LYS A HB3  1 
ATOM 1101 H HG2  . LYS A 1 77  ? -3.668  -0.629  -12.866 1.00 0.80 ? 77  LYS A HG2  1 
ATOM 1102 H HG3  . LYS A 1 77  ? -5.218  -1.387  -12.492 1.00 0.78 ? 77  LYS A HG3  1 
ATOM 1103 H HD2  . LYS A 1 77  ? -5.640  0.982   -11.309 1.00 1.54 ? 77  LYS A HD2  1 
ATOM 1104 H HD3  . LYS A 1 77  ? -4.476  1.504   -12.523 1.00 1.53 ? 77  LYS A HD3  1 
ATOM 1105 H HE2  . LYS A 1 77  ? -5.876  0.585   -14.316 1.00 2.11 ? 77  LYS A HE2  1 
ATOM 1106 H HE3  . LYS A 1 77  ? -7.028  -0.044  -13.117 1.00 2.12 ? 77  LYS A HE3  1 
ATOM 1107 H HZ1  . LYS A 1 77  ? -7.298  2.226   -12.265 1.00 2.40 ? 77  LYS A HZ1  1 
ATOM 1108 H HZ2  . LYS A 1 77  ? -6.261  2.816   -13.474 1.00 2.52 ? 77  LYS A HZ2  1 
ATOM 1109 H HZ3  . LYS A 1 77  ? -7.751  2.130   -13.903 1.00 2.35 ? 77  LYS A HZ3  1 
ATOM 1110 N N    . VAL A 1 78  ? -5.730  -2.228  -8.667  1.00 0.22 ? 78  VAL A N    1 
ATOM 1111 C CA   . VAL A 1 78  ? -7.068  -2.234  -8.057  1.00 0.22 ? 78  VAL A CA   1 
ATOM 1112 C C    . VAL A 1 78  ? -7.184  -0.886  -7.348  1.00 0.20 ? 78  VAL A C    1 
ATOM 1113 O O    . VAL A 1 78  ? -6.780  -0.718  -6.214  1.00 0.19 ? 78  VAL A O    1 
ATOM 1114 C CB   . VAL A 1 78  ? -7.140  -3.435  -7.092  1.00 0.24 ? 78  VAL A CB   1 
ATOM 1115 C CG1  . VAL A 1 78  ? -8.373  -4.270  -7.438  1.00 0.30 ? 78  VAL A CG1  1 
ATOM 1116 C CG2  . VAL A 1 78  ? -5.904  -4.336  -7.225  1.00 0.26 ? 78  VAL A CG2  1 
ATOM 1117 H H    . VAL A 1 78  ? -4.962  -1.904  -8.144  1.00 0.22 ? 78  VAL A H    1 
ATOM 1118 H HA   . VAL A 1 78  ? -7.806  -2.309  -8.832  1.00 0.24 ? 78  VAL A HA   1 
ATOM 1119 H HB   . VAL A 1 78  ? -7.217  -3.072  -6.074  1.00 0.23 ? 78  VAL A HB   1 
ATOM 1120 H HG11 . VAL A 1 78  ? -9.230  -3.623  -7.539  1.00 1.00 ? 78  VAL A HG11 1 
ATOM 1121 H HG12 . VAL A 1 78  ? -8.204  -4.791  -8.368  1.00 1.03 ? 78  VAL A HG12 1 
ATOM 1122 H HG13 . VAL A 1 78  ? -8.554  -4.989  -6.652  1.00 1.07 ? 78  VAL A HG13 1 
ATOM 1123 H HG21 . VAL A 1 78  ? -5.838  -4.710  -8.237  1.00 1.08 ? 78  VAL A HG21 1 
ATOM 1124 H HG22 . VAL A 1 78  ? -5.015  -3.772  -6.992  1.00 1.05 ? 78  VAL A HG22 1 
ATOM 1125 H HG23 . VAL A 1 78  ? -5.992  -5.167  -6.541  1.00 0.98 ? 78  VAL A HG23 1 
ATOM 1126 N N    . ALA A 1 79  ? -7.625  0.101   -8.080  1.00 0.23 ? 79  ALA A N    1 
ATOM 1127 C CA   . ALA A 1 79  ? -7.666  1.494   -7.552  1.00 0.23 ? 79  ALA A CA   1 
ATOM 1128 C C    . ALA A 1 79  ? -8.361  1.647   -6.167  1.00 0.23 ? 79  ALA A C    1 
ATOM 1129 O O    . ALA A 1 79  ? -7.701  1.815   -5.167  1.00 0.24 ? 79  ALA A O    1 
ATOM 1130 C CB   . ALA A 1 79  ? -8.354  2.318   -8.652  1.00 0.28 ? 79  ALA A CB   1 
ATOM 1131 H H    . ALA A 1 79  ? -7.854  -0.066  -9.019  1.00 0.25 ? 79  ALA A H    1 
ATOM 1132 H HA   . ALA A 1 79  ? -6.669  1.830   -7.477  1.00 0.23 ? 79  ALA A HA   1 
ATOM 1133 H HB1  . ALA A 1 79  ? -9.069  1.700   -9.172  1.00 1.06 ? 79  ALA A HB1  1 
ATOM 1134 H HB2  . ALA A 1 79  ? -8.860  3.165   -8.209  1.00 1.09 ? 79  ALA A HB2  1 
ATOM 1135 H HB3  . ALA A 1 79  ? -7.611  2.673   -9.352  1.00 0.98 ? 79  ALA A HB3  1 
ATOM 1136 N N    . PRO A 1 80  ? -9.666  1.631   -6.168  1.00 0.24 ? 80  PRO A N    1 
ATOM 1137 C CA   . PRO A 1 80  ? -10.466 1.829   -4.915  1.00 0.26 ? 80  PRO A CA   1 
ATOM 1138 C C    . PRO A 1 80  ? -10.377 0.650   -3.944  1.00 0.25 ? 80  PRO A C    1 
ATOM 1139 O O    . PRO A 1 80  ? -11.244 -0.204  -3.917  1.00 0.28 ? 80  PRO A O    1 
ATOM 1140 C CB   . PRO A 1 80  ? -11.887 1.978   -5.431  1.00 0.30 ? 80  PRO A CB   1 
ATOM 1141 C CG   . PRO A 1 80  ? -11.897 1.277   -6.753  1.00 0.29 ? 80  PRO A CG   1 
ATOM 1142 C CD   . PRO A 1 80  ? -10.512 1.418   -7.328  1.00 0.25 ? 80  PRO A CD   1 
ATOM 1143 H HA   . PRO A 1 80  ? -10.169 2.738   -4.420  1.00 0.28 ? 80  PRO A HA   1 
ATOM 1144 H HB2  . PRO A 1 80  ? -12.585 1.514   -4.745  1.00 0.32 ? 80  PRO A HB2  1 
ATOM 1145 H HB3  . PRO A 1 80  ? -12.117 3.012   -5.558  1.00 0.33 ? 80  PRO A HB3  1 
ATOM 1146 H HG2  . PRO A 1 80  ? -12.139 0.232   -6.614  1.00 0.29 ? 80  PRO A HG2  1 
ATOM 1147 H HG3  . PRO A 1 80  ? -12.614 1.740   -7.414  1.00 0.32 ? 80  PRO A HG3  1 
ATOM 1148 H HD2  . PRO A 1 80  ? -10.203 0.521   -7.846  1.00 0.25 ? 80  PRO A HD2  1 
ATOM 1149 H HD3  . PRO A 1 80  ? -10.440 2.271   -7.981  1.00 0.28 ? 80  PRO A HD3  1 
ATOM 1150 N N    . GLY A 1 81  ? -9.344  0.607   -3.136  1.00 0.25 ? 81  GLY A N    1 
ATOM 1151 C CA   . GLY A 1 81  ? -9.189  -0.509  -2.143  1.00 0.27 ? 81  GLY A CA   1 
ATOM 1152 C C    . GLY A 1 81  ? -9.476  -1.867  -2.795  1.00 0.29 ? 81  GLY A C    1 
ATOM 1153 O O    . GLY A 1 81  ? -9.835  -2.814  -2.124  1.00 0.34 ? 81  GLY A O    1 
ATOM 1154 H H    . GLY A 1 81  ? -8.671  1.319   -3.177  1.00 0.25 ? 81  GLY A H    1 
ATOM 1155 H HA2  . GLY A 1 81  ? -8.182  -0.507  -1.757  1.00 0.27 ? 81  GLY A HA2  1 
ATOM 1156 H HA3  . GLY A 1 81  ? -9.881  -0.357  -1.331  1.00 0.30 ? 81  GLY A HA3  1 
ATOM 1157 N N    . ALA A 1 82  ? -9.341  -1.953  -4.099  1.00 0.27 ? 82  ALA A N    1 
ATOM 1158 C CA   . ALA A 1 82  ? -9.618  -3.236  -4.834  1.00 0.32 ? 82  ALA A CA   1 
ATOM 1159 C C    . ALA A 1 82  ? -11.124 -3.567  -4.819  1.00 0.38 ? 82  ALA A C    1 
ATOM 1160 O O    . ALA A 1 82  ? -11.522 -4.706  -4.973  1.00 0.59 ? 82  ALA A O    1 
ATOM 1161 C CB   . ALA A 1 82  ? -8.797  -4.323  -4.121  1.00 0.38 ? 82  ALA A CB   1 
ATOM 1162 H H    . ALA A 1 82  ? -9.072  -1.154  -4.608  1.00 0.24 ? 82  ALA A H    1 
ATOM 1163 H HA   . ALA A 1 82  ? -9.287  -3.137  -5.849  1.00 0.31 ? 82  ALA A HA   1 
ATOM 1164 H HB1  . ALA A 1 82  ? -8.287  -3.895  -3.271  1.00 1.04 ? 82  ALA A HB1  1 
ATOM 1165 H HB2  . ALA A 1 82  ? -9.457  -5.109  -3.785  1.00 1.12 ? 82  ALA A HB2  1 
ATOM 1166 H HB3  . ALA A 1 82  ? -8.071  -4.733  -4.807  1.00 1.08 ? 82  ALA A HB3  1 
ATOM 1167 N N    . GLN A 1 83  ? -11.945 -2.561  -4.651  1.00 0.37 ? 83  GLN A N    1 
ATOM 1168 C CA   . GLN A 1 83  ? -13.439 -2.741  -4.628  1.00 0.43 ? 83  GLN A CA   1 
ATOM 1169 C C    . GLN A 1 83  ? -14.079 -1.429  -4.159  1.00 0.37 ? 83  GLN A C    1 
ATOM 1170 O O    . GLN A 1 83  ? -14.747 -0.742  -4.907  1.00 0.40 ? 83  GLN A O    1 
ATOM 1171 C CB   . GLN A 1 83  ? -13.719 -3.870  -3.624  1.00 0.52 ? 83  GLN A CB   1 
ATOM 1172 C CG   . GLN A 1 83  ? -14.435 -5.029  -4.333  1.00 0.95 ? 83  GLN A CG   1 
ATOM 1173 C CD   . GLN A 1 83  ? -15.061 -5.963  -3.293  1.00 1.34 ? 83  GLN A CD   1 
ATOM 1174 O OE1  . GLN A 1 83  ? -16.212 -6.327  -3.399  1.00 2.03 ? 83  GLN A OE1  1 
ATOM 1175 N NE2  . GLN A 1 83  ? -14.349 -6.371  -2.284  1.00 1.82 ? 83  GLN A NE2  1 
ATOM 1176 H H    . GLN A 1 83  ? -11.571 -1.656  -4.543  1.00 0.46 ? 83  GLN A H    1 
ATOM 1177 H HA   . GLN A 1 83  ? -13.804 -3.006  -5.605  1.00 0.50 ? 83  GLN A HA   1 
ATOM 1178 H HB2  . GLN A 1 83  ? -12.786 -4.222  -3.209  1.00 0.71 ? 83  GLN A HB2  1 
ATOM 1179 H HB3  . GLN A 1 83  ? -14.346 -3.497  -2.828  1.00 0.96 ? 83  GLN A HB3  1 
ATOM 1180 H HG2  . GLN A 1 83  ? -15.211 -4.637  -4.972  1.00 1.63 ? 83  GLN A HG2  1 
ATOM 1181 H HG3  . GLN A 1 83  ? -13.724 -5.584  -4.927  1.00 1.39 ? 83  GLN A HG3  1 
ATOM 1182 H HE21 . GLN A 1 83  ? -13.418 -6.083  -2.192  1.00 2.01 ? 83  GLN A HE21 1 
ATOM 1183 H HE22 . GLN A 1 83  ? -14.747 -6.966  -1.619  1.00 2.40 ? 83  GLN A HE22 1 
ATOM 1184 N N    . LEU A 1 84  ? -13.845 -1.074  -2.925  1.00 0.33 ? 84  LEU A N    1 
ATOM 1185 C CA   . LEU A 1 84  ? -14.381 0.192   -2.375  1.00 0.28 ? 84  LEU A CA   1 
ATOM 1186 C C    . LEU A 1 84  ? -13.198 1.064   -1.905  1.00 0.24 ? 84  LEU A C    1 
ATOM 1187 O O    . LEU A 1 84  ? -12.262 0.577   -1.306  1.00 0.24 ? 84  LEU A O    1 
ATOM 1188 C CB   . LEU A 1 84  ? -15.308 -0.257  -1.228  1.00 0.30 ? 84  LEU A CB   1 
ATOM 1189 C CG   . LEU A 1 84  ? -14.548 -0.442  0.093   1.00 0.30 ? 84  LEU A CG   1 
ATOM 1190 C CD1  . LEU A 1 84  ? -15.440 -0.014  1.255   1.00 0.55 ? 84  LEU A CD1  1 
ATOM 1191 C CD2  . LEU A 1 84  ? -14.174 -1.915  0.279   1.00 0.52 ? 84  LEU A CD2  1 
ATOM 1192 H H    . LEU A 1 84  ? -13.290 -1.637  -2.360  1.00 0.37 ? 84  LEU A H    1 
ATOM 1193 H HA   . LEU A 1 84  ? -14.952 0.715   -3.128  1.00 0.30 ? 84  LEU A HA   1 
ATOM 1194 H HB2  . LEU A 1 84  ? -16.070 0.481   -1.093  1.00 0.31 ? 84  LEU A HB2  1 
ATOM 1195 H HB3  . LEU A 1 84  ? -15.773 -1.193  -1.501  1.00 0.33 ? 84  LEU A HB3  1 
ATOM 1196 H HG   . LEU A 1 84  ? -13.657 0.160   0.090   1.00 0.36 ? 84  LEU A HG   1 
ATOM 1197 H HD11 . LEU A 1 84  ? -16.447 -0.362  1.083   1.00 1.04 ? 84  LEU A HD11 1 
ATOM 1198 H HD12 . LEU A 1 84  ? -15.062 -0.441  2.172   1.00 1.13 ? 84  LEU A HD12 1 
ATOM 1199 H HD13 . LEU A 1 84  ? -15.438 1.063   1.333   1.00 1.24 ? 84  LEU A HD13 1 
ATOM 1200 H HD21 . LEU A 1 84  ? -13.582 -2.248  -0.559  1.00 1.29 ? 84  LEU A HD21 1 
ATOM 1201 H HD22 . LEU A 1 84  ? -13.601 -2.026  1.188   1.00 1.00 ? 84  LEU A HD22 1 
ATOM 1202 H HD23 . LEU A 1 84  ? -15.071 -2.509  0.348   1.00 1.23 ? 84  LEU A HD23 1 
ATOM 1203 N N    . ARG A 1 85  ? -13.204 2.336   -2.205  1.00 0.25 ? 85  ARG A N    1 
ATOM 1204 C CA   . ARG A 1 85  ? -12.047 3.208   -1.802  1.00 0.23 ? 85  ARG A CA   1 
ATOM 1205 C C    . ARG A 1 85  ? -12.096 3.590   -0.304  1.00 0.22 ? 85  ARG A C    1 
ATOM 1206 O O    . ARG A 1 85  ? -11.810 4.716   0.068   1.00 0.31 ? 85  ARG A O    1 
ATOM 1207 C CB   . ARG A 1 85  ? -12.168 4.455   -2.695  1.00 0.27 ? 85  ARG A CB   1 
ATOM 1208 C CG   . ARG A 1 85  ? -13.478 5.201   -2.405  1.00 0.38 ? 85  ARG A CG   1 
ATOM 1209 C CD   . ARG A 1 85  ? -13.266 6.703   -2.624  1.00 0.97 ? 85  ARG A CD   1 
ATOM 1210 N NE   . ARG A 1 85  ? -14.627 7.261   -2.898  1.00 1.36 ? 85  ARG A NE   1 
ATOM 1211 C CZ   . ARG A 1 85  ? -14.874 8.521   -2.697  1.00 2.07 ? 85  ARG A CZ   1 
ATOM 1212 N NH1  . ARG A 1 85  ? -14.393 9.412   -3.506  1.00 2.81 ? 85  ARG A NH1  1 
ATOM 1213 N NH2  . ARG A 1 85  ? -15.605 8.885   -1.690  1.00 2.67 ? 85  ARG A NH2  1 
ATOM 1214 H H    . ARG A 1 85  ? -13.947 2.713   -2.717  1.00 0.29 ? 85  ARG A H    1 
ATOM 1215 H HA   . ARG A 1 85  ? -11.117 2.702   -2.021  1.00 0.24 ? 85  ARG A HA   1 
ATOM 1216 H HB2  . ARG A 1 85  ? -11.335 5.110   -2.501  1.00 0.30 ? 85  ARG A HB2  1 
ATOM 1217 H HB3  . ARG A 1 85  ? -12.151 4.153   -3.732  1.00 0.34 ? 85  ARG A HB3  1 
ATOM 1218 H HG2  . ARG A 1 85  ? -14.253 4.845   -3.070  1.00 0.80 ? 85  ARG A HG2  1 
ATOM 1219 H HG3  . ARG A 1 85  ? -13.774 5.029   -1.382  1.00 0.87 ? 85  ARG A HG3  1 
ATOM 1220 H HD2  . ARG A 1 85  ? -12.847 7.152   -1.734  1.00 1.62 ? 85  ARG A HD2  1 
ATOM 1221 H HD3  . ARG A 1 85  ? -12.617 6.869   -3.471  1.00 1.50 ? 85  ARG A HD3  1 
ATOM 1222 H HE   . ARG A 1 85  ? -15.338 6.675   -3.236  1.00 1.74 ? 85  ARG A HE   1 
ATOM 1223 H HH11 . ARG A 1 85  ? -13.833 9.129   -4.283  1.00 3.02 ? 85  ARG A HH11 1 
ATOM 1224 H HH12 . ARG A 1 85  ? -14.582 10.379  -3.356  1.00 3.49 ? 85  ARG A HH12 1 
ATOM 1225 H HH21 . ARG A 1 85  ? -15.973 8.195   -1.070  1.00 2.84 ? 85  ARG A HH21 1 
ATOM 1226 H HH22 . ARG A 1 85  ? -15.806 9.850   -1.539  1.00 3.33 ? 85  ARG A HH22 1 
ATOM 1227 N N    . SER A 1 86  ? -12.436 2.661   0.559   1.00 0.28 ? 86  SER A N    1 
ATOM 1228 C CA   . SER A 1 86  ? -12.490 2.973   2.025   1.00 0.26 ? 86  SER A CA   1 
ATOM 1229 C C    . SER A 1 86  ? -12.530 1.687   2.853   1.00 0.28 ? 86  SER A C    1 
ATOM 1230 O O    . SER A 1 86  ? -13.582 1.246   3.275   1.00 0.34 ? 86  SER A O    1 
ATOM 1231 C CB   . SER A 1 86  ? -13.772 3.787   2.219   1.00 0.30 ? 86  SER A CB   1 
ATOM 1232 O OG   . SER A 1 86  ? -13.481 4.935   3.009   1.00 1.12 ? 86  SER A OG   1 
ATOM 1233 H H    . SER A 1 86  ? -12.648 1.759   0.246   1.00 0.42 ? 86  SER A H    1 
ATOM 1234 H HA   . SER A 1 86  ? -11.644 3.559   2.309   1.00 0.25 ? 86  SER A HA   1 
ATOM 1235 H HB2  . SER A 1 86  ? -14.149 4.102   1.260   1.00 0.88 ? 86  SER A HB2  1 
ATOM 1236 H HB3  . SER A 1 86  ? -14.516 3.173   2.712   1.00 0.99 ? 86  SER A HB3  1 
ATOM 1237 H HG   . SER A 1 86  ? -14.294 5.214   3.441   1.00 1.52 ? 86  SER A HG   1 
ATOM 1238 N N    . LEU A 1 87  ? -11.392 1.072   3.082   1.00 0.25 ? 87  LEU A N    1 
ATOM 1239 C CA   . LEU A 1 87  ? -11.394 -0.207  3.884   1.00 0.28 ? 87  LEU A CA   1 
ATOM 1240 C C    . LEU A 1 87  ? -9.971  -0.692  4.249   1.00 0.28 ? 87  LEU A C    1 
ATOM 1241 O O    . LEU A 1 87  ? -9.000  -0.093  3.858   1.00 0.40 ? 87  LEU A O    1 
ATOM 1242 C CB   . LEU A 1 87  ? -12.060 -1.215  2.943   1.00 0.29 ? 87  LEU A CB   1 
ATOM 1243 C CG   . LEU A 1 87  ? -11.018 -1.718  1.931   1.00 0.34 ? 87  LEU A CG   1 
ATOM 1244 C CD1  . LEU A 1 87  ? -10.994 -3.246  1.917   1.00 0.86 ? 87  LEU A CD1  1 
ATOM 1245 C CD2  . LEU A 1 87  ? -11.356 -1.208  0.538   1.00 0.80 ? 87  LEU A CD2  1 
ATOM 1246 H H    . LEU A 1 87  ? -10.554 1.442   2.718   1.00 0.23 ? 87  LEU A H    1 
ATOM 1247 H HA   . LEU A 1 87  ? -11.988 -0.081  4.775   1.00 0.32 ? 87  LEU A HA   1 
ATOM 1248 H HB2  . LEU A 1 87  ? -12.449 -2.045  3.513   1.00 0.38 ? 87  LEU A HB2  1 
ATOM 1249 H HB3  . LEU A 1 87  ? -12.867 -0.734  2.415   1.00 0.41 ? 87  LEU A HB3  1 
ATOM 1250 H HG   . LEU A 1 87  ? -10.044 -1.345  2.212   1.00 0.57 ? 87  LEU A HG   1 
ATOM 1251 H HD11 . LEU A 1 87  ? -11.660 -3.625  2.677   1.00 1.45 ? 87  LEU A HD11 1 
ATOM 1252 H HD12 . LEU A 1 87  ? -11.314 -3.600  0.949   1.00 1.51 ? 87  LEU A HD12 1 
ATOM 1253 H HD13 . LEU A 1 87  ? -9.991  -3.592  2.112   1.00 1.27 ? 87  LEU A HD13 1 
ATOM 1254 H HD21 . LEU A 1 87  ? -12.280 -0.658  0.573   1.00 1.27 ? 87  LEU A HD21 1 
ATOM 1255 H HD22 . LEU A 1 87  ? -10.568 -0.560  0.195   1.00 1.43 ? 87  LEU A HD22 1 
ATOM 1256 H HD23 . LEU A 1 87  ? -11.457 -2.043  -0.140  1.00 1.43 ? 87  LEU A HD23 1 
ATOM 1257 N N    . PRO A 1 88  ? -9.899  -1.797  4.969   1.00 0.32 ? 88  PRO A N    1 
ATOM 1258 C CA   . PRO A 1 88  ? -8.577  -2.377  5.358   1.00 0.32 ? 88  PRO A CA   1 
ATOM 1259 C C    . PRO A 1 88  ? -7.849  -2.973  4.136   1.00 0.34 ? 88  PRO A C    1 
ATOM 1260 O O    . PRO A 1 88  ? -8.299  -3.934  3.535   1.00 0.69 ? 88  PRO A O    1 
ATOM 1261 C CB   . PRO A 1 88  ? -8.949  -3.475  6.352   1.00 0.41 ? 88  PRO A CB   1 
ATOM 1262 C CG   . PRO A 1 88  ? -10.355 -3.845  6.013   1.00 0.50 ? 88  PRO A CG   1 
ATOM 1263 C CD   . PRO A 1 88  ? -11.018 -2.599  5.490   1.00 0.53 ? 88  PRO A CD   1 
ATOM 1264 H HA   . PRO A 1 88  ? -7.964  -1.634  5.841   1.00 0.31 ? 88  PRO A HA   1 
ATOM 1265 H HB2  . PRO A 1 88  ? -8.295  -4.325  6.230   1.00 0.43 ? 88  PRO A HB2  1 
ATOM 1266 H HB3  . PRO A 1 88  ? -8.898  -3.103  7.360   1.00 0.45 ? 88  PRO A HB3  1 
ATOM 1267 H HG2  . PRO A 1 88  ? -10.361 -4.616  5.254   1.00 0.50 ? 88  PRO A HG2  1 
ATOM 1268 H HG3  . PRO A 1 88  ? -10.871 -4.189  6.896   1.00 0.57 ? 88  PRO A HG3  1 
ATOM 1269 H HD2  . PRO A 1 88  ? -11.714 -2.850  4.704   1.00 0.65 ? 88  PRO A HD2  1 
ATOM 1270 H HD3  . PRO A 1 88  ? -11.516 -2.071  6.289   1.00 0.70 ? 88  PRO A HD3  1 
ATOM 1271 N N    . SER A 1 89  ? -6.733  -2.399  3.762   1.00 0.22 ? 89  SER A N    1 
ATOM 1272 C CA   . SER A 1 89  ? -5.970  -2.901  2.573   1.00 0.21 ? 89  SER A CA   1 
ATOM 1273 C C    . SER A 1 89  ? -4.973  -4.031  2.920   1.00 0.20 ? 89  SER A C    1 
ATOM 1274 O O    . SER A 1 89  ? -4.250  -3.960  3.908   1.00 0.22 ? 89  SER A O    1 
ATOM 1275 C CB   . SER A 1 89  ? -5.228  -1.685  2.043   1.00 0.30 ? 89  SER A CB   1 
ATOM 1276 O OG   . SER A 1 89  ? -5.486  -1.565  0.651   1.00 1.05 ? 89  SER A OG   1 
ATOM 1277 H H    . SER A 1 89  ? -6.404  -1.618  4.252   1.00 0.46 ? 89  SER A H    1 
ATOM 1278 H HA   . SER A 1 89  ? -6.658  -3.241  1.830   1.00 0.26 ? 89  SER A HA   1 
ATOM 1279 H HB2  . SER A 1 89  ? -5.573  -0.796  2.547   1.00 0.85 ? 89  SER A HB2  1 
ATOM 1280 H HB3  . SER A 1 89  ? -4.166  -1.807  2.217   1.00 0.70 ? 89  SER A HB3  1 
ATOM 1281 H HG   . SER A 1 89  ? -4.835  -2.093  0.182   1.00 1.55 ? 89  SER A HG   1 
ATOM 1282 N N    . PRO A 1 90  ? -4.985  -5.047  2.069   1.00 0.21 ? 90  PRO A N    1 
ATOM 1283 C CA   . PRO A 1 90  ? -4.108  -6.247  2.203   1.00 0.22 ? 90  PRO A CA   1 
ATOM 1284 C C    . PRO A 1 90  ? -2.874  -6.187  1.270   1.00 0.26 ? 90  PRO A C    1 
ATOM 1285 O O    . PRO A 1 90  ? -2.457  -5.132  0.830   1.00 0.32 ? 90  PRO A O    1 
ATOM 1286 C CB   . PRO A 1 90  ? -5.054  -7.357  1.732   1.00 0.28 ? 90  PRO A CB   1 
ATOM 1287 C CG   . PRO A 1 90  ? -6.042  -6.685  0.805   1.00 0.31 ? 90  PRO A CG   1 
ATOM 1288 C CD   . PRO A 1 90  ? -5.840  -5.194  0.899   1.00 0.25 ? 90  PRO A CD   1 
ATOM 1289 H HA   . PRO A 1 90  ? -3.809  -6.417  3.223   1.00 0.23 ? 90  PRO A HA   1 
ATOM 1290 H HB2  . PRO A 1 90  ? -4.504  -8.121  1.202   1.00 0.31 ? 90  PRO A HB2  1 
ATOM 1291 H HB3  . PRO A 1 90  ? -5.576  -7.785  2.571   1.00 0.31 ? 90  PRO A HB3  1 
ATOM 1292 H HG2  . PRO A 1 90  ? -5.871  -7.010  -0.213  1.00 0.36 ? 90  PRO A HG2  1 
ATOM 1293 H HG3  . PRO A 1 90  ? -7.049  -6.930  1.101   1.00 0.38 ? 90  PRO A HG3  1 
ATOM 1294 H HD2  . PRO A 1 90  ? -5.347  -4.820  0.011   1.00 0.25 ? 90  PRO A HD2  1 
ATOM 1295 H HD3  . PRO A 1 90  ? -6.782  -4.692  1.055   1.00 0.27 ? 90  PRO A HD3  1 
ATOM 1296 N N    . GLY A 1 91  ? -2.300  -7.339  0.970   1.00 0.29 ? 91  GLY A N    1 
ATOM 1297 C CA   . GLY A 1 91  ? -1.100  -7.409  0.069   1.00 0.38 ? 91  GLY A CA   1 
ATOM 1298 C C    . GLY A 1 91  ? -0.447  -8.798  0.198   1.00 0.65 ? 91  GLY A C    1 
ATOM 1299 O O    . GLY A 1 91  ? -0.853  -9.743  -0.449  1.00 1.49 ? 91  GLY A O    1 
ATOM 1300 H H    . GLY A 1 91  ? -2.665  -8.168  1.339   1.00 0.29 ? 91  GLY A H    1 
ATOM 1301 H HA2  . GLY A 1 91  ? -1.409  -7.248  -0.956  1.00 0.41 ? 91  GLY A HA2  1 
ATOM 1302 H HA3  . GLY A 1 91  ? -0.386  -6.652  0.351   1.00 0.41 ? 91  GLY A HA3  1 
ATOM 1303 N N    . ALA A 1 92  ? 0.552   -8.905  1.050   1.00 0.39 ? 92  ALA A N    1 
ATOM 1304 C CA   . ALA A 1 92  ? 1.276   -10.214 1.302   1.00 0.48 ? 92  ALA A CA   1 
ATOM 1305 C C    . ALA A 1 92  ? 2.285   -10.560 0.183   1.00 0.50 ? 92  ALA A C    1 
ATOM 1306 O O    . ALA A 1 92  ? 1.921   -11.064 -0.862  1.00 1.04 ? 92  ALA A O    1 
ATOM 1307 C CB   . ALA A 1 92  ? 0.186   -11.290 1.404   1.00 0.63 ? 92  ALA A CB   1 
ATOM 1308 H H    . ALA A 1 92  ? 0.822   -8.106  1.548   1.00 0.93 ? 92  ALA A H    1 
ATOM 1309 H HA   . ALA A 1 92  ? 1.800   -10.156 2.244   1.00 0.58 ? 92  ALA A HA   1 
ATOM 1310 H HB1  . ALA A 1 92  ? -0.672  -10.889 1.922   1.00 1.10 ? 92  ALA A HB1  1 
ATOM 1311 H HB2  . ALA A 1 92  ? -0.107  -11.599 0.410   1.00 1.16 ? 92  ALA A HB2  1 
ATOM 1312 H HB3  . ALA A 1 92  ? 0.569   -12.141 1.947   1.00 1.34 ? 92  ALA A HB3  1 
ATOM 1313 N N    . THR A 1 93  ? 3.561   -10.302 0.419   1.00 0.46 ? 93  THR A N    1 
ATOM 1314 C CA   . THR A 1 93  ? 4.643   -10.614 -0.597  1.00 0.42 ? 93  THR A CA   1 
ATOM 1315 C C    . THR A 1 93  ? 4.307   -10.042 -1.982  1.00 0.37 ? 93  THR A C    1 
ATOM 1316 O O    . THR A 1 93  ? 4.855   -10.441 -3.011  1.00 0.37 ? 93  THR A O    1 
ATOM 1317 C CB   . THR A 1 93  ? 4.723   -12.146 -0.641  1.00 0.46 ? 93  THR A CB   1 
ATOM 1318 O OG1  . THR A 1 93  ? 4.809   -12.653 0.684   1.00 1.42 ? 93  THR A OG1  1 
ATOM 1319 C CG2  . THR A 1 93  ? 5.960   -12.585 -1.434  1.00 1.38 ? 93  THR A CG2  1 
ATOM 1320 H H    . THR A 1 93  ? 3.815   -9.910  1.277   1.00 0.87 ? 93  THR A H    1 
ATOM 1321 H HA   . THR A 1 93  ? 5.579   -10.210 -0.263  1.00 0.46 ? 93  THR A HA   1 
ATOM 1322 H HB   . THR A 1 93  ? 3.836   -12.535 -1.117  1.00 0.99 ? 93  THR A HB   1 
ATOM 1323 H HG1  . THR A 1 93  ? 5.736   -12.724 0.920   1.00 1.89 ? 93  THR A HG1  1 
ATOM 1324 H HG21 . THR A 1 93  ? 6.788   -11.933 -1.203  1.00 2.02 ? 93  THR A HG21 1 
ATOM 1325 H HG22 . THR A 1 93  ? 6.217   -13.600 -1.168  1.00 2.00 ? 93  THR A HG22 1 
ATOM 1326 H HG23 . THR A 1 93  ? 5.745   -12.535 -2.491  1.00 1.83 ? 93  THR A HG23 1 
ATOM 1327 N N    . VAL A 1 94  ? 3.437   -9.092  -2.013  1.00 0.43 ? 94  VAL A N    1 
ATOM 1328 C CA   . VAL A 1 94  ? 3.066   -8.479  -3.300  1.00 0.48 ? 94  VAL A CA   1 
ATOM 1329 C C    . VAL A 1 94  ? 3.613   -7.068  -3.369  1.00 0.44 ? 94  VAL A C    1 
ATOM 1330 O O    . VAL A 1 94  ? 3.619   -6.316  -2.407  1.00 0.43 ? 94  VAL A O    1 
ATOM 1331 C CB   . VAL A 1 94  ? 1.534   -8.479  -3.339  1.00 0.55 ? 94  VAL A CB   1 
ATOM 1332 C CG1  . VAL A 1 94  ? 0.979   -7.631  -2.194  1.00 1.58 ? 94  VAL A CG1  1 
ATOM 1333 C CG2  . VAL A 1 94  ? 1.057   -7.895  -4.672  1.00 1.16 ? 94  VAL A CG2  1 
ATOM 1334 H H    . VAL A 1 94  ? 3.039   -8.767  -1.184  1.00 0.49 ? 94  VAL A H    1 
ATOM 1335 H HA   . VAL A 1 94  ? 3.452   -9.067  -4.119  1.00 0.54 ? 94  VAL A HA   1 
ATOM 1336 H HB   . VAL A 1 94  ? 1.175   -9.494  -3.241  1.00 1.29 ? 94  VAL A HB   1 
ATOM 1337 H HG11 . VAL A 1 94  ? 1.433   -6.652  -2.218  1.00 2.08 ? 94  VAL A HG11 1 
ATOM 1338 H HG12 . VAL A 1 94  ? -0.090  -7.534  -2.304  1.00 2.18 ? 94  VAL A HG12 1 
ATOM 1339 H HG13 . VAL A 1 94  ? 1.202   -8.109  -1.253  1.00 2.16 ? 94  VAL A HG13 1 
ATOM 1340 H HG21 . VAL A 1 94  ? 1.622   -8.333  -5.481  1.00 1.84 ? 94  VAL A HG21 1 
ATOM 1341 H HG22 . VAL A 1 94  ? 0.010   -8.116  -4.804  1.00 1.78 ? 94  VAL A HG22 1 
ATOM 1342 H HG23 . VAL A 1 94  ? 1.200   -6.823  -4.669  1.00 1.64 ? 94  VAL A HG23 1 
ATOM 1343 N N    . THR A 1 95  ? 4.051   -6.687  -4.503  1.00 0.49 ? 95  THR A N    1 
ATOM 1344 C CA   . THR A 1 95  ? 4.559   -5.313  -4.642  1.00 0.51 ? 95  THR A CA   1 
ATOM 1345 C C    . THR A 1 95  ? 3.373   -4.422  -4.944  1.00 0.45 ? 95  THR A C    1 
ATOM 1346 O O    . THR A 1 95  ? 2.327   -4.903  -5.352  1.00 0.52 ? 95  THR A O    1 
ATOM 1347 C CB   . THR A 1 95  ? 5.504   -5.387  -5.813  1.00 0.70 ? 95  THR A CB   1 
ATOM 1348 O OG1  . THR A 1 95  ? 6.269   -4.194  -5.900  1.00 1.14 ? 95  THR A OG1  1 
ATOM 1349 C CG2  . THR A 1 95  ? 4.663   -5.578  -7.059  1.00 1.64 ? 95  THR A CG2  1 
ATOM 1350 H H    . THR A 1 95  ? 4.024   -7.291  -5.278  1.00 0.57 ? 95  THR A H    1 
ATOM 1351 H HA   . THR A 1 95  ? 5.057   -4.993  -3.750  1.00 0.49 ? 95  THR A HA   1 
ATOM 1352 H HB   . THR A 1 95  ? 6.166   -6.230  -5.697  1.00 1.03 ? 95  THR A HB   1 
ATOM 1353 H HG1  . THR A 1 95  ? 5.677   -3.453  -6.079  1.00 1.44 ? 95  THR A HG1  1 
ATOM 1354 H HG21 . THR A 1 95  ? 3.654   -5.839  -6.778  1.00 2.03 ? 95  THR A HG21 1 
ATOM 1355 H HG22 . THR A 1 95  ? 4.653   -4.662  -7.617  1.00 2.13 ? 95  THR A HG22 1 
ATOM 1356 H HG23 . THR A 1 95  ? 5.079   -6.371  -7.656  1.00 2.26 ? 95  THR A HG23 1 
ATOM 1357 N N    . VAL A 1 96  ? 3.486   -3.144  -4.748  1.00 0.42 ? 96  VAL A N    1 
ATOM 1358 C CA   . VAL A 1 96  ? 2.306   -2.302  -5.021  1.00 0.46 ? 96  VAL A CA   1 
ATOM 1359 C C    . VAL A 1 96  ? 2.698   -0.851  -5.246  1.00 0.43 ? 96  VAL A C    1 
ATOM 1360 O O    . VAL A 1 96  ? 3.429   -0.253  -4.475  1.00 0.42 ? 96  VAL A O    1 
ATOM 1361 C CB   . VAL A 1 96  ? 1.440   -2.489  -3.757  1.00 0.48 ? 96  VAL A CB   1 
ATOM 1362 C CG1  . VAL A 1 96  ? 1.003   -1.147  -3.156  1.00 0.55 ? 96  VAL A CG1  1 
ATOM 1363 C CG2  . VAL A 1 96  ? 0.186   -3.290  -4.109  1.00 0.72 ? 96  VAL A CG2  1 
ATOM 1364 H H    . VAL A 1 96  ? 4.327   -2.745  -4.414  1.00 0.46 ? 96  VAL A H    1 
ATOM 1365 H HA   . VAL A 1 96  ? 1.772   -2.677  -5.879  1.00 0.60 ? 96  VAL A HA   1 
ATOM 1366 H HB   . VAL A 1 96  ? 2.018   -3.041  -3.026  1.00 0.48 ? 96  VAL A HB   1 
ATOM 1367 H HG11 . VAL A 1 96  ? 1.832   -0.455  -3.160  1.00 1.04 ? 96  VAL A HG11 1 
ATOM 1368 H HG12 . VAL A 1 96  ? 0.190   -0.739  -3.738  1.00 1.31 ? 96  VAL A HG12 1 
ATOM 1369 H HG13 . VAL A 1 96  ? 0.671   -1.301  -2.140  1.00 1.16 ? 96  VAL A HG13 1 
ATOM 1370 H HG21 . VAL A 1 96  ? -0.222  -2.930  -5.041  1.00 1.21 ? 96  VAL A HG21 1 
ATOM 1371 H HG22 . VAL A 1 96  ? 0.439   -4.335  -4.205  1.00 1.35 ? 96  VAL A HG22 1 
ATOM 1372 H HG23 . VAL A 1 96  ? -0.549  -3.170  -3.326  1.00 1.28 ? 96  VAL A HG23 1 
ATOM 1373 N N    . GLY A 1 97  ? 2.174   -0.279  -6.286  1.00 0.46 ? 97  GLY A N    1 
ATOM 1374 C CA   . GLY A 1 97  ? 2.433   1.148   -6.559  1.00 0.48 ? 97  GLY A CA   1 
ATOM 1375 C C    . GLY A 1 97  ? 1.330   1.894   -5.829  1.00 0.37 ? 97  GLY A C    1 
ATOM 1376 O O    . GLY A 1 97  ? 0.367   2.324   -6.425  1.00 0.41 ? 97  GLY A O    1 
ATOM 1377 H H    . GLY A 1 97  ? 1.568   -0.789  -6.872  1.00 0.50 ? 97  GLY A H    1 
ATOM 1378 H HA2  . GLY A 1 97  ? 3.405   1.432   -6.174  1.00 0.49 ? 97  GLY A HA2  1 
ATOM 1379 H HA3  . GLY A 1 97  ? 2.371   1.348   -7.614  1.00 0.60 ? 97  GLY A HA3  1 
ATOM 1380 N N    . GLN A 1 98  ? 1.452   2.007   -4.529  1.00 0.32 ? 98  GLN A N    1 
ATOM 1381 C CA   . GLN A 1 98  ? 0.384   2.687   -3.736  1.00 0.26 ? 98  GLN A CA   1 
ATOM 1382 C C    . GLN A 1 98  ? 0.269   4.148   -4.066  1.00 0.22 ? 98  GLN A C    1 
ATOM 1383 O O    . GLN A 1 98  ? 1.142   4.929   -3.727  1.00 0.24 ? 98  GLN A O    1 
ATOM 1384 C CB   . GLN A 1 98  ? 0.806   2.686   -2.292  1.00 0.24 ? 98  GLN A CB   1 
ATOM 1385 C CG   . GLN A 1 98  ? -0.128  1.855   -1.394  1.00 0.52 ? 98  GLN A CG   1 
ATOM 1386 C CD   . GLN A 1 98  ? -1.387  1.472   -2.155  1.00 1.48 ? 98  GLN A CD   1 
ATOM 1387 O OE1  . GLN A 1 98  ? -1.687  0.309   -2.304  1.00 2.44 ? 98  GLN A OE1  1 
ATOM 1388 N NE2  . GLN A 1 98  ? -2.134  2.412   -2.653  1.00 1.47 ? 98  GLN A NE2  1 
ATOM 1389 H H    . GLN A 1 98  ? 2.242   1.626   -4.078  1.00 0.39 ? 98  GLN A H    1 
ATOM 1390 H HA   . GLN A 1 98  ? -0.552  2.188   -3.862  1.00 0.36 ? 98  GLN A HA   1 
ATOM 1391 H HB2  . GLN A 1 98  ? 1.817   2.322   -2.206  1.00 0.31 ? 98  GLN A HB2  1 
ATOM 1392 H HB3  . GLN A 1 98  ? 0.766   3.736   -1.994  1.00 0.45 ? 98  GLN A HB3  1 
ATOM 1393 H HG2  . GLN A 1 98  ? 0.385   0.957   -1.081  1.00 0.91 ? 98  GLN A HG2  1 
ATOM 1394 H HG3  . GLN A 1 98  ? -0.398  2.433   -0.523  1.00 0.95 ? 98  GLN A HG3  1 
ATOM 1395 H HE21 . GLN A 1 98  ? -1.891  3.350   -2.527  1.00 0.88 ? 98  GLN A HE21 1 
ATOM 1396 H HE22 . GLN A 1 98  ? -2.926  2.177   -3.186  1.00 2.20 ? 98  GLN A HE22 1 
ATOM 1397 N N    . ASP A 1 99  ? -0.792  4.559   -4.644  1.00 0.20 ? 99  ASP A N    1 
ATOM 1398 C CA   . ASP A 1 99  ? -0.884  5.995   -4.909  1.00 0.19 ? 99  ASP A CA   1 
ATOM 1399 C C    . ASP A 1 99  ? -2.086  6.617   -4.204  1.00 0.19 ? 99  ASP A C    1 
ATOM 1400 O O    . ASP A 1 99  ? -3.217  6.177   -4.308  1.00 0.22 ? 99  ASP A O    1 
ATOM 1401 C CB   . ASP A 1 99  ? -0.900  6.046   -6.413  1.00 0.22 ? 99  ASP A CB   1 
ATOM 1402 C CG   . ASP A 1 99  ? -1.714  7.229   -6.962  1.00 0.26 ? 99  ASP A CG   1 
ATOM 1403 O OD1  . ASP A 1 99  ? -2.933  7.194   -6.879  1.00 1.14 ? 99  ASP A OD1  1 
ATOM 1404 O OD2  . ASP A 1 99  ? -1.100  8.139   -7.479  1.00 1.04 ? 99  ASP A OD2  1 
ATOM 1405 H H    . ASP A 1 99  ? -1.522  3.943   -4.876  1.00 0.20 ? 99  ASP A H    1 
ATOM 1406 H HA   . ASP A 1 99  ? 0.018   6.460   -4.543  1.00 0.20 ? 99  ASP A HA   1 
ATOM 1407 H HB2  . ASP A 1 99  ? 0.119   6.132   -6.734  1.00 0.30 ? 99  ASP A HB2  1 
ATOM 1408 H HB3  . ASP A 1 99  ? -1.295  5.118   -6.769  1.00 0.28 ? 99  ASP A HB3  1 
ATOM 1409 N N    . LEU A 1 100 ? -1.790  7.626   -3.449  1.00 0.19 ? 100 LEU A N    1 
ATOM 1410 C CA   . LEU A 1 100 ? -2.832  8.344   -2.635  1.00 0.22 ? 100 LEU A CA   1 
ATOM 1411 C C    . LEU A 1 100 ? -2.909  9.813   -3.049  1.00 0.23 ? 100 LEU A C    1 
ATOM 1412 O O    . LEU A 1 100 ? -2.855  10.712  -2.228  1.00 0.25 ? 100 LEU A O    1 
ATOM 1413 C CB   . LEU A 1 100 ? -2.312  8.190   -1.215  1.00 0.24 ? 100 LEU A CB   1 
ATOM 1414 C CG   . LEU A 1 100 ? -3.401  7.637   -0.303  1.00 0.29 ? 100 LEU A CG   1 
ATOM 1415 C CD1  . LEU A 1 100 ? -3.596  6.163   -0.620  1.00 0.37 ? 100 LEU A CD1  1 
ATOM 1416 C CD2  . LEU A 1 100 ? -2.960  7.765   1.152   1.00 0.27 ? 100 LEU A CD2  1 
ATOM 1417 H H    . LEU A 1 100 ? -0.841  7.905   -3.401  1.00 0.20 ? 100 LEU A H    1 
ATOM 1418 H HA   . LEU A 1 100 ? -3.797  7.882   -2.714  1.00 0.24 ? 100 LEU A HA   1 
ATOM 1419 H HB2  . LEU A 1 100 ? -1.498  7.489   -1.229  1.00 0.24 ? 100 LEU A HB2  1 
ATOM 1420 H HB3  . LEU A 1 100 ? -1.968  9.146   -0.847  1.00 0.25 ? 100 LEU A HB3  1 
ATOM 1421 H HG   . LEU A 1 100 ? -4.327  8.173   -0.461  1.00 0.32 ? 100 LEU A HG   1 
ATOM 1422 H HD11 . LEU A 1 100 ? -2.634  5.710   -0.816  1.00 1.14 ? 100 LEU A HD11 1 
ATOM 1423 H HD12 . LEU A 1 100 ? -4.060  5.674   0.221   1.00 1.02 ? 100 LEU A HD12 1 
ATOM 1424 H HD13 . LEU A 1 100 ? -4.223  6.066   -1.489  1.00 1.07 ? 100 LEU A HD13 1 
ATOM 1425 H HD21 . LEU A 1 100 ? -2.551  8.748   1.323   1.00 1.08 ? 100 LEU A HD21 1 
ATOM 1426 H HD22 . LEU A 1 100 ? -3.810  7.611   1.797   1.00 0.98 ? 100 LEU A HD22 1 
ATOM 1427 H HD23 . LEU A 1 100 ? -2.208  7.021   1.365   1.00 1.03 ? 100 LEU A HD23 1 
ATOM 1428 N N    . GLY A 1 101 ? -3.020  10.059  -4.324  1.00 0.25 ? 101 GLY A N    1 
ATOM 1429 C CA   . GLY A 1 101 ? -3.074  11.464  -4.814  1.00 0.28 ? 101 GLY A CA   1 
ATOM 1430 C C    . GLY A 1 101 ? -1.740  11.800  -5.478  1.00 0.25 ? 101 GLY A C    1 
ATOM 1431 O O    . GLY A 1 101 ? -1.697  12.561  -6.424  1.00 0.29 ? 101 GLY A O    1 
ATOM 1432 H H    . GLY A 1 101 ? -3.048  9.318   -4.967  1.00 0.25 ? 101 GLY A H    1 
ATOM 1433 H HA2  . GLY A 1 101 ? -3.875  11.568  -5.531  1.00 0.32 ? 101 GLY A HA2  1 
ATOM 1434 H HA3  . GLY A 1 101 ? -3.238  12.134  -3.984  1.00 0.31 ? 101 GLY A HA3  1 
ATOM 1435 N N    . ASP A 1 102 ? -0.662  11.215  -4.987  1.00 0.22 ? 102 ASP A N    1 
ATOM 1436 C CA   . ASP A 1 102 ? 0.697   11.467  -5.577  1.00 0.23 ? 102 ASP A CA   1 
ATOM 1437 C C    . ASP A 1 102 ? 0.925   12.980  -5.816  1.00 0.29 ? 102 ASP A C    1 
ATOM 1438 O O    . ASP A 1 102 ? 1.069   13.384  -6.965  1.00 1.15 ? 102 ASP A O    1 
ATOM 1439 C CB   . ASP A 1 102 ? 0.684   10.669  -6.890  1.00 0.26 ? 102 ASP A CB   1 
ATOM 1440 C CG   . ASP A 1 102 ? 2.108   10.290  -7.329  1.00 0.35 ? 102 ASP A CG   1 
ATOM 1441 O OD1  . ASP A 1 102 ? 3.034   11.019  -7.016  1.00 1.09 ? 102 ASP A OD1  1 
ATOM 1442 O OD2  . ASP A 1 102 ? 2.246   9.265   -7.979  1.00 1.19 ? 102 ASP A OD2  1 
ATOM 1443 O OXT  . ASP A 1 102 ? 0.957   13.711  -4.838  1.00 1.03 ? 102 ASP A OXT  1 
ATOM 1444 H H    . ASP A 1 102 ? -0.753  10.588  -4.228  1.00 0.21 ? 102 ASP A H    1 
ATOM 1445 H HA   . ASP A 1 102 ? 1.463   11.081  -4.924  1.00 0.23 ? 102 ASP A HA   1 
ATOM 1446 H HB2  . ASP A 1 102 ? 0.113   9.767   -6.744  1.00 0.30 ? 102 ASP A HB2  1 
ATOM 1447 H HB3  . ASP A 1 102 ? 0.218   11.261  -7.656  1.00 0.33 ? 102 ASP A HB3  1 
# 
